data_6ESU
# 
_entry.id   6ESU 
# 
_audit_conform.dict_name       mmcif_pdbx.dic 
_audit_conform.dict_version    5.383 
_audit_conform.dict_location   http://mmcif.pdb.org/dictionaries/ascii/mmcif_pdbx.dic 
# 
loop_
_database_2.database_id 
_database_2.database_code 
_database_2.pdbx_database_accession 
_database_2.pdbx_DOI 
PDB   6ESU         pdb_00006esu 10.2210/pdb6esu/pdb 
WWPDB D_1200007202 ?            ?                   
# 
loop_
_pdbx_audit_revision_history.ordinal 
_pdbx_audit_revision_history.data_content_type 
_pdbx_audit_revision_history.major_revision 
_pdbx_audit_revision_history.minor_revision 
_pdbx_audit_revision_history.revision_date 
1 'Structure model' 1 0 2018-01-03 
2 'Structure model' 1 1 2018-01-24 
3 'Structure model' 1 2 2018-02-14 
4 'Structure model' 1 3 2024-01-17 
# 
_pdbx_audit_revision_details.ordinal             1 
_pdbx_audit_revision_details.revision_ordinal    1 
_pdbx_audit_revision_details.data_content_type   'Structure model' 
_pdbx_audit_revision_details.provider            repository 
_pdbx_audit_revision_details.type                'Initial release' 
_pdbx_audit_revision_details.description         ? 
_pdbx_audit_revision_details.details             ? 
# 
loop_
_pdbx_audit_revision_group.ordinal 
_pdbx_audit_revision_group.revision_ordinal 
_pdbx_audit_revision_group.data_content_type 
_pdbx_audit_revision_group.group 
1 2 'Structure model' 'Database references'    
2 3 'Structure model' 'Database references'    
3 4 'Structure model' 'Data collection'        
4 4 'Structure model' 'Database references'    
5 4 'Structure model' 'Refinement description' 
# 
loop_
_pdbx_audit_revision_category.ordinal 
_pdbx_audit_revision_category.revision_ordinal 
_pdbx_audit_revision_category.data_content_type 
_pdbx_audit_revision_category.category 
1 2 'Structure model' citation                      
2 3 'Structure model' citation                      
3 4 'Structure model' chem_comp_atom                
4 4 'Structure model' chem_comp_bond                
5 4 'Structure model' database_2                    
6 4 'Structure model' pdbx_initial_refinement_model 
# 
loop_
_pdbx_audit_revision_item.ordinal 
_pdbx_audit_revision_item.revision_ordinal 
_pdbx_audit_revision_item.data_content_type 
_pdbx_audit_revision_item.item 
1 2 'Structure model' '_citation.title'                     
2 3 'Structure model' '_citation.journal_volume'            
3 3 'Structure model' '_citation.page_first'                
4 3 'Structure model' '_citation.page_last'                 
5 3 'Structure model' '_citation.year'                      
6 4 'Structure model' '_database_2.pdbx_DOI'                
7 4 'Structure model' '_database_2.pdbx_database_accession' 
# 
_pdbx_database_status.status_code                     REL 
_pdbx_database_status.status_code_sf                  REL 
_pdbx_database_status.status_code_mr                  ? 
_pdbx_database_status.entry_id                        6ESU 
_pdbx_database_status.recvd_initial_deposition_date   2017-10-24 
_pdbx_database_status.SG_entry                        N 
_pdbx_database_status.deposit_site                    PDBE 
_pdbx_database_status.process_site                    PDBE 
_pdbx_database_status.status_code_cs                  ? 
_pdbx_database_status.methods_development_category    ? 
_pdbx_database_status.pdb_format_compatible           Y 
_pdbx_database_status.status_code_nmr_data            ? 
# 
_pdbx_database_related.db_name        PDB 
_pdbx_database_related.details        . 
_pdbx_database_related.db_id          6ESS 
_pdbx_database_related.content_type   unspecified 
# 
loop_
_audit_author.name 
_audit_author.pdbx_ordinal 
_audit_author.identifier_ORCID 
'Hestericova, M.'     1 ? 
'Heinisch, T.'        2 ? 
'Alonso-Cotchico, L.' 3 ? 
'Marechal, J.-D.'     4 ? 
'Vidossich, P.'       5 ? 
'Ward, T.R.'          6 ? 
# 
_citation.abstract                  ? 
_citation.abstract_id_CAS           ? 
_citation.book_id_ISBN              ? 
_citation.book_publisher            ? 
_citation.book_publisher_city       ? 
_citation.book_title                ? 
_citation.coordinate_linkage        ? 
_citation.country                   GE 
_citation.database_id_Medline       ? 
_citation.details                   ? 
_citation.id                        primary 
_citation.journal_abbrev            'Angew. Chem. Int. Ed. Engl.' 
_citation.journal_id_ASTM           ACIEAY 
_citation.journal_id_CSD            0179 
_citation.journal_id_ISSN           1521-3773 
_citation.journal_full              ? 
_citation.journal_issue             ? 
_citation.journal_volume            57 
_citation.language                  ? 
_citation.page_first                1863 
_citation.page_last                 1868 
_citation.title                     'Directed Evolution of an Artificial Imine Reductase.' 
_citation.year                      2018 
_citation.database_id_CSD           ? 
_citation.pdbx_database_id_DOI      10.1002/anie.201711016 
_citation.pdbx_database_id_PubMed   29265726 
_citation.unpublished_flag          ? 
# 
loop_
_citation_author.citation_id 
_citation_author.name 
_citation_author.ordinal 
_citation_author.identifier_ORCID 
primary 'Hestericova, M.'     1 ? 
primary 'Heinisch, T.'        2 ? 
primary 'Alonso-Cotchico, L.' 3 ? 
primary 'Marechal, J.D.'      4 ? 
primary 'Vidossich, P.'       5 ? 
primary 'Ward, T.R.'          6 ? 
# 
loop_
_entity.id 
_entity.type 
_entity.src_method 
_entity.pdbx_description 
_entity.formula_weight 
_entity.pdbx_number_of_molecules 
_entity.pdbx_ec 
_entity.pdbx_mutation 
_entity.pdbx_fragment 
_entity.details 
1 polymer     man Streptavidin 16659.178 1  ? ? ? ? 
2 non-polymer syn 
;5-[(3~{a}~{S},4~{S},6~{a}~{R})-2-oxidanylidene-1,3,3~{a},4,6,6~{a}-hexahydrothieno[3,4-d]imidazol-4-yl]-~{N}-[4-(2-azanylethylsulfamoyl)phenyl]pentanamide
;
441.568   1  ? ? ? ? 
3 non-polymer syn 'IRIDIUM ION' 192.217   4  ? ? ? ? 
4 non-polymer syn 'ACETATE ION' 59.044    1  ? ? ? ? 
5 non-polymer syn 'SULFATE ION' 96.063    1  ? ? ? ? 
6 water       nat water 18.015    29 ? ? ? ? 
# 
_entity_poly.entity_id                      1 
_entity_poly.type                           'polypeptide(L)' 
_entity_poly.nstd_linkage                   no 
_entity_poly.nstd_monomer                   no 
_entity_poly.pdbx_seq_one_letter_code       
;MASMTGGQQMGRDEAGITGTWYNQLGSTFIVTAGADGALTGTYESAVGNAESRYVLTGRYDSAPATDGSGTALGWTVAWK
NNYRNAHSATTWSGQYVGGAEARINTQWLLTRGTTEAPAWAMTYVGHDTFTKVKPSAASIDAAKKAGVNNGNPLDAVQQ
;
_entity_poly.pdbx_seq_one_letter_code_can   
;MASMTGGQQMGRDEAGITGTWYNQLGSTFIVTAGADGALTGTYESAVGNAESRYVLTGRYDSAPATDGSGTALGWTVAWK
NNYRNAHSATTWSGQYVGGAEARINTQWLLTRGTTEAPAWAMTYVGHDTFTKVKPSAASIDAAKKAGVNNGNPLDAVQQ
;
_entity_poly.pdbx_strand_id                 A 
_entity_poly.pdbx_target_identifier         ? 
# 
loop_
_pdbx_entity_nonpoly.entity_id 
_pdbx_entity_nonpoly.name 
_pdbx_entity_nonpoly.comp_id 
2 
;5-[(3~{a}~{S},4~{S},6~{a}~{R})-2-oxidanylidene-1,3,3~{a},4,6,6~{a}-hexahydrothieno[3,4-d]imidazol-4-yl]-~{N}-[4-(2-azanylethylsulfamoyl)phenyl]pentanamide
;
6IR 
3 'IRIDIUM ION' IR  
4 'ACETATE ION' ACT 
5 'SULFATE ION' SO4 
6 water HOH 
# 
loop_
_entity_poly_seq.entity_id 
_entity_poly_seq.num 
_entity_poly_seq.mon_id 
_entity_poly_seq.hetero 
1 1   MET n 
1 2   ALA n 
1 3   SER n 
1 4   MET n 
1 5   THR n 
1 6   GLY n 
1 7   GLY n 
1 8   GLN n 
1 9   GLN n 
1 10  MET n 
1 11  GLY n 
1 12  ARG n 
1 13  ASP n 
1 14  GLU n 
1 15  ALA n 
1 16  GLY n 
1 17  ILE n 
1 18  THR n 
1 19  GLY n 
1 20  THR n 
1 21  TRP n 
1 22  TYR n 
1 23  ASN n 
1 24  GLN n 
1 25  LEU n 
1 26  GLY n 
1 27  SER n 
1 28  THR n 
1 29  PHE n 
1 30  ILE n 
1 31  VAL n 
1 32  THR n 
1 33  ALA n 
1 34  GLY n 
1 35  ALA n 
1 36  ASP n 
1 37  GLY n 
1 38  ALA n 
1 39  LEU n 
1 40  THR n 
1 41  GLY n 
1 42  THR n 
1 43  TYR n 
1 44  GLU n 
1 45  SER n 
1 46  ALA n 
1 47  VAL n 
1 48  GLY n 
1 49  ASN n 
1 50  ALA n 
1 51  GLU n 
1 52  SER n 
1 53  ARG n 
1 54  TYR n 
1 55  VAL n 
1 56  LEU n 
1 57  THR n 
1 58  GLY n 
1 59  ARG n 
1 60  TYR n 
1 61  ASP n 
1 62  SER n 
1 63  ALA n 
1 64  PRO n 
1 65  ALA n 
1 66  THR n 
1 67  ASP n 
1 68  GLY n 
1 69  SER n 
1 70  GLY n 
1 71  THR n 
1 72  ALA n 
1 73  LEU n 
1 74  GLY n 
1 75  TRP n 
1 76  THR n 
1 77  VAL n 
1 78  ALA n 
1 79  TRP n 
1 80  LYS n 
1 81  ASN n 
1 82  ASN n 
1 83  TYR n 
1 84  ARG n 
1 85  ASN n 
1 86  ALA n 
1 87  HIS n 
1 88  SER n 
1 89  ALA n 
1 90  THR n 
1 91  THR n 
1 92  TRP n 
1 93  SER n 
1 94  GLY n 
1 95  GLN n 
1 96  TYR n 
1 97  VAL n 
1 98  GLY n 
1 99  GLY n 
1 100 ALA n 
1 101 GLU n 
1 102 ALA n 
1 103 ARG n 
1 104 ILE n 
1 105 ASN n 
1 106 THR n 
1 107 GLN n 
1 108 TRP n 
1 109 LEU n 
1 110 LEU n 
1 111 THR n 
1 112 ARG n 
1 113 GLY n 
1 114 THR n 
1 115 THR n 
1 116 GLU n 
1 117 ALA n 
1 118 PRO n 
1 119 ALA n 
1 120 TRP n 
1 121 ALA n 
1 122 MET n 
1 123 THR n 
1 124 TYR n 
1 125 VAL n 
1 126 GLY n 
1 127 HIS n 
1 128 ASP n 
1 129 THR n 
1 130 PHE n 
1 131 THR n 
1 132 LYS n 
1 133 VAL n 
1 134 LYS n 
1 135 PRO n 
1 136 SER n 
1 137 ALA n 
1 138 ALA n 
1 139 SER n 
1 140 ILE n 
1 141 ASP n 
1 142 ALA n 
1 143 ALA n 
1 144 LYS n 
1 145 LYS n 
1 146 ALA n 
1 147 GLY n 
1 148 VAL n 
1 149 ASN n 
1 150 ASN n 
1 151 GLY n 
1 152 ASN n 
1 153 PRO n 
1 154 LEU n 
1 155 ASP n 
1 156 ALA n 
1 157 VAL n 
1 158 GLN n 
1 159 GLN n 
# 
_entity_src_gen.entity_id                          1 
_entity_src_gen.pdbx_src_id                        1 
_entity_src_gen.pdbx_alt_source_flag               sample 
_entity_src_gen.pdbx_seq_type                      'Biological sequence' 
_entity_src_gen.pdbx_beg_seq_num                   1 
_entity_src_gen.pdbx_end_seq_num                   159 
_entity_src_gen.gene_src_common_name               ? 
_entity_src_gen.gene_src_genus                     ? 
_entity_src_gen.pdbx_gene_src_gene                 ? 
_entity_src_gen.gene_src_species                   ? 
_entity_src_gen.gene_src_strain                    ? 
_entity_src_gen.gene_src_tissue                    ? 
_entity_src_gen.gene_src_tissue_fraction           ? 
_entity_src_gen.gene_src_details                   ? 
_entity_src_gen.pdbx_gene_src_fragment             ? 
_entity_src_gen.pdbx_gene_src_scientific_name      'Streptomyces avidinii' 
_entity_src_gen.pdbx_gene_src_ncbi_taxonomy_id     1895 
_entity_src_gen.pdbx_gene_src_variant              ? 
_entity_src_gen.pdbx_gene_src_cell_line            ? 
_entity_src_gen.pdbx_gene_src_atcc                 ? 
_entity_src_gen.pdbx_gene_src_organ                ? 
_entity_src_gen.pdbx_gene_src_organelle            ? 
_entity_src_gen.pdbx_gene_src_cell                 ? 
_entity_src_gen.pdbx_gene_src_cellular_location    ? 
_entity_src_gen.host_org_common_name               ? 
_entity_src_gen.pdbx_host_org_scientific_name      'Escherichia coli' 
_entity_src_gen.pdbx_host_org_ncbi_taxonomy_id     562 
_entity_src_gen.host_org_genus                     ? 
_entity_src_gen.pdbx_host_org_gene                 ? 
_entity_src_gen.pdbx_host_org_organ                ? 
_entity_src_gen.host_org_species                   ? 
_entity_src_gen.pdbx_host_org_tissue               ? 
_entity_src_gen.pdbx_host_org_tissue_fraction      ? 
_entity_src_gen.pdbx_host_org_strain               ? 
_entity_src_gen.pdbx_host_org_variant              ? 
_entity_src_gen.pdbx_host_org_cell_line            ? 
_entity_src_gen.pdbx_host_org_atcc                 ? 
_entity_src_gen.pdbx_host_org_culture_collection   ? 
_entity_src_gen.pdbx_host_org_cell                 ? 
_entity_src_gen.pdbx_host_org_organelle            ? 
_entity_src_gen.pdbx_host_org_cellular_location    ? 
_entity_src_gen.pdbx_host_org_vector_type          ? 
_entity_src_gen.pdbx_host_org_vector               ? 
_entity_src_gen.host_org_details                   ? 
_entity_src_gen.expression_system_id               ? 
_entity_src_gen.plasmid_name                       ? 
_entity_src_gen.plasmid_details                    ? 
_entity_src_gen.pdbx_description                   ? 
# 
loop_
_chem_comp.id 
_chem_comp.type 
_chem_comp.mon_nstd_flag 
_chem_comp.name 
_chem_comp.pdbx_synonyms 
_chem_comp.formula 
_chem_comp.formula_weight 
6IR non-polymer         . 
;5-[(3~{a}~{S},4~{S},6~{a}~{R})-2-oxidanylidene-1,3,3~{a},4,6,6~{a}-hexahydrothieno[3,4-d]imidazol-4-yl]-~{N}-[4-(2-azanylethylsulfamoyl)phenyl]pentanamide
;
? 'C18 H27 N5 O4 S2' 441.568 
ACT non-polymer         . 'ACETATE ION' ? 'C2 H3 O2 -1'      59.044  
ALA 'L-peptide linking' y ALANINE ? 'C3 H7 N O2'       89.093  
ARG 'L-peptide linking' y ARGININE ? 'C6 H15 N4 O2 1'   175.209 
ASN 'L-peptide linking' y ASPARAGINE ? 'C4 H8 N2 O3'      132.118 
ASP 'L-peptide linking' y 'ASPARTIC ACID' ? 'C4 H7 N O4'       133.103 
GLN 'L-peptide linking' y GLUTAMINE ? 'C5 H10 N2 O3'     146.144 
GLU 'L-peptide linking' y 'GLUTAMIC ACID' ? 'C5 H9 N O4'       147.129 
GLY 'peptide linking'   y GLYCINE ? 'C2 H5 N O2'       75.067  
HIS 'L-peptide linking' y HISTIDINE ? 'C6 H10 N3 O2 1'   156.162 
HOH non-polymer         . WATER ? 'H2 O'             18.015  
ILE 'L-peptide linking' y ISOLEUCINE ? 'C6 H13 N O2'      131.173 
IR  non-polymer         . 'IRIDIUM ION' ? 'Ir 4'             192.217 
LEU 'L-peptide linking' y LEUCINE ? 'C6 H13 N O2'      131.173 
LYS 'L-peptide linking' y LYSINE ? 'C6 H15 N2 O2 1'   147.195 
MET 'L-peptide linking' y METHIONINE ? 'C5 H11 N O2 S'    149.211 
PHE 'L-peptide linking' y PHENYLALANINE ? 'C9 H11 N O2'      165.189 
PRO 'L-peptide linking' y PROLINE ? 'C5 H9 N O2'       115.130 
SER 'L-peptide linking' y SERINE ? 'C3 H7 N O3'       105.093 
SO4 non-polymer         . 'SULFATE ION' ? 'O4 S -2'          96.063  
THR 'L-peptide linking' y THREONINE ? 'C4 H9 N O3'       119.119 
TRP 'L-peptide linking' y TRYPTOPHAN ? 'C11 H12 N2 O2'    204.225 
TYR 'L-peptide linking' y TYROSINE ? 'C9 H11 N O3'      181.189 
VAL 'L-peptide linking' y VALINE ? 'C5 H11 N O2'      117.146 
# 
loop_
_pdbx_poly_seq_scheme.asym_id 
_pdbx_poly_seq_scheme.entity_id 
_pdbx_poly_seq_scheme.seq_id 
_pdbx_poly_seq_scheme.mon_id 
_pdbx_poly_seq_scheme.ndb_seq_num 
_pdbx_poly_seq_scheme.pdb_seq_num 
_pdbx_poly_seq_scheme.auth_seq_num 
_pdbx_poly_seq_scheme.pdb_mon_id 
_pdbx_poly_seq_scheme.auth_mon_id 
_pdbx_poly_seq_scheme.pdb_strand_id 
_pdbx_poly_seq_scheme.pdb_ins_code 
_pdbx_poly_seq_scheme.hetero 
A 1 1   MET 1   1   ?   ?   ?   A . n 
A 1 2   ALA 2   2   ?   ?   ?   A . n 
A 1 3   SER 3   3   ?   ?   ?   A . n 
A 1 4   MET 4   4   ?   ?   ?   A . n 
A 1 5   THR 5   5   ?   ?   ?   A . n 
A 1 6   GLY 6   6   ?   ?   ?   A . n 
A 1 7   GLY 7   7   ?   ?   ?   A . n 
A 1 8   GLN 8   8   ?   ?   ?   A . n 
A 1 9   GLN 9   9   ?   ?   ?   A . n 
A 1 10  MET 10  10  ?   ?   ?   A . n 
A 1 11  GLY 11  11  ?   ?   ?   A . n 
A 1 12  ARG 12  12  ?   ?   ?   A . n 
A 1 13  ASP 13  13  13  ASP ASP A . n 
A 1 14  GLU 14  14  14  GLU GLU A . n 
A 1 15  ALA 15  15  15  ALA ALA A . n 
A 1 16  GLY 16  16  16  GLY GLY A . n 
A 1 17  ILE 17  17  17  ILE ILE A . n 
A 1 18  THR 18  18  18  THR THR A . n 
A 1 19  GLY 19  19  19  GLY GLY A . n 
A 1 20  THR 20  20  20  THR THR A . n 
A 1 21  TRP 21  21  21  TRP TRP A . n 
A 1 22  TYR 22  22  22  TYR TYR A . n 
A 1 23  ASN 23  23  23  ASN ASN A . n 
A 1 24  GLN 24  24  24  GLN GLN A . n 
A 1 25  LEU 25  25  25  LEU LEU A . n 
A 1 26  GLY 26  26  26  GLY GLY A . n 
A 1 27  SER 27  27  27  SER SER A . n 
A 1 28  THR 28  28  28  THR THR A . n 
A 1 29  PHE 29  29  29  PHE PHE A . n 
A 1 30  ILE 30  30  30  ILE ILE A . n 
A 1 31  VAL 31  31  31  VAL VAL A . n 
A 1 32  THR 32  32  32  THR THR A . n 
A 1 33  ALA 33  33  33  ALA ALA A . n 
A 1 34  GLY 34  34  34  GLY GLY A . n 
A 1 35  ALA 35  35  35  ALA ALA A . n 
A 1 36  ASP 36  36  36  ASP ASP A . n 
A 1 37  GLY 37  37  37  GLY GLY A . n 
A 1 38  ALA 38  38  38  ALA ALA A . n 
A 1 39  LEU 39  39  39  LEU LEU A . n 
A 1 40  THR 40  40  40  THR THR A . n 
A 1 41  GLY 41  41  41  GLY GLY A . n 
A 1 42  THR 42  42  42  THR THR A . n 
A 1 43  TYR 43  43  43  TYR TYR A . n 
A 1 44  GLU 44  44  44  GLU GLU A . n 
A 1 45  SER 45  45  45  SER SER A . n 
A 1 46  ALA 46  46  46  ALA ALA A . n 
A 1 47  VAL 47  47  47  VAL VAL A . n 
A 1 48  GLY 48  48  48  GLY GLY A . n 
A 1 49  ASN 49  49  49  ASN ASN A . n 
A 1 50  ALA 50  50  50  ALA ALA A . n 
A 1 51  GLU 51  51  51  GLU GLU A . n 
A 1 52  SER 52  52  52  SER SER A . n 
A 1 53  ARG 53  53  53  ARG ARG A . n 
A 1 54  TYR 54  54  54  TYR TYR A . n 
A 1 55  VAL 55  55  55  VAL VAL A . n 
A 1 56  LEU 56  56  56  LEU LEU A . n 
A 1 57  THR 57  57  57  THR THR A . n 
A 1 58  GLY 58  58  58  GLY GLY A . n 
A 1 59  ARG 59  59  59  ARG ARG A . n 
A 1 60  TYR 60  60  60  TYR TYR A . n 
A 1 61  ASP 61  61  61  ASP ASP A . n 
A 1 62  SER 62  62  62  SER SER A . n 
A 1 63  ALA 63  63  63  ALA ALA A . n 
A 1 64  PRO 64  64  64  PRO PRO A . n 
A 1 65  ALA 65  65  65  ALA ALA A . n 
A 1 66  THR 66  66  66  THR THR A . n 
A 1 67  ASP 67  67  67  ASP ASP A . n 
A 1 68  GLY 68  68  68  GLY GLY A . n 
A 1 69  SER 69  69  69  SER SER A . n 
A 1 70  GLY 70  70  70  GLY GLY A . n 
A 1 71  THR 71  71  71  THR THR A . n 
A 1 72  ALA 72  72  72  ALA ALA A . n 
A 1 73  LEU 73  73  73  LEU LEU A . n 
A 1 74  GLY 74  74  74  GLY GLY A . n 
A 1 75  TRP 75  75  75  TRP TRP A . n 
A 1 76  THR 76  76  76  THR THR A . n 
A 1 77  VAL 77  77  77  VAL VAL A . n 
A 1 78  ALA 78  78  78  ALA ALA A . n 
A 1 79  TRP 79  79  79  TRP TRP A . n 
A 1 80  LYS 80  80  80  LYS LYS A . n 
A 1 81  ASN 81  81  81  ASN ASN A . n 
A 1 82  ASN 82  82  82  ASN ASN A . n 
A 1 83  TYR 83  83  83  TYR TYR A . n 
A 1 84  ARG 84  84  84  ARG ARG A . n 
A 1 85  ASN 85  85  85  ASN ASN A . n 
A 1 86  ALA 86  86  86  ALA ALA A . n 
A 1 87  HIS 87  87  87  HIS HIS A . n 
A 1 88  SER 88  88  88  SER SER A . n 
A 1 89  ALA 89  89  89  ALA ALA A . n 
A 1 90  THR 90  90  90  THR THR A . n 
A 1 91  THR 91  91  91  THR THR A . n 
A 1 92  TRP 92  92  92  TRP TRP A . n 
A 1 93  SER 93  93  93  SER SER A . n 
A 1 94  GLY 94  94  94  GLY GLY A . n 
A 1 95  GLN 95  95  95  GLN GLN A . n 
A 1 96  TYR 96  96  96  TYR TYR A . n 
A 1 97  VAL 97  97  97  VAL VAL A . n 
A 1 98  GLY 98  98  98  GLY GLY A . n 
A 1 99  GLY 99  99  99  GLY GLY A . n 
A 1 100 ALA 100 100 100 ALA ALA A . n 
A 1 101 GLU 101 101 101 GLU GLU A . n 
A 1 102 ALA 102 102 102 ALA ALA A . n 
A 1 103 ARG 103 103 103 ARG ARG A . n 
A 1 104 ILE 104 104 104 ILE ILE A . n 
A 1 105 ASN 105 105 105 ASN ASN A . n 
A 1 106 THR 106 106 106 THR THR A . n 
A 1 107 GLN 107 107 107 GLN GLN A . n 
A 1 108 TRP 108 108 108 TRP TRP A . n 
A 1 109 LEU 109 109 109 LEU LEU A . n 
A 1 110 LEU 110 110 110 LEU LEU A . n 
A 1 111 THR 111 111 111 THR THR A . n 
A 1 112 ARG 112 112 112 ARG ARG A . n 
A 1 113 GLY 113 113 113 GLY GLY A . n 
A 1 114 THR 114 114 114 THR THR A . n 
A 1 115 THR 115 115 115 THR THR A . n 
A 1 116 GLU 116 116 116 GLU GLU A . n 
A 1 117 ALA 117 117 117 ALA ALA A . n 
A 1 118 PRO 118 118 118 PRO PRO A . n 
A 1 119 ALA 119 119 119 ALA ALA A . n 
A 1 120 TRP 120 120 120 TRP TRP A . n 
A 1 121 ALA 121 121 121 ALA ALA A . n 
A 1 122 MET 122 122 122 MET MET A . n 
A 1 123 THR 123 123 123 THR THR A . n 
A 1 124 TYR 124 124 124 TYR TYR A . n 
A 1 125 VAL 125 125 125 VAL VAL A . n 
A 1 126 GLY 126 126 126 GLY GLY A . n 
A 1 127 HIS 127 127 127 HIS HIS A . n 
A 1 128 ASP 128 128 128 ASP ASP A . n 
A 1 129 THR 129 129 129 THR THR A . n 
A 1 130 PHE 130 130 130 PHE PHE A . n 
A 1 131 THR 131 131 131 THR THR A . n 
A 1 132 LYS 132 132 132 LYS LYS A . n 
A 1 133 VAL 133 133 133 VAL VAL A . n 
A 1 134 LYS 134 134 134 LYS LYS A . n 
A 1 135 PRO 135 135 135 PRO PRO A . n 
A 1 136 SER 136 136 ?   ?   ?   A . n 
A 1 137 ALA 137 137 ?   ?   ?   A . n 
A 1 138 ALA 138 138 ?   ?   ?   A . n 
A 1 139 SER 139 139 ?   ?   ?   A . n 
A 1 140 ILE 140 140 ?   ?   ?   A . n 
A 1 141 ASP 141 141 ?   ?   ?   A . n 
A 1 142 ALA 142 142 ?   ?   ?   A . n 
A 1 143 ALA 143 143 ?   ?   ?   A . n 
A 1 144 LYS 144 144 ?   ?   ?   A . n 
A 1 145 LYS 145 145 ?   ?   ?   A . n 
A 1 146 ALA 146 146 ?   ?   ?   A . n 
A 1 147 GLY 147 147 ?   ?   ?   A . n 
A 1 148 VAL 148 148 ?   ?   ?   A . n 
A 1 149 ASN 149 149 ?   ?   ?   A . n 
A 1 150 ASN 150 150 ?   ?   ?   A . n 
A 1 151 GLY 151 151 ?   ?   ?   A . n 
A 1 152 ASN 152 152 ?   ?   ?   A . n 
A 1 153 PRO 153 153 ?   ?   ?   A . n 
A 1 154 LEU 154 154 ?   ?   ?   A . n 
A 1 155 ASP 155 155 ?   ?   ?   A . n 
A 1 156 ALA 156 156 ?   ?   ?   A . n 
A 1 157 VAL 157 157 ?   ?   ?   A . n 
A 1 158 GLN 158 158 ?   ?   ?   A . n 
A 1 159 GLN 159 159 ?   ?   ?   A . n 
# 
loop_
_pdbx_nonpoly_scheme.asym_id 
_pdbx_nonpoly_scheme.entity_id 
_pdbx_nonpoly_scheme.mon_id 
_pdbx_nonpoly_scheme.ndb_seq_num 
_pdbx_nonpoly_scheme.pdb_seq_num 
_pdbx_nonpoly_scheme.auth_seq_num 
_pdbx_nonpoly_scheme.pdb_mon_id 
_pdbx_nonpoly_scheme.auth_mon_id 
_pdbx_nonpoly_scheme.pdb_strand_id 
_pdbx_nonpoly_scheme.pdb_ins_code 
B 2 6IR 1  400 400 6IR 4IR A . 
C 3 IR  1  401 401 IR  IR  A . 
D 3 IR  1  402 402 IR  IR  A . 
E 3 IR  1  403 403 IR  IR  A . 
F 3 IR  1  404 404 IR  IR  A . 
G 4 ACT 1  405 405 ACT ACT A . 
H 5 SO4 1  406 406 SO4 SO4 A . 
I 6 HOH 1  501 13  HOH HOH A . 
I 6 HOH 2  502 5   HOH HOH A . 
I 6 HOH 3  503 15  HOH HOH A . 
I 6 HOH 4  504 24  HOH HOH A . 
I 6 HOH 5  505 17  HOH HOH A . 
I 6 HOH 6  506 21  HOH HOH A . 
I 6 HOH 7  507 4   HOH HOH A . 
I 6 HOH 8  508 12  HOH HOH A . 
I 6 HOH 9  509 14  HOH HOH A . 
I 6 HOH 10 510 7   HOH HOH A . 
I 6 HOH 11 511 16  HOH HOH A . 
I 6 HOH 12 512 8   HOH HOH A . 
I 6 HOH 13 513 10  HOH HOH A . 
I 6 HOH 14 514 3   HOH HOH A . 
I 6 HOH 15 515 30  HOH HOH A . 
I 6 HOH 16 516 11  HOH HOH A . 
I 6 HOH 17 517 23  HOH HOH A . 
I 6 HOH 18 518 18  HOH HOH A . 
I 6 HOH 19 519 26  HOH HOH A . 
I 6 HOH 20 520 1   HOH HOH A . 
I 6 HOH 21 521 19  HOH HOH A . 
I 6 HOH 22 522 25  HOH HOH A . 
I 6 HOH 23 523 9   HOH HOH A . 
I 6 HOH 24 524 20  HOH HOH A . 
I 6 HOH 25 525 2   HOH HOH A . 
I 6 HOH 26 526 29  HOH HOH A . 
I 6 HOH 27 527 6   HOH HOH A . 
I 6 HOH 28 528 22  HOH HOH A . 
I 6 HOH 29 529 27  HOH HOH A . 
# 
loop_
_software.citation_id 
_software.classification 
_software.compiler_name 
_software.compiler_version 
_software.contact_author 
_software.contact_author_email 
_software.date 
_software.description 
_software.dependencies 
_software.hardware 
_software.language 
_software.location 
_software.mods 
_software.name 
_software.os 
_software.os_version 
_software.type 
_software.version 
_software.pdbx_ordinal 
? refinement       ? ? ? ? ? ? ? ? ? ? ? REFMAC  ? ? ? 5.8.0158 1 
? 'data reduction' ? ? ? ? ? ? ? ? ? ? ? XDS     ? ? ? .        2 
? 'data scaling'   ? ? ? ? ? ? ? ? ? ? ? Aimless ? ? ? .        3 
? phasing          ? ? ? ? ? ? ? ? ? ? ? PHASER  ? ? ? .        4 
# 
_cell.angle_alpha                  90.00 
_cell.angle_alpha_esd              ? 
_cell.angle_beta                   90.00 
_cell.angle_beta_esd               ? 
_cell.angle_gamma                  90.00 
_cell.angle_gamma_esd              ? 
_cell.entry_id                     6ESU 
_cell.details                      ? 
_cell.formula_units_Z              ? 
_cell.length_a                     57.801 
_cell.length_a_esd                 ? 
_cell.length_b                     57.801 
_cell.length_b_esd                 ? 
_cell.length_c                     178.273 
_cell.length_c_esd                 ? 
_cell.volume                       ? 
_cell.volume_esd                   ? 
_cell.Z_PDB                        16 
_cell.reciprocal_angle_alpha       ? 
_cell.reciprocal_angle_beta        ? 
_cell.reciprocal_angle_gamma       ? 
_cell.reciprocal_angle_alpha_esd   ? 
_cell.reciprocal_angle_beta_esd    ? 
_cell.reciprocal_angle_gamma_esd   ? 
_cell.reciprocal_length_a          ? 
_cell.reciprocal_length_b          ? 
_cell.reciprocal_length_c          ? 
_cell.reciprocal_length_a_esd      ? 
_cell.reciprocal_length_b_esd      ? 
_cell.reciprocal_length_c_esd      ? 
_cell.pdbx_unique_axis             ? 
# 
_symmetry.entry_id                         6ESU 
_symmetry.cell_setting                     ? 
_symmetry.Int_Tables_number                98 
_symmetry.space_group_name_Hall            ? 
_symmetry.space_group_name_H-M             'I 41 2 2' 
_symmetry.pdbx_full_space_group_name_H-M   ? 
# 
_exptl.absorpt_coefficient_mu     ? 
_exptl.absorpt_correction_T_max   ? 
_exptl.absorpt_correction_T_min   ? 
_exptl.absorpt_correction_type    ? 
_exptl.absorpt_process_details    ? 
_exptl.entry_id                   6ESU 
_exptl.crystals_number            1 
_exptl.details                    ? 
_exptl.method                     'X-RAY DIFFRACTION' 
_exptl.method_details             ? 
# 
_exptl_crystal.colour                      ? 
_exptl_crystal.density_diffrn              ? 
_exptl_crystal.density_Matthews            2.23 
_exptl_crystal.density_method              ? 
_exptl_crystal.density_percent_sol         44.95 
_exptl_crystal.description                 ? 
_exptl_crystal.F_000                       ? 
_exptl_crystal.id                          1 
_exptl_crystal.preparation                 ? 
_exptl_crystal.size_max                    ? 
_exptl_crystal.size_mid                    ? 
_exptl_crystal.size_min                    ? 
_exptl_crystal.size_rad                    ? 
_exptl_crystal.colour_lustre               ? 
_exptl_crystal.colour_modifier             ? 
_exptl_crystal.colour_primary              ? 
_exptl_crystal.density_meas                ? 
_exptl_crystal.density_meas_esd            ? 
_exptl_crystal.density_meas_gt             ? 
_exptl_crystal.density_meas_lt             ? 
_exptl_crystal.density_meas_temp           ? 
_exptl_crystal.density_meas_temp_esd       ? 
_exptl_crystal.density_meas_temp_gt        ? 
_exptl_crystal.density_meas_temp_lt        ? 
_exptl_crystal.pdbx_crystal_image_url      ? 
_exptl_crystal.pdbx_crystal_image_format   ? 
_exptl_crystal.pdbx_mosaicity              ? 
_exptl_crystal.pdbx_mosaicity_esd          ? 
# 
_exptl_crystal_grow.apparatus       ? 
_exptl_crystal_grow.atmosphere      ? 
_exptl_crystal_grow.crystal_id      1 
_exptl_crystal_grow.details         ? 
_exptl_crystal_grow.method          'VAPOR DIFFUSION, SITTING DROP' 
_exptl_crystal_grow.method_ref      ? 
_exptl_crystal_grow.pH              4.0 
_exptl_crystal_grow.pressure        ? 
_exptl_crystal_grow.pressure_esd    ? 
_exptl_crystal_grow.seeding         ? 
_exptl_crystal_grow.seeding_ref     ? 
_exptl_crystal_grow.temp            295 
_exptl_crystal_grow.temp_details    ? 
_exptl_crystal_grow.temp_esd        ? 
_exptl_crystal_grow.time            ? 
_exptl_crystal_grow.pdbx_details    '2.0 M ammonium sulfate, 0.1 M sodium acetate, pH 4.0' 
_exptl_crystal_grow.pdbx_pH_range   ? 
# 
_diffrn.ambient_environment    ? 
_diffrn.ambient_temp           100 
_diffrn.ambient_temp_details   ? 
_diffrn.ambient_temp_esd       ? 
_diffrn.crystal_id             1 
_diffrn.crystal_support        ? 
_diffrn.crystal_treatment      ? 
_diffrn.details                ? 
_diffrn.id                     1 
_diffrn.ambient_pressure       ? 
_diffrn.ambient_pressure_esd   ? 
_diffrn.ambient_pressure_gt    ? 
_diffrn.ambient_pressure_lt    ? 
_diffrn.ambient_temp_gt        ? 
_diffrn.ambient_temp_lt        ? 
# 
_diffrn_detector.details                      ? 
_diffrn_detector.detector                     PIXEL 
_diffrn_detector.diffrn_id                    1 
_diffrn_detector.type                         'DECTRIS PILATUS 2M' 
_diffrn_detector.area_resol_mean              ? 
_diffrn_detector.dtime                        ? 
_diffrn_detector.pdbx_frames_total            ? 
_diffrn_detector.pdbx_collection_time_total   ? 
_diffrn_detector.pdbx_collection_date         2017-05-05 
# 
_diffrn_radiation.collimation                      ? 
_diffrn_radiation.diffrn_id                        1 
_diffrn_radiation.filter_edge                      ? 
_diffrn_radiation.inhomogeneity                    ? 
_diffrn_radiation.monochromator                    ? 
_diffrn_radiation.polarisn_norm                    ? 
_diffrn_radiation.polarisn_ratio                   ? 
_diffrn_radiation.probe                            ? 
_diffrn_radiation.type                             ? 
_diffrn_radiation.xray_symbol                      ? 
_diffrn_radiation.wavelength_id                    1 
_diffrn_radiation.pdbx_monochromatic_or_laue_m_l   M 
_diffrn_radiation.pdbx_wavelength_list             ? 
_diffrn_radiation.pdbx_wavelength                  ? 
_diffrn_radiation.pdbx_diffrn_protocol             'SINGLE WAVELENGTH' 
_diffrn_radiation.pdbx_analyzer                    ? 
_diffrn_radiation.pdbx_scattering_type             x-ray 
# 
_diffrn_radiation_wavelength.id           1 
_diffrn_radiation_wavelength.wavelength   1.0000 
_diffrn_radiation_wavelength.wt           1.0 
# 
_diffrn_source.current                     ? 
_diffrn_source.details                     ? 
_diffrn_source.diffrn_id                   1 
_diffrn_source.power                       ? 
_diffrn_source.size                        ? 
_diffrn_source.source                      SYNCHROTRON 
_diffrn_source.target                      ? 
_diffrn_source.type                        'SLS BEAMLINE X06DA' 
_diffrn_source.voltage                     ? 
_diffrn_source.take-off_angle              ? 
_diffrn_source.pdbx_wavelength_list        1.0000 
_diffrn_source.pdbx_wavelength             ? 
_diffrn_source.pdbx_synchrotron_beamline   X06DA 
_diffrn_source.pdbx_synchrotron_site       SLS 
# 
_reflns.B_iso_Wilson_estimate            ? 
_reflns.entry_id                         6ESU 
_reflns.data_reduction_details           ? 
_reflns.data_reduction_method            ? 
_reflns.d_resolution_high                1.78 
_reflns.d_resolution_low                 55.0 
_reflns.details                          ? 
_reflns.limit_h_max                      ? 
_reflns.limit_h_min                      ? 
_reflns.limit_k_max                      ? 
_reflns.limit_k_min                      ? 
_reflns.limit_l_max                      ? 
_reflns.limit_l_min                      ? 
_reflns.number_all                       ? 
_reflns.number_obs                       15084 
_reflns.observed_criterion               ? 
_reflns.observed_criterion_F_max         ? 
_reflns.observed_criterion_F_min         ? 
_reflns.observed_criterion_I_max         ? 
_reflns.observed_criterion_I_min         ? 
_reflns.observed_criterion_sigma_F       ? 
_reflns.observed_criterion_sigma_I       ? 
_reflns.percent_possible_obs             99.9 
_reflns.R_free_details                   ? 
_reflns.Rmerge_F_all                     ? 
_reflns.Rmerge_F_obs                     ? 
_reflns.Friedel_coverage                 ? 
_reflns.number_gt                        ? 
_reflns.threshold_expression             ? 
_reflns.pdbx_redundancy                  25.4 
_reflns.pdbx_Rmerge_I_obs                0.19 
_reflns.pdbx_Rmerge_I_all                ? 
_reflns.pdbx_Rsym_value                  ? 
_reflns.pdbx_netI_over_av_sigmaI         ? 
_reflns.pdbx_netI_over_sigmaI            18.7 
_reflns.pdbx_res_netI_over_av_sigmaI_2   ? 
_reflns.pdbx_res_netI_over_sigmaI_2      ? 
_reflns.pdbx_chi_squared                 ? 
_reflns.pdbx_scaling_rejects             ? 
_reflns.pdbx_d_res_high_opt              ? 
_reflns.pdbx_d_res_low_opt               ? 
_reflns.pdbx_d_res_opt_method            ? 
_reflns.phase_calculation_details        ? 
_reflns.pdbx_Rrim_I_all                  ? 
_reflns.pdbx_Rpim_I_all                  ? 
_reflns.pdbx_d_opt                       ? 
_reflns.pdbx_number_measured_all         ? 
_reflns.pdbx_diffrn_id                   1 
_reflns.pdbx_ordinal                     1 
_reflns.pdbx_CC_half                     ? 
_reflns.pdbx_R_split                     ? 
# 
_reflns_shell.d_res_high                  1.91 
_reflns_shell.d_res_low                   1.96 
_reflns_shell.meanI_over_sigI_all         ? 
_reflns_shell.meanI_over_sigI_obs         1.5 
_reflns_shell.number_measured_all         ? 
_reflns_shell.number_measured_obs         ? 
_reflns_shell.number_possible             ? 
_reflns_shell.number_unique_all           816 
_reflns_shell.number_unique_obs           ? 
_reflns_shell.percent_possible_all        97.6 
_reflns_shell.percent_possible_obs        ? 
_reflns_shell.Rmerge_F_all                ? 
_reflns_shell.Rmerge_F_obs                ? 
_reflns_shell.Rmerge_I_all                ? 
_reflns_shell.Rmerge_I_obs                1.098 
_reflns_shell.meanI_over_sigI_gt          ? 
_reflns_shell.meanI_over_uI_all           ? 
_reflns_shell.meanI_over_uI_gt            ? 
_reflns_shell.number_measured_gt          ? 
_reflns_shell.number_unique_gt            ? 
_reflns_shell.percent_possible_gt         ? 
_reflns_shell.Rmerge_F_gt                 ? 
_reflns_shell.Rmerge_I_gt                 ? 
_reflns_shell.pdbx_redundancy             7.1 
_reflns_shell.pdbx_Rsym_value             ? 
_reflns_shell.pdbx_chi_squared            ? 
_reflns_shell.pdbx_netI_over_sigmaI_all   ? 
_reflns_shell.pdbx_netI_over_sigmaI_obs   ? 
_reflns_shell.pdbx_Rrim_I_all             ? 
_reflns_shell.pdbx_Rpim_I_all             ? 
_reflns_shell.pdbx_rejects                ? 
_reflns_shell.pdbx_ordinal                1 
_reflns_shell.pdbx_diffrn_id              1 
_reflns_shell.pdbx_CC_half                0.880 
_reflns_shell.pdbx_R_split                ? 
# 
_refine.aniso_B[1][1]                            -2.32 
_refine.aniso_B[1][2]                            0.00 
_refine.aniso_B[1][3]                            0.00 
_refine.aniso_B[2][2]                            -2.32 
_refine.aniso_B[2][3]                            0.00 
_refine.aniso_B[3][3]                            4.64 
_refine.B_iso_max                                ? 
_refine.B_iso_mean                               50.710 
_refine.B_iso_min                                ? 
_refine.correlation_coeff_Fo_to_Fc               0.967 
_refine.correlation_coeff_Fo_to_Fc_free          0.964 
_refine.details                                  'HYDROGENS HAVE BEEN ADDED IN THE RIDING POSITIONS' 
_refine.diff_density_max                         ? 
_refine.diff_density_max_esd                     ? 
_refine.diff_density_min                         ? 
_refine.diff_density_min_esd                     ? 
_refine.diff_density_rms                         ? 
_refine.diff_density_rms_esd                     ? 
_refine.entry_id                                 6ESU 
_refine.pdbx_refine_id                           'X-RAY DIFFRACTION' 
_refine.ls_abs_structure_details                 ? 
_refine.ls_abs_structure_Flack                   ? 
_refine.ls_abs_structure_Flack_esd               ? 
_refine.ls_abs_structure_Rogers                  ? 
_refine.ls_abs_structure_Rogers_esd              ? 
_refine.ls_d_res_high                            1.78 
_refine.ls_d_res_low                             54.98 
_refine.ls_extinction_coef                       ? 
_refine.ls_extinction_coef_esd                   ? 
_refine.ls_extinction_expression                 ? 
_refine.ls_extinction_method                     ? 
_refine.ls_goodness_of_fit_all                   ? 
_refine.ls_goodness_of_fit_all_esd               ? 
_refine.ls_goodness_of_fit_obs                   ? 
_refine.ls_goodness_of_fit_obs_esd               ? 
_refine.ls_hydrogen_treatment                    ? 
_refine.ls_matrix_type                           ? 
_refine.ls_number_constraints                    ? 
_refine.ls_number_parameters                     ? 
_refine.ls_number_reflns_all                     ? 
_refine.ls_number_reflns_obs                     14300 
_refine.ls_number_reflns_R_free                  761 
_refine.ls_number_reflns_R_work                  ? 
_refine.ls_number_restraints                     ? 
_refine.ls_percent_reflns_obs                    99.84 
_refine.ls_percent_reflns_R_free                 5.1 
_refine.ls_R_factor_all                          ? 
_refine.ls_R_factor_obs                          0.19524 
_refine.ls_R_factor_R_free                       0.21126 
_refine.ls_R_factor_R_free_error                 ? 
_refine.ls_R_factor_R_free_error_details         ? 
_refine.ls_R_factor_R_work                       0.19438 
_refine.ls_R_Fsqd_factor_obs                     ? 
_refine.ls_R_I_factor_obs                        ? 
_refine.ls_redundancy_reflns_all                 ? 
_refine.ls_redundancy_reflns_obs                 ? 
_refine.ls_restrained_S_all                      ? 
_refine.ls_restrained_S_obs                      ? 
_refine.ls_shift_over_esd_max                    ? 
_refine.ls_shift_over_esd_mean                   ? 
_refine.ls_structure_factor_coef                 ? 
_refine.ls_weighting_details                     ? 
_refine.ls_weighting_scheme                      ? 
_refine.ls_wR_factor_all                         ? 
_refine.ls_wR_factor_obs                         ? 
_refine.ls_wR_factor_R_free                      ? 
_refine.ls_wR_factor_R_work                      ? 
_refine.occupancy_max                            ? 
_refine.occupancy_min                            ? 
_refine.solvent_model_details                    ? 
_refine.solvent_model_param_bsol                 ? 
_refine.solvent_model_param_ksol                 ? 
_refine.ls_R_factor_gt                           ? 
_refine.ls_goodness_of_fit_gt                    ? 
_refine.ls_goodness_of_fit_ref                   ? 
_refine.ls_shift_over_su_max                     ? 
_refine.ls_shift_over_su_max_lt                  ? 
_refine.ls_shift_over_su_mean                    ? 
_refine.ls_shift_over_su_mean_lt                 ? 
_refine.pdbx_ls_sigma_I                          ? 
_refine.pdbx_ls_sigma_F                          ? 
_refine.pdbx_ls_sigma_Fsqd                       ? 
_refine.pdbx_data_cutoff_high_absF               ? 
_refine.pdbx_data_cutoff_high_rms_absF           ? 
_refine.pdbx_data_cutoff_low_absF                ? 
_refine.pdbx_isotropic_thermal_model             ? 
_refine.pdbx_ls_cross_valid_method               THROUGHOUT 
_refine.pdbx_method_to_determine_struct          'MOLECULAR REPLACEMENT' 
_refine.pdbx_starting_model                      2QCB 
_refine.pdbx_stereochemistry_target_values       ? 
_refine.pdbx_R_Free_selection_details            RANDOM 
_refine.pdbx_stereochem_target_val_spec_case     ? 
_refine.pdbx_overall_ESU_R                       0.110 
_refine.pdbx_overall_ESU_R_Free                  0.101 
_refine.pdbx_solvent_vdw_probe_radii             1.20 
_refine.pdbx_solvent_ion_probe_radii             0.80 
_refine.pdbx_solvent_shrinkage_radii             0.80 
_refine.pdbx_real_space_R                        ? 
_refine.pdbx_density_correlation                 ? 
_refine.pdbx_pd_number_of_powder_patterns        ? 
_refine.pdbx_pd_number_of_points                 ? 
_refine.pdbx_pd_meas_number_of_points            ? 
_refine.pdbx_pd_proc_ls_prof_R_factor            ? 
_refine.pdbx_pd_proc_ls_prof_wR_factor           ? 
_refine.pdbx_pd_Marquardt_correlation_coeff      ? 
_refine.pdbx_pd_Fsqrd_R_factor                   ? 
_refine.pdbx_pd_ls_matrix_band_width             ? 
_refine.pdbx_overall_phase_error                 ? 
_refine.pdbx_overall_SU_R_free_Cruickshank_DPI   ? 
_refine.pdbx_overall_SU_R_free_Blow_DPI          ? 
_refine.pdbx_overall_SU_R_Blow_DPI               ? 
_refine.pdbx_TLS_residual_ADP_flag               ? 
_refine.pdbx_diffrn_id                           1 
_refine.overall_SU_B                             3.655 
_refine.overall_SU_ML                            0.103 
_refine.overall_SU_R_Cruickshank_DPI             ? 
_refine.overall_SU_R_free                        ? 
_refine.overall_FOM_free_R_set                   ? 
_refine.overall_FOM_work_R_set                   ? 
_refine.pdbx_average_fsc_overall                 ? 
_refine.pdbx_average_fsc_work                    ? 
_refine.pdbx_average_fsc_free                    ? 
# 
_refine_hist.pdbx_refine_id                   'X-RAY DIFFRACTION' 
_refine_hist.cycle_id                         1 
_refine_hist.pdbx_number_atoms_protein        926 
_refine_hist.pdbx_number_atoms_nucleic_acid   0 
_refine_hist.pdbx_number_atoms_ligand         42 
_refine_hist.number_atoms_solvent             29 
_refine_hist.number_atoms_total               997 
_refine_hist.d_res_high                       1.78 
_refine_hist.d_res_low                        54.98 
# 
loop_
_refine_ls_restr.pdbx_refine_id 
_refine_ls_restr.criterion 
_refine_ls_restr.dev_ideal 
_refine_ls_restr.dev_ideal_target 
_refine_ls_restr.number 
_refine_ls_restr.rejects 
_refine_ls_restr.type 
_refine_ls_restr.weight 
_refine_ls_restr.pdbx_restraint_function 
'X-RAY DIFFRACTION' ? 0.022  0.020  995  ? r_bond_refined_d             ? ? 
'X-RAY DIFFRACTION' ? 0.002  0.020  822  ? r_bond_other_d               ? ? 
'X-RAY DIFFRACTION' ? 2.073  1.937  1364 ? r_angle_refined_deg          ? ? 
'X-RAY DIFFRACTION' ? 1.044  3.000  1894 ? r_angle_other_deg            ? ? 
'X-RAY DIFFRACTION' ? 7.662  5.000  124  ? r_dihedral_angle_1_deg       ? ? 
'X-RAY DIFFRACTION' ? 24.317 23.415 41   ? r_dihedral_angle_2_deg       ? ? 
'X-RAY DIFFRACTION' ? 15.612 15.000 128  ? r_dihedral_angle_3_deg       ? ? 
'X-RAY DIFFRACTION' ? 23.229 15.000 5    ? r_dihedral_angle_4_deg       ? ? 
'X-RAY DIFFRACTION' ? 0.122  0.200  144  ? r_chiral_restr               ? ? 
'X-RAY DIFFRACTION' ? 0.011  0.020  1127 ? r_gen_planes_refined         ? ? 
'X-RAY DIFFRACTION' ? 0.002  0.020  218  ? r_gen_planes_other           ? ? 
'X-RAY DIFFRACTION' ? ?      ?      ?    ? r_nbd_refined                ? ? 
'X-RAY DIFFRACTION' ? ?      ?      ?    ? r_nbd_other                  ? ? 
'X-RAY DIFFRACTION' ? ?      ?      ?    ? r_nbtor_refined              ? ? 
'X-RAY DIFFRACTION' ? ?      ?      ?    ? r_nbtor_other                ? ? 
'X-RAY DIFFRACTION' ? ?      ?      ?    ? r_xyhbond_nbd_refined        ? ? 
'X-RAY DIFFRACTION' ? ?      ?      ?    ? r_xyhbond_nbd_other          ? ? 
'X-RAY DIFFRACTION' ? ?      ?      ?    ? r_metal_ion_refined          ? ? 
'X-RAY DIFFRACTION' ? ?      ?      ?    ? r_metal_ion_other            ? ? 
'X-RAY DIFFRACTION' ? ?      ?      ?    ? r_symmetry_vdw_refined       ? ? 
'X-RAY DIFFRACTION' ? ?      ?      ?    ? r_symmetry_vdw_other         ? ? 
'X-RAY DIFFRACTION' ? ?      ?      ?    ? r_symmetry_hbond_refined     ? ? 
'X-RAY DIFFRACTION' ? ?      ?      ?    ? r_symmetry_hbond_other       ? ? 
'X-RAY DIFFRACTION' ? ?      ?      ?    ? r_symmetry_metal_ion_refined ? ? 
'X-RAY DIFFRACTION' ? ?      ?      ?    ? r_symmetry_metal_ion_other   ? ? 
'X-RAY DIFFRACTION' ? 5.531  5.086  494  ? r_mcbond_it                  ? ? 
'X-RAY DIFFRACTION' ? 5.506  5.078  492  ? r_mcbond_other               ? ? 
'X-RAY DIFFRACTION' ? 8.482  7.600  615  ? r_mcangle_it                 ? ? 
'X-RAY DIFFRACTION' ? 8.475  7.606  616  ? r_mcangle_other              ? ? 
'X-RAY DIFFRACTION' ? 5.705  5.242  500  ? r_scbond_it                  ? ? 
'X-RAY DIFFRACTION' ? 5.622  5.230  497  ? r_scbond_other               ? ? 
'X-RAY DIFFRACTION' ? ?      ?      ?    ? r_scangle_it                 ? ? 
'X-RAY DIFFRACTION' ? 8.254  7.695  743  ? r_scangle_other              ? ? 
'X-RAY DIFFRACTION' ? 13.114 57.278 1087 ? r_long_range_B_refined       ? ? 
'X-RAY DIFFRACTION' ? 13.080 56.915 1059 ? r_long_range_B_other         ? ? 
'X-RAY DIFFRACTION' ? ?      ?      ?    ? r_rigid_bond_restr           ? ? 
'X-RAY DIFFRACTION' ? ?      ?      ?    ? r_sphericity_free            ? ? 
'X-RAY DIFFRACTION' ? ?      ?      ?    ? r_sphericity_bonded          ? ? 
# 
_refine_ls_shell.pdbx_refine_id                   'X-RAY DIFFRACTION' 
_refine_ls_shell.d_res_high                       1.777 
_refine_ls_shell.d_res_low                        1.824 
_refine_ls_shell.number_reflns_all                ? 
_refine_ls_shell.number_reflns_obs                ? 
_refine_ls_shell.number_reflns_R_free             51 
_refine_ls_shell.number_reflns_R_work             1016 
_refine_ls_shell.percent_reflns_obs               98.61 
_refine_ls_shell.percent_reflns_R_free            ? 
_refine_ls_shell.R_factor_all                     ? 
_refine_ls_shell.R_factor_obs                     ? 
_refine_ls_shell.R_factor_R_free                  0.361 
_refine_ls_shell.R_factor_R_free_error            ? 
_refine_ls_shell.R_factor_R_work                  0.368 
_refine_ls_shell.redundancy_reflns_all            ? 
_refine_ls_shell.redundancy_reflns_obs            ? 
_refine_ls_shell.wR_factor_all                    ? 
_refine_ls_shell.wR_factor_obs                    ? 
_refine_ls_shell.wR_factor_R_free                 ? 
_refine_ls_shell.wR_factor_R_work                 ? 
_refine_ls_shell.pdbx_total_number_of_bins_used   20 
_refine_ls_shell.pdbx_phase_error                 ? 
_refine_ls_shell.pdbx_fsc_work                    ? 
_refine_ls_shell.pdbx_fsc_free                    ? 
# 
_struct.entry_id                     6ESU 
_struct.title                        'Artificial imine reductase mutant S112A-N118P-K121A-S122M' 
_struct.pdbx_model_details           ? 
_struct.pdbx_formula_weight          ? 
_struct.pdbx_formula_weight_method   ? 
_struct.pdbx_model_type_details      ? 
_struct.pdbx_CASP_flag               N 
# 
_struct_keywords.entry_id        6ESU 
_struct_keywords.text            'streptavidin, beta-barrel, biotin-binding protein' 
_struct_keywords.pdbx_keywords   'biotin-binding protein' 
# 
loop_
_struct_asym.id 
_struct_asym.pdbx_blank_PDB_chainid_flag 
_struct_asym.pdbx_modified 
_struct_asym.entity_id 
_struct_asym.details 
A N N 1 ? 
B N N 2 ? 
C N N 3 ? 
D N N 3 ? 
E N N 3 ? 
F N N 3 ? 
G N N 4 ? 
H N N 5 ? 
I N N 6 ? 
# 
_struct_ref.id                         1 
_struct_ref.db_name                    UNP 
_struct_ref.db_code                    SAV_STRAV 
_struct_ref.pdbx_db_accession          P22629 
_struct_ref.pdbx_db_isoform            ? 
_struct_ref.entity_id                  1 
_struct_ref.pdbx_seq_one_letter_code   
;EAGITGTWYNQLGSTFIVTAGADGALTGTYESAVGNAESRYVLTGRYDSAPATDGSGTALGWTVAWKNNYRNAHSATTWS
GQYVGGAEARINTQWLLTSGTTEANAWKSTLVGHDTFTKVKPSAASIDAAKKAGVNNGNPLDAVQQ
;
_struct_ref.pdbx_align_begin           38 
# 
_struct_ref_seq.align_id                      1 
_struct_ref_seq.ref_id                        1 
_struct_ref_seq.pdbx_PDB_id_code              6ESU 
_struct_ref_seq.pdbx_strand_id                A 
_struct_ref_seq.seq_align_beg                 14 
_struct_ref_seq.pdbx_seq_align_beg_ins_code   ? 
_struct_ref_seq.seq_align_end                 159 
_struct_ref_seq.pdbx_seq_align_end_ins_code   ? 
_struct_ref_seq.pdbx_db_accession             P22629 
_struct_ref_seq.db_align_beg                  38 
_struct_ref_seq.pdbx_db_align_beg_ins_code    ? 
_struct_ref_seq.db_align_end                  183 
_struct_ref_seq.pdbx_db_align_end_ins_code    ? 
_struct_ref_seq.pdbx_auth_seq_align_beg       14 
_struct_ref_seq.pdbx_auth_seq_align_end       159 
# 
loop_
_struct_ref_seq_dif.align_id 
_struct_ref_seq_dif.pdbx_pdb_id_code 
_struct_ref_seq_dif.mon_id 
_struct_ref_seq_dif.pdbx_pdb_strand_id 
_struct_ref_seq_dif.seq_num 
_struct_ref_seq_dif.pdbx_pdb_ins_code 
_struct_ref_seq_dif.pdbx_seq_db_name 
_struct_ref_seq_dif.pdbx_seq_db_accession_code 
_struct_ref_seq_dif.db_mon_id 
_struct_ref_seq_dif.pdbx_seq_db_seq_num 
_struct_ref_seq_dif.details 
_struct_ref_seq_dif.pdbx_auth_seq_num 
_struct_ref_seq_dif.pdbx_ordinal 
1 6ESU MET A 1   ? UNP P22629 ?   ?   'initiating methionine' 1   1  
1 6ESU ALA A 2   ? UNP P22629 ?   ?   'expression tag'        2   2  
1 6ESU SER A 3   ? UNP P22629 ?   ?   'expression tag'        3   3  
1 6ESU MET A 4   ? UNP P22629 ?   ?   'expression tag'        4   4  
1 6ESU THR A 5   ? UNP P22629 ?   ?   'expression tag'        5   5  
1 6ESU GLY A 6   ? UNP P22629 ?   ?   'expression tag'        6   6  
1 6ESU GLY A 7   ? UNP P22629 ?   ?   'expression tag'        7   7  
1 6ESU GLN A 8   ? UNP P22629 ?   ?   'expression tag'        8   8  
1 6ESU GLN A 9   ? UNP P22629 ?   ?   'expression tag'        9   9  
1 6ESU MET A 10  ? UNP P22629 ?   ?   'expression tag'        10  10 
1 6ESU GLY A 11  ? UNP P22629 ?   ?   'expression tag'        11  11 
1 6ESU ARG A 12  ? UNP P22629 ?   ?   'expression tag'        12  12 
1 6ESU ASP A 13  ? UNP P22629 ?   ?   'expression tag'        13  13 
1 6ESU ARG A 112 ? UNP P22629 SER 136 'engineered mutation'   112 14 
1 6ESU PRO A 118 ? UNP P22629 ASN 142 'engineered mutation'   118 15 
1 6ESU ALA A 121 ? UNP P22629 LYS 145 'engineered mutation'   121 16 
1 6ESU MET A 122 ? UNP P22629 SER 146 'engineered mutation'   122 17 
1 6ESU TYR A 124 ? UNP P22629 LEU 148 conflict                124 18 
# 
_pdbx_struct_assembly.id                   1 
_pdbx_struct_assembly.details              author_and_software_defined_assembly 
_pdbx_struct_assembly.method_details       PISA 
_pdbx_struct_assembly.oligomeric_details   tetrameric 
_pdbx_struct_assembly.oligomeric_count     4 
# 
loop_
_pdbx_struct_assembly_prop.biol_id 
_pdbx_struct_assembly_prop.type 
_pdbx_struct_assembly_prop.value 
_pdbx_struct_assembly_prop.details 
1 'ABSA (A^2)' 12510 ? 
1 MORE         -169  ? 
1 'SSA (A^2)'  17790 ? 
# 
_pdbx_struct_assembly_gen.assembly_id       1 
_pdbx_struct_assembly_gen.oper_expression   1,2,3,4 
_pdbx_struct_assembly_gen.asym_id_list      A,B,C,D,E,F,G,H,I 
# 
_pdbx_struct_assembly_auth_evidence.id                     1 
_pdbx_struct_assembly_auth_evidence.assembly_id            1 
_pdbx_struct_assembly_auth_evidence.experimental_support   'mass spectrometry' 
_pdbx_struct_assembly_auth_evidence.details                ? 
# 
loop_
_pdbx_struct_oper_list.id 
_pdbx_struct_oper_list.type 
_pdbx_struct_oper_list.name 
_pdbx_struct_oper_list.symmetry_operation 
_pdbx_struct_oper_list.matrix[1][1] 
_pdbx_struct_oper_list.matrix[1][2] 
_pdbx_struct_oper_list.matrix[1][3] 
_pdbx_struct_oper_list.vector[1] 
_pdbx_struct_oper_list.matrix[2][1] 
_pdbx_struct_oper_list.matrix[2][2] 
_pdbx_struct_oper_list.matrix[2][3] 
_pdbx_struct_oper_list.vector[2] 
_pdbx_struct_oper_list.matrix[3][1] 
_pdbx_struct_oper_list.matrix[3][2] 
_pdbx_struct_oper_list.matrix[3][3] 
_pdbx_struct_oper_list.vector[3] 
1 'identity operation'         1_555  x,y,z        1.0000000000  0.0000000000  0.0000000000  0.0000000000   0.0000000000  1.0000000000  0.0000000000  0.0000000000  0.0000000000  0.0000000000  1.0000000000  0.0000000000   
2 'crystal symmetry operation' 8_665  -y+1,-x+1,-z 0.5477588224  -0.2893023178 -0.7850251215 -12.3150178417 -0.2893023178 -0.9459245007 0.1467344808  0.1613946529  -0.7850251215 0.1467344808  -0.6018343217 -24.3398189900 
3 'crystal symmetry operation' 10_665 -x+1,-y+1,z  -0.9114040208 0.4108545056  0.0232655584  -24.9343696134 0.4108545056  0.9052944184  0.1078915720  6.3579791436  0.0232655584  0.1078915720  -0.9938903976 -17.3268777183 
4 'crystal symmetry operation' 15_555 y,x,-z       -0.6363548017 -0.1215521878 0.7617595631  -14.2103825956 -0.1215521878 -0.9593699176 -0.2546260528 -1.1816530780 0.7617595631  -0.2546260528 0.5957247193  6.5951320122 
# 
loop_
_struct_conf.conf_type_id 
_struct_conf.id 
_struct_conf.pdbx_PDB_helix_id 
_struct_conf.beg_label_comp_id 
_struct_conf.beg_label_asym_id 
_struct_conf.beg_label_seq_id 
_struct_conf.pdbx_beg_PDB_ins_code 
_struct_conf.end_label_comp_id 
_struct_conf.end_label_asym_id 
_struct_conf.end_label_seq_id 
_struct_conf.pdbx_end_PDB_ins_code 
_struct_conf.beg_auth_comp_id 
_struct_conf.beg_auth_asym_id 
_struct_conf.beg_auth_seq_id 
_struct_conf.end_auth_comp_id 
_struct_conf.end_auth_asym_id 
_struct_conf.end_auth_seq_id 
_struct_conf.pdbx_PDB_helix_class 
_struct_conf.details 
_struct_conf.pdbx_PDB_helix_length 
HELX_P HELX_P1 AA1 ASP A 13  ? THR A 18  ? ASP A 13  THR A 18  1 ? 6 
HELX_P HELX_P2 AA2 PRO A 118 ? ALA A 121 ? PRO A 118 ALA A 121 5 ? 4 
# 
_struct_conf_type.id          HELX_P 
_struct_conf_type.criteria    ? 
_struct_conf_type.reference   ? 
# 
_struct_sheet.id               AA1 
_struct_sheet.type             ? 
_struct_sheet.number_strands   9 
_struct_sheet.details          ? 
# 
loop_
_struct_sheet_order.sheet_id 
_struct_sheet_order.range_id_1 
_struct_sheet_order.range_id_2 
_struct_sheet_order.offset 
_struct_sheet_order.sense 
AA1 1 2 ? anti-parallel 
AA1 2 3 ? anti-parallel 
AA1 3 4 ? anti-parallel 
AA1 4 5 ? anti-parallel 
AA1 5 6 ? anti-parallel 
AA1 6 7 ? anti-parallel 
AA1 7 8 ? anti-parallel 
AA1 8 9 ? anti-parallel 
# 
loop_
_struct_sheet_range.sheet_id 
_struct_sheet_range.id 
_struct_sheet_range.beg_label_comp_id 
_struct_sheet_range.beg_label_asym_id 
_struct_sheet_range.beg_label_seq_id 
_struct_sheet_range.pdbx_beg_PDB_ins_code 
_struct_sheet_range.end_label_comp_id 
_struct_sheet_range.end_label_asym_id 
_struct_sheet_range.end_label_seq_id 
_struct_sheet_range.pdbx_end_PDB_ins_code 
_struct_sheet_range.beg_auth_comp_id 
_struct_sheet_range.beg_auth_asym_id 
_struct_sheet_range.beg_auth_seq_id 
_struct_sheet_range.end_auth_comp_id 
_struct_sheet_range.end_auth_asym_id 
_struct_sheet_range.end_auth_seq_id 
AA1 1 GLY A 19  ? ASN A 23  ? GLY A 19  ASN A 23  
AA1 2 THR A 28  ? ALA A 33  ? THR A 28  ALA A 33  
AA1 3 ALA A 38  ? GLU A 44  ? ALA A 38  GLU A 44  
AA1 4 TYR A 54  ? TYR A 60  ? TYR A 54  TYR A 60  
AA1 5 THR A 71  ? LYS A 80  ? THR A 71  LYS A 80  
AA1 6 ASN A 85  ? VAL A 97  ? ASN A 85  VAL A 97  
AA1 7 ARG A 103 ? ARG A 112 ? ARG A 103 ARG A 112 
AA1 8 THR A 123 ? THR A 131 ? THR A 123 THR A 131 
AA1 9 GLY A 19  ? ASN A 23  ? GLY A 19  ASN A 23  
# 
loop_
_pdbx_struct_sheet_hbond.sheet_id 
_pdbx_struct_sheet_hbond.range_id_1 
_pdbx_struct_sheet_hbond.range_id_2 
_pdbx_struct_sheet_hbond.range_1_label_atom_id 
_pdbx_struct_sheet_hbond.range_1_label_comp_id 
_pdbx_struct_sheet_hbond.range_1_label_asym_id 
_pdbx_struct_sheet_hbond.range_1_label_seq_id 
_pdbx_struct_sheet_hbond.range_1_PDB_ins_code 
_pdbx_struct_sheet_hbond.range_1_auth_atom_id 
_pdbx_struct_sheet_hbond.range_1_auth_comp_id 
_pdbx_struct_sheet_hbond.range_1_auth_asym_id 
_pdbx_struct_sheet_hbond.range_1_auth_seq_id 
_pdbx_struct_sheet_hbond.range_2_label_atom_id 
_pdbx_struct_sheet_hbond.range_2_label_comp_id 
_pdbx_struct_sheet_hbond.range_2_label_asym_id 
_pdbx_struct_sheet_hbond.range_2_label_seq_id 
_pdbx_struct_sheet_hbond.range_2_PDB_ins_code 
_pdbx_struct_sheet_hbond.range_2_auth_atom_id 
_pdbx_struct_sheet_hbond.range_2_auth_comp_id 
_pdbx_struct_sheet_hbond.range_2_auth_asym_id 
_pdbx_struct_sheet_hbond.range_2_auth_seq_id 
AA1 1 2 N TRP A 21  ? N TRP A 21  O PHE A 29  ? O PHE A 29  
AA1 2 3 N ILE A 30  ? N ILE A 30  O THR A 42  ? O THR A 42  
AA1 3 4 N LEU A 39  ? N LEU A 39  O GLY A 58  ? O GLY A 58  
AA1 4 5 N THR A 57  ? N THR A 57  O THR A 76  ? O THR A 76  
AA1 5 6 N TRP A 79  ? N TRP A 79  O ALA A 86  ? O ALA A 86  
AA1 6 7 N VAL A 97  ? N VAL A 97  O ARG A 103 ? O ARG A 103 
AA1 7 8 N ILE A 104 ? N ILE A 104 O PHE A 130 ? O PHE A 130 
AA1 8 9 O THR A 131 ? O THR A 131 N TYR A 22  ? N TYR A 22  
# 
loop_
_struct_site.id 
_struct_site.pdbx_evidence_code 
_struct_site.pdbx_auth_asym_id 
_struct_site.pdbx_auth_comp_id 
_struct_site.pdbx_auth_seq_id 
_struct_site.pdbx_auth_ins_code 
_struct_site.pdbx_num_residues 
_struct_site.details 
AC1 Software A 6IR 400 ? 16 'binding site for residue 6IR A 400' 
AC2 Software A IR  401 ? 2  'binding site for residue IR A 401'  
AC3 Software A IR  402 ? 1  'binding site for residue IR A 402'  
AC4 Software A IR  403 ? 2  'binding site for residue IR A 403'  
AC5 Software A IR  404 ? 3  'binding site for residue IR A 404'  
AC6 Software A ACT 405 ? 4  'binding site for residue ACT A 405' 
AC7 Software A SO4 406 ? 3  'binding site for residue SO4 A 406' 
# 
loop_
_struct_site_gen.id 
_struct_site_gen.site_id 
_struct_site_gen.pdbx_num_res 
_struct_site_gen.label_comp_id 
_struct_site_gen.label_asym_id 
_struct_site_gen.label_seq_id 
_struct_site_gen.pdbx_auth_ins_code 
_struct_site_gen.auth_comp_id 
_struct_site_gen.auth_asym_id 
_struct_site_gen.auth_seq_id 
_struct_site_gen.label_atom_id 
_struct_site_gen.label_alt_id 
_struct_site_gen.symmetry 
_struct_site_gen.details 
1  AC1 16 ASN A 23  ? ASN A 23  . ? 1_555  ? 
2  AC1 16 SER A 27  ? SER A 27  . ? 1_555  ? 
3  AC1 16 TYR A 43  ? TYR A 43  . ? 1_555  ? 
4  AC1 16 SER A 45  ? SER A 45  . ? 1_555  ? 
5  AC1 16 VAL A 47  ? VAL A 47  . ? 1_555  ? 
6  AC1 16 GLY A 48  ? GLY A 48  . ? 1_555  ? 
7  AC1 16 ASN A 49  ? ASN A 49  . ? 1_555  ? 
8  AC1 16 TRP A 79  ? TRP A 79  . ? 1_555  ? 
9  AC1 16 ALA A 86  ? ALA A 86  . ? 1_555  ? 
10 AC1 16 SER A 88  ? SER A 88  . ? 1_555  ? 
11 AC1 16 THR A 90  ? THR A 90  . ? 1_555  ? 
12 AC1 16 TRP A 108 ? TRP A 108 . ? 1_555  ? 
13 AC1 16 ARG A 112 ? ARG A 112 . ? 1_555  ? 
14 AC1 16 TRP A 120 ? TRP A 120 . ? 10_665 ? 
15 AC1 16 TYR A 124 ? TYR A 124 . ? 1_555  ? 
16 AC1 16 ASP A 128 ? ASP A 128 . ? 1_555  ? 
17 AC2 2  HIS A 127 ? HIS A 127 . ? 1_555  ? 
18 AC2 2  HOH I .   ? HOH A 515 . ? 8_665  ? 
19 AC3 1  HIS A 127 ? HIS A 127 . ? 1_555  ? 
20 AC4 2  ALA A 65  ? ALA A 65  . ? 15_555 ? 
21 AC4 2  HIS A 87  ? HIS A 87  . ? 1_555  ? 
22 AC5 3  ALA A 119 ? ALA A 119 . ? 1_555  ? 
23 AC5 3  MET A 122 ? MET A 122 . ? 1_555  ? 
24 AC5 3  HOH I .   ? HOH A 504 . ? 15_555 ? 
25 AC6 4  VAL A 47  ? VAL A 47  . ? 10_665 ? 
26 AC6 4  GLY A 48  ? GLY A 48  . ? 10_665 ? 
27 AC6 4  ALA A 117 ? ALA A 117 . ? 1_555  ? 
28 AC6 4  TRP A 120 ? TRP A 120 . ? 1_555  ? 
29 AC7 3  GLY A 48  ? GLY A 48  . ? 1_555  ? 
30 AC7 3  ARG A 84  ? ARG A 84  . ? 1_555  ? 
31 AC7 3  ARG A 84  ? ARG A 84  . ? 5_554  ? 
# 
_pdbx_validate_close_contact.id               1 
_pdbx_validate_close_contact.PDB_model_num    1 
_pdbx_validate_close_contact.auth_atom_id_1   OD2 
_pdbx_validate_close_contact.auth_asym_id_1   A 
_pdbx_validate_close_contact.auth_comp_id_1   ASP 
_pdbx_validate_close_contact.auth_seq_id_1    13 
_pdbx_validate_close_contact.PDB_ins_code_1   ? 
_pdbx_validate_close_contact.label_alt_id_1   ? 
_pdbx_validate_close_contact.auth_atom_id_2   OG1 
_pdbx_validate_close_contact.auth_asym_id_2   A 
_pdbx_validate_close_contact.auth_comp_id_2   THR 
_pdbx_validate_close_contact.auth_seq_id_2    71 
_pdbx_validate_close_contact.PDB_ins_code_2   ? 
_pdbx_validate_close_contact.label_alt_id_2   ? 
_pdbx_validate_close_contact.dist             2.17 
# 
_pdbx_validate_symm_contact.id                1 
_pdbx_validate_symm_contact.PDB_model_num     1 
_pdbx_validate_symm_contact.auth_atom_id_1    O 
_pdbx_validate_symm_contact.auth_asym_id_1    A 
_pdbx_validate_symm_contact.auth_comp_id_1    HOH 
_pdbx_validate_symm_contact.auth_seq_id_1     501 
_pdbx_validate_symm_contact.PDB_ins_code_1    ? 
_pdbx_validate_symm_contact.label_alt_id_1    ? 
_pdbx_validate_symm_contact.site_symmetry_1   1_555 
_pdbx_validate_symm_contact.auth_atom_id_2    O 
_pdbx_validate_symm_contact.auth_asym_id_2    A 
_pdbx_validate_symm_contact.auth_comp_id_2    HOH 
_pdbx_validate_symm_contact.auth_seq_id_2     501 
_pdbx_validate_symm_contact.PDB_ins_code_2    ? 
_pdbx_validate_symm_contact.label_alt_id_2    ? 
_pdbx_validate_symm_contact.site_symmetry_2   15_555 
_pdbx_validate_symm_contact.dist              0.92 
# 
loop_
_pdbx_validate_torsion.id 
_pdbx_validate_torsion.PDB_model_num 
_pdbx_validate_torsion.auth_comp_id 
_pdbx_validate_torsion.auth_asym_id 
_pdbx_validate_torsion.auth_seq_id 
_pdbx_validate_torsion.PDB_ins_code 
_pdbx_validate_torsion.label_alt_id 
_pdbx_validate_torsion.phi 
_pdbx_validate_torsion.psi 
1 1 SER A 52  ? ? 60.22   -157.72 
2 1 ASP A 67  ? ? -151.38 47.46   
3 1 GLU A 101 ? ? -110.12 74.05   
4 1 ALA A 121 ? ? -108.10 41.00   
# 
loop_
_pdbx_unobs_or_zero_occ_residues.id 
_pdbx_unobs_or_zero_occ_residues.PDB_model_num 
_pdbx_unobs_or_zero_occ_residues.polymer_flag 
_pdbx_unobs_or_zero_occ_residues.occupancy_flag 
_pdbx_unobs_or_zero_occ_residues.auth_asym_id 
_pdbx_unobs_or_zero_occ_residues.auth_comp_id 
_pdbx_unobs_or_zero_occ_residues.auth_seq_id 
_pdbx_unobs_or_zero_occ_residues.PDB_ins_code 
_pdbx_unobs_or_zero_occ_residues.label_asym_id 
_pdbx_unobs_or_zero_occ_residues.label_comp_id 
_pdbx_unobs_or_zero_occ_residues.label_seq_id 
1  1 Y 1 A MET 1   ? A MET 1   
2  1 Y 1 A ALA 2   ? A ALA 2   
3  1 Y 1 A SER 3   ? A SER 3   
4  1 Y 1 A MET 4   ? A MET 4   
5  1 Y 1 A THR 5   ? A THR 5   
6  1 Y 1 A GLY 6   ? A GLY 6   
7  1 Y 1 A GLY 7   ? A GLY 7   
8  1 Y 1 A GLN 8   ? A GLN 8   
9  1 Y 1 A GLN 9   ? A GLN 9   
10 1 Y 1 A MET 10  ? A MET 10  
11 1 Y 1 A GLY 11  ? A GLY 11  
12 1 Y 1 A ARG 12  ? A ARG 12  
13 1 Y 1 A SER 136 ? A SER 136 
14 1 Y 1 A ALA 137 ? A ALA 137 
15 1 Y 1 A ALA 138 ? A ALA 138 
16 1 Y 1 A SER 139 ? A SER 139 
17 1 Y 1 A ILE 140 ? A ILE 140 
18 1 Y 1 A ASP 141 ? A ASP 141 
19 1 Y 1 A ALA 142 ? A ALA 142 
20 1 Y 1 A ALA 143 ? A ALA 143 
21 1 Y 1 A LYS 144 ? A LYS 144 
22 1 Y 1 A LYS 145 ? A LYS 145 
23 1 Y 1 A ALA 146 ? A ALA 146 
24 1 Y 1 A GLY 147 ? A GLY 147 
25 1 Y 1 A VAL 148 ? A VAL 148 
26 1 Y 1 A ASN 149 ? A ASN 149 
27 1 Y 1 A ASN 150 ? A ASN 150 
28 1 Y 1 A GLY 151 ? A GLY 151 
29 1 Y 1 A ASN 152 ? A ASN 152 
30 1 Y 1 A PRO 153 ? A PRO 153 
31 1 Y 1 A LEU 154 ? A LEU 154 
32 1 Y 1 A ASP 155 ? A ASP 155 
33 1 Y 1 A ALA 156 ? A ALA 156 
34 1 Y 1 A VAL 157 ? A VAL 157 
35 1 Y 1 A GLN 158 ? A GLN 158 
36 1 Y 1 A GLN 159 ? A GLN 159 
# 
loop_
_chem_comp_atom.comp_id 
_chem_comp_atom.atom_id 
_chem_comp_atom.type_symbol 
_chem_comp_atom.pdbx_aromatic_flag 
_chem_comp_atom.pdbx_stereo_config 
_chem_comp_atom.pdbx_ordinal 
6IR C1   C  N N 1   
6IR N1   N  N N 2   
6IR O1   O  N N 3   
6IR S1   S  N N 4   
6IR C2   C  N R 5   
6IR N2   N  N N 6   
6IR O2   O  N N 7   
6IR S2   S  N N 8   
6IR C3   C  N N 9   
6IR N3   N  N N 10  
6IR O3   O  N N 11  
6IR C4   C  N S 12  
6IR N4   N  N N 13  
6IR O4   O  N N 14  
6IR C5   C  N S 15  
6IR N5   N  N N 16  
6IR C6   C  N N 17  
6IR C7   C  N N 18  
6IR C8   C  N N 19  
6IR C9   C  N N 20  
6IR C10  C  N N 21  
6IR C11  C  Y N 22  
6IR C12  C  Y N 23  
6IR C13  C  Y N 24  
6IR C14  C  Y N 25  
6IR C15  C  Y N 26  
6IR C16  C  Y N 27  
6IR C27  C  N N 28  
6IR C28  C  N N 29  
6IR H1   H  N N 30  
6IR H2   H  N N 31  
6IR H3   H  N N 32  
6IR H4   H  N N 33  
6IR H5   H  N N 34  
6IR H6   H  N N 35  
6IR H7   H  N N 36  
6IR H8   H  N N 37  
6IR H9   H  N N 38  
6IR H10  H  N N 39  
6IR H11  H  N N 40  
6IR H13  H  N N 41  
6IR H14  H  N N 42  
6IR H15  H  N N 43  
6IR H16  H  N N 44  
6IR H17  H  N N 45  
6IR H18  H  N N 46  
6IR H19  H  N N 47  
6IR H20  H  N N 48  
6IR H21  H  N N 49  
6IR H22  H  N N 50  
6IR H23  H  N N 51  
6IR H24  H  N N 52  
6IR H25  H  N N 53  
6IR H26  H  N N 54  
6IR H27  H  N N 55  
6IR H28  H  N N 56  
ACT C    C  N N 57  
ACT O    O  N N 58  
ACT OXT  O  N N 59  
ACT CH3  C  N N 60  
ACT H1   H  N N 61  
ACT H2   H  N N 62  
ACT H3   H  N N 63  
ALA N    N  N N 64  
ALA CA   C  N S 65  
ALA C    C  N N 66  
ALA O    O  N N 67  
ALA CB   C  N N 68  
ALA OXT  O  N N 69  
ALA H    H  N N 70  
ALA H2   H  N N 71  
ALA HA   H  N N 72  
ALA HB1  H  N N 73  
ALA HB2  H  N N 74  
ALA HB3  H  N N 75  
ALA HXT  H  N N 76  
ARG N    N  N N 77  
ARG CA   C  N S 78  
ARG C    C  N N 79  
ARG O    O  N N 80  
ARG CB   C  N N 81  
ARG CG   C  N N 82  
ARG CD   C  N N 83  
ARG NE   N  N N 84  
ARG CZ   C  N N 85  
ARG NH1  N  N N 86  
ARG NH2  N  N N 87  
ARG OXT  O  N N 88  
ARG H    H  N N 89  
ARG H2   H  N N 90  
ARG HA   H  N N 91  
ARG HB2  H  N N 92  
ARG HB3  H  N N 93  
ARG HG2  H  N N 94  
ARG HG3  H  N N 95  
ARG HD2  H  N N 96  
ARG HD3  H  N N 97  
ARG HE   H  N N 98  
ARG HH11 H  N N 99  
ARG HH12 H  N N 100 
ARG HH21 H  N N 101 
ARG HH22 H  N N 102 
ARG HXT  H  N N 103 
ASN N    N  N N 104 
ASN CA   C  N S 105 
ASN C    C  N N 106 
ASN O    O  N N 107 
ASN CB   C  N N 108 
ASN CG   C  N N 109 
ASN OD1  O  N N 110 
ASN ND2  N  N N 111 
ASN OXT  O  N N 112 
ASN H    H  N N 113 
ASN H2   H  N N 114 
ASN HA   H  N N 115 
ASN HB2  H  N N 116 
ASN HB3  H  N N 117 
ASN HD21 H  N N 118 
ASN HD22 H  N N 119 
ASN HXT  H  N N 120 
ASP N    N  N N 121 
ASP CA   C  N S 122 
ASP C    C  N N 123 
ASP O    O  N N 124 
ASP CB   C  N N 125 
ASP CG   C  N N 126 
ASP OD1  O  N N 127 
ASP OD2  O  N N 128 
ASP OXT  O  N N 129 
ASP H    H  N N 130 
ASP H2   H  N N 131 
ASP HA   H  N N 132 
ASP HB2  H  N N 133 
ASP HB3  H  N N 134 
ASP HD2  H  N N 135 
ASP HXT  H  N N 136 
GLN N    N  N N 137 
GLN CA   C  N S 138 
GLN C    C  N N 139 
GLN O    O  N N 140 
GLN CB   C  N N 141 
GLN CG   C  N N 142 
GLN CD   C  N N 143 
GLN OE1  O  N N 144 
GLN NE2  N  N N 145 
GLN OXT  O  N N 146 
GLN H    H  N N 147 
GLN H2   H  N N 148 
GLN HA   H  N N 149 
GLN HB2  H  N N 150 
GLN HB3  H  N N 151 
GLN HG2  H  N N 152 
GLN HG3  H  N N 153 
GLN HE21 H  N N 154 
GLN HE22 H  N N 155 
GLN HXT  H  N N 156 
GLU N    N  N N 157 
GLU CA   C  N S 158 
GLU C    C  N N 159 
GLU O    O  N N 160 
GLU CB   C  N N 161 
GLU CG   C  N N 162 
GLU CD   C  N N 163 
GLU OE1  O  N N 164 
GLU OE2  O  N N 165 
GLU OXT  O  N N 166 
GLU H    H  N N 167 
GLU H2   H  N N 168 
GLU HA   H  N N 169 
GLU HB2  H  N N 170 
GLU HB3  H  N N 171 
GLU HG2  H  N N 172 
GLU HG3  H  N N 173 
GLU HE2  H  N N 174 
GLU HXT  H  N N 175 
GLY N    N  N N 176 
GLY CA   C  N N 177 
GLY C    C  N N 178 
GLY O    O  N N 179 
GLY OXT  O  N N 180 
GLY H    H  N N 181 
GLY H2   H  N N 182 
GLY HA2  H  N N 183 
GLY HA3  H  N N 184 
GLY HXT  H  N N 185 
HIS N    N  N N 186 
HIS CA   C  N S 187 
HIS C    C  N N 188 
HIS O    O  N N 189 
HIS CB   C  N N 190 
HIS CG   C  Y N 191 
HIS ND1  N  Y N 192 
HIS CD2  C  Y N 193 
HIS CE1  C  Y N 194 
HIS NE2  N  Y N 195 
HIS OXT  O  N N 196 
HIS H    H  N N 197 
HIS H2   H  N N 198 
HIS HA   H  N N 199 
HIS HB2  H  N N 200 
HIS HB3  H  N N 201 
HIS HD1  H  N N 202 
HIS HD2  H  N N 203 
HIS HE1  H  N N 204 
HIS HE2  H  N N 205 
HIS HXT  H  N N 206 
HOH O    O  N N 207 
HOH H1   H  N N 208 
HOH H2   H  N N 209 
ILE N    N  N N 210 
ILE CA   C  N S 211 
ILE C    C  N N 212 
ILE O    O  N N 213 
ILE CB   C  N S 214 
ILE CG1  C  N N 215 
ILE CG2  C  N N 216 
ILE CD1  C  N N 217 
ILE OXT  O  N N 218 
ILE H    H  N N 219 
ILE H2   H  N N 220 
ILE HA   H  N N 221 
ILE HB   H  N N 222 
ILE HG12 H  N N 223 
ILE HG13 H  N N 224 
ILE HG21 H  N N 225 
ILE HG22 H  N N 226 
ILE HG23 H  N N 227 
ILE HD11 H  N N 228 
ILE HD12 H  N N 229 
ILE HD13 H  N N 230 
ILE HXT  H  N N 231 
IR  IR   IR N N 232 
LEU N    N  N N 233 
LEU CA   C  N S 234 
LEU C    C  N N 235 
LEU O    O  N N 236 
LEU CB   C  N N 237 
LEU CG   C  N N 238 
LEU CD1  C  N N 239 
LEU CD2  C  N N 240 
LEU OXT  O  N N 241 
LEU H    H  N N 242 
LEU H2   H  N N 243 
LEU HA   H  N N 244 
LEU HB2  H  N N 245 
LEU HB3  H  N N 246 
LEU HG   H  N N 247 
LEU HD11 H  N N 248 
LEU HD12 H  N N 249 
LEU HD13 H  N N 250 
LEU HD21 H  N N 251 
LEU HD22 H  N N 252 
LEU HD23 H  N N 253 
LEU HXT  H  N N 254 
LYS N    N  N N 255 
LYS CA   C  N S 256 
LYS C    C  N N 257 
LYS O    O  N N 258 
LYS CB   C  N N 259 
LYS CG   C  N N 260 
LYS CD   C  N N 261 
LYS CE   C  N N 262 
LYS NZ   N  N N 263 
LYS OXT  O  N N 264 
LYS H    H  N N 265 
LYS H2   H  N N 266 
LYS HA   H  N N 267 
LYS HB2  H  N N 268 
LYS HB3  H  N N 269 
LYS HG2  H  N N 270 
LYS HG3  H  N N 271 
LYS HD2  H  N N 272 
LYS HD3  H  N N 273 
LYS HE2  H  N N 274 
LYS HE3  H  N N 275 
LYS HZ1  H  N N 276 
LYS HZ2  H  N N 277 
LYS HZ3  H  N N 278 
LYS HXT  H  N N 279 
MET N    N  N N 280 
MET CA   C  N S 281 
MET C    C  N N 282 
MET O    O  N N 283 
MET CB   C  N N 284 
MET CG   C  N N 285 
MET SD   S  N N 286 
MET CE   C  N N 287 
MET OXT  O  N N 288 
MET H    H  N N 289 
MET H2   H  N N 290 
MET HA   H  N N 291 
MET HB2  H  N N 292 
MET HB3  H  N N 293 
MET HG2  H  N N 294 
MET HG3  H  N N 295 
MET HE1  H  N N 296 
MET HE2  H  N N 297 
MET HE3  H  N N 298 
MET HXT  H  N N 299 
PHE N    N  N N 300 
PHE CA   C  N S 301 
PHE C    C  N N 302 
PHE O    O  N N 303 
PHE CB   C  N N 304 
PHE CG   C  Y N 305 
PHE CD1  C  Y N 306 
PHE CD2  C  Y N 307 
PHE CE1  C  Y N 308 
PHE CE2  C  Y N 309 
PHE CZ   C  Y N 310 
PHE OXT  O  N N 311 
PHE H    H  N N 312 
PHE H2   H  N N 313 
PHE HA   H  N N 314 
PHE HB2  H  N N 315 
PHE HB3  H  N N 316 
PHE HD1  H  N N 317 
PHE HD2  H  N N 318 
PHE HE1  H  N N 319 
PHE HE2  H  N N 320 
PHE HZ   H  N N 321 
PHE HXT  H  N N 322 
PRO N    N  N N 323 
PRO CA   C  N S 324 
PRO C    C  N N 325 
PRO O    O  N N 326 
PRO CB   C  N N 327 
PRO CG   C  N N 328 
PRO CD   C  N N 329 
PRO OXT  O  N N 330 
PRO H    H  N N 331 
PRO HA   H  N N 332 
PRO HB2  H  N N 333 
PRO HB3  H  N N 334 
PRO HG2  H  N N 335 
PRO HG3  H  N N 336 
PRO HD2  H  N N 337 
PRO HD3  H  N N 338 
PRO HXT  H  N N 339 
SER N    N  N N 340 
SER CA   C  N S 341 
SER C    C  N N 342 
SER O    O  N N 343 
SER CB   C  N N 344 
SER OG   O  N N 345 
SER OXT  O  N N 346 
SER H    H  N N 347 
SER H2   H  N N 348 
SER HA   H  N N 349 
SER HB2  H  N N 350 
SER HB3  H  N N 351 
SER HG   H  N N 352 
SER HXT  H  N N 353 
SO4 S    S  N N 354 
SO4 O1   O  N N 355 
SO4 O2   O  N N 356 
SO4 O3   O  N N 357 
SO4 O4   O  N N 358 
THR N    N  N N 359 
THR CA   C  N S 360 
THR C    C  N N 361 
THR O    O  N N 362 
THR CB   C  N R 363 
THR OG1  O  N N 364 
THR CG2  C  N N 365 
THR OXT  O  N N 366 
THR H    H  N N 367 
THR H2   H  N N 368 
THR HA   H  N N 369 
THR HB   H  N N 370 
THR HG1  H  N N 371 
THR HG21 H  N N 372 
THR HG22 H  N N 373 
THR HG23 H  N N 374 
THR HXT  H  N N 375 
TRP N    N  N N 376 
TRP CA   C  N S 377 
TRP C    C  N N 378 
TRP O    O  N N 379 
TRP CB   C  N N 380 
TRP CG   C  Y N 381 
TRP CD1  C  Y N 382 
TRP CD2  C  Y N 383 
TRP NE1  N  Y N 384 
TRP CE2  C  Y N 385 
TRP CE3  C  Y N 386 
TRP CZ2  C  Y N 387 
TRP CZ3  C  Y N 388 
TRP CH2  C  Y N 389 
TRP OXT  O  N N 390 
TRP H    H  N N 391 
TRP H2   H  N N 392 
TRP HA   H  N N 393 
TRP HB2  H  N N 394 
TRP HB3  H  N N 395 
TRP HD1  H  N N 396 
TRP HE1  H  N N 397 
TRP HE3  H  N N 398 
TRP HZ2  H  N N 399 
TRP HZ3  H  N N 400 
TRP HH2  H  N N 401 
TRP HXT  H  N N 402 
TYR N    N  N N 403 
TYR CA   C  N S 404 
TYR C    C  N N 405 
TYR O    O  N N 406 
TYR CB   C  N N 407 
TYR CG   C  Y N 408 
TYR CD1  C  Y N 409 
TYR CD2  C  Y N 410 
TYR CE1  C  Y N 411 
TYR CE2  C  Y N 412 
TYR CZ   C  Y N 413 
TYR OH   O  N N 414 
TYR OXT  O  N N 415 
TYR H    H  N N 416 
TYR H2   H  N N 417 
TYR HA   H  N N 418 
TYR HB2  H  N N 419 
TYR HB3  H  N N 420 
TYR HD1  H  N N 421 
TYR HD2  H  N N 422 
TYR HE1  H  N N 423 
TYR HE2  H  N N 424 
TYR HH   H  N N 425 
TYR HXT  H  N N 426 
VAL N    N  N N 427 
VAL CA   C  N S 428 
VAL C    C  N N 429 
VAL O    O  N N 430 
VAL CB   C  N N 431 
VAL CG1  C  N N 432 
VAL CG2  C  N N 433 
VAL OXT  O  N N 434 
VAL H    H  N N 435 
VAL H2   H  N N 436 
VAL HA   H  N N 437 
VAL HB   H  N N 438 
VAL HG11 H  N N 439 
VAL HG12 H  N N 440 
VAL HG13 H  N N 441 
VAL HG21 H  N N 442 
VAL HG22 H  N N 443 
VAL HG23 H  N N 444 
VAL HXT  H  N N 445 
# 
loop_
_chem_comp_bond.comp_id 
_chem_comp_bond.atom_id_1 
_chem_comp_bond.atom_id_2 
_chem_comp_bond.value_order 
_chem_comp_bond.pdbx_aromatic_flag 
_chem_comp_bond.pdbx_stereo_config 
_chem_comp_bond.pdbx_ordinal 
6IR C28 N5   sing N N 1   
6IR C28 C27  sing N N 2   
6IR C27 N4   sing N N 3   
6IR N4  S2   sing N N 4   
6IR O4  S2   doub N N 5   
6IR S2  O3   doub N N 6   
6IR S2  C16  sing N N 7   
6IR C13 C16  doub Y N 8   
6IR C13 C12  sing Y N 9   
6IR C16 C15  sing Y N 10  
6IR C12 C11  doub Y N 11  
6IR C15 C14  doub Y N 12  
6IR O2  C10  doub N N 13  
6IR C11 C14  sing Y N 14  
6IR C11 N3   sing N N 15  
6IR C10 N3   sing N N 16  
6IR C10 C9   sing N N 17  
6IR C9  C8   sing N N 18  
6IR C8  C7   sing N N 19  
6IR C7  C6   sing N N 20  
6IR C6  C5   sing N N 21  
6IR C5  C4   sing N N 22  
6IR C5  S1   sing N N 23  
6IR N2  C4   sing N N 24  
6IR N2  C1   sing N N 25  
6IR C4  C2   sing N N 26  
6IR S1  C3   sing N N 27  
6IR C1  O1   doub N N 28  
6IR C1  N1   sing N N 29  
6IR C2  C3   sing N N 30  
6IR C2  N1   sing N N 31  
6IR N1  H1   sing N N 32  
6IR C2  H2   sing N N 33  
6IR N2  H3   sing N N 34  
6IR C3  H4   sing N N 35  
6IR C3  H5   sing N N 36  
6IR N3  H6   sing N N 37  
6IR C4  H7   sing N N 38  
6IR N4  H8   sing N N 39  
6IR C5  H9   sing N N 40  
6IR N5  H10  sing N N 41  
6IR N5  H11  sing N N 42  
6IR C6  H13  sing N N 43  
6IR C6  H14  sing N N 44  
6IR C7  H15  sing N N 45  
6IR C7  H16  sing N N 46  
6IR C8  H17  sing N N 47  
6IR C8  H18  sing N N 48  
6IR C9  H19  sing N N 49  
6IR C9  H20  sing N N 50  
6IR C12 H21  sing N N 51  
6IR C13 H22  sing N N 52  
6IR C14 H23  sing N N 53  
6IR C15 H24  sing N N 54  
6IR C27 H25  sing N N 55  
6IR C27 H26  sing N N 56  
6IR C28 H27  sing N N 57  
6IR C28 H28  sing N N 58  
ACT C   O    doub N N 59  
ACT C   OXT  sing N N 60  
ACT C   CH3  sing N N 61  
ACT CH3 H1   sing N N 62  
ACT CH3 H2   sing N N 63  
ACT CH3 H3   sing N N 64  
ALA N   CA   sing N N 65  
ALA N   H    sing N N 66  
ALA N   H2   sing N N 67  
ALA CA  C    sing N N 68  
ALA CA  CB   sing N N 69  
ALA CA  HA   sing N N 70  
ALA C   O    doub N N 71  
ALA C   OXT  sing N N 72  
ALA CB  HB1  sing N N 73  
ALA CB  HB2  sing N N 74  
ALA CB  HB3  sing N N 75  
ALA OXT HXT  sing N N 76  
ARG N   CA   sing N N 77  
ARG N   H    sing N N 78  
ARG N   H2   sing N N 79  
ARG CA  C    sing N N 80  
ARG CA  CB   sing N N 81  
ARG CA  HA   sing N N 82  
ARG C   O    doub N N 83  
ARG C   OXT  sing N N 84  
ARG CB  CG   sing N N 85  
ARG CB  HB2  sing N N 86  
ARG CB  HB3  sing N N 87  
ARG CG  CD   sing N N 88  
ARG CG  HG2  sing N N 89  
ARG CG  HG3  sing N N 90  
ARG CD  NE   sing N N 91  
ARG CD  HD2  sing N N 92  
ARG CD  HD3  sing N N 93  
ARG NE  CZ   sing N N 94  
ARG NE  HE   sing N N 95  
ARG CZ  NH1  sing N N 96  
ARG CZ  NH2  doub N N 97  
ARG NH1 HH11 sing N N 98  
ARG NH1 HH12 sing N N 99  
ARG NH2 HH21 sing N N 100 
ARG NH2 HH22 sing N N 101 
ARG OXT HXT  sing N N 102 
ASN N   CA   sing N N 103 
ASN N   H    sing N N 104 
ASN N   H2   sing N N 105 
ASN CA  C    sing N N 106 
ASN CA  CB   sing N N 107 
ASN CA  HA   sing N N 108 
ASN C   O    doub N N 109 
ASN C   OXT  sing N N 110 
ASN CB  CG   sing N N 111 
ASN CB  HB2  sing N N 112 
ASN CB  HB3  sing N N 113 
ASN CG  OD1  doub N N 114 
ASN CG  ND2  sing N N 115 
ASN ND2 HD21 sing N N 116 
ASN ND2 HD22 sing N N 117 
ASN OXT HXT  sing N N 118 
ASP N   CA   sing N N 119 
ASP N   H    sing N N 120 
ASP N   H2   sing N N 121 
ASP CA  C    sing N N 122 
ASP CA  CB   sing N N 123 
ASP CA  HA   sing N N 124 
ASP C   O    doub N N 125 
ASP C   OXT  sing N N 126 
ASP CB  CG   sing N N 127 
ASP CB  HB2  sing N N 128 
ASP CB  HB3  sing N N 129 
ASP CG  OD1  doub N N 130 
ASP CG  OD2  sing N N 131 
ASP OD2 HD2  sing N N 132 
ASP OXT HXT  sing N N 133 
GLN N   CA   sing N N 134 
GLN N   H    sing N N 135 
GLN N   H2   sing N N 136 
GLN CA  C    sing N N 137 
GLN CA  CB   sing N N 138 
GLN CA  HA   sing N N 139 
GLN C   O    doub N N 140 
GLN C   OXT  sing N N 141 
GLN CB  CG   sing N N 142 
GLN CB  HB2  sing N N 143 
GLN CB  HB3  sing N N 144 
GLN CG  CD   sing N N 145 
GLN CG  HG2  sing N N 146 
GLN CG  HG3  sing N N 147 
GLN CD  OE1  doub N N 148 
GLN CD  NE2  sing N N 149 
GLN NE2 HE21 sing N N 150 
GLN NE2 HE22 sing N N 151 
GLN OXT HXT  sing N N 152 
GLU N   CA   sing N N 153 
GLU N   H    sing N N 154 
GLU N   H2   sing N N 155 
GLU CA  C    sing N N 156 
GLU CA  CB   sing N N 157 
GLU CA  HA   sing N N 158 
GLU C   O    doub N N 159 
GLU C   OXT  sing N N 160 
GLU CB  CG   sing N N 161 
GLU CB  HB2  sing N N 162 
GLU CB  HB3  sing N N 163 
GLU CG  CD   sing N N 164 
GLU CG  HG2  sing N N 165 
GLU CG  HG3  sing N N 166 
GLU CD  OE1  doub N N 167 
GLU CD  OE2  sing N N 168 
GLU OE2 HE2  sing N N 169 
GLU OXT HXT  sing N N 170 
GLY N   CA   sing N N 171 
GLY N   H    sing N N 172 
GLY N   H2   sing N N 173 
GLY CA  C    sing N N 174 
GLY CA  HA2  sing N N 175 
GLY CA  HA3  sing N N 176 
GLY C   O    doub N N 177 
GLY C   OXT  sing N N 178 
GLY OXT HXT  sing N N 179 
HIS N   CA   sing N N 180 
HIS N   H    sing N N 181 
HIS N   H2   sing N N 182 
HIS CA  C    sing N N 183 
HIS CA  CB   sing N N 184 
HIS CA  HA   sing N N 185 
HIS C   O    doub N N 186 
HIS C   OXT  sing N N 187 
HIS CB  CG   sing N N 188 
HIS CB  HB2  sing N N 189 
HIS CB  HB3  sing N N 190 
HIS CG  ND1  sing Y N 191 
HIS CG  CD2  doub Y N 192 
HIS ND1 CE1  doub Y N 193 
HIS ND1 HD1  sing N N 194 
HIS CD2 NE2  sing Y N 195 
HIS CD2 HD2  sing N N 196 
HIS CE1 NE2  sing Y N 197 
HIS CE1 HE1  sing N N 198 
HIS NE2 HE2  sing N N 199 
HIS OXT HXT  sing N N 200 
HOH O   H1   sing N N 201 
HOH O   H2   sing N N 202 
ILE N   CA   sing N N 203 
ILE N   H    sing N N 204 
ILE N   H2   sing N N 205 
ILE CA  C    sing N N 206 
ILE CA  CB   sing N N 207 
ILE CA  HA   sing N N 208 
ILE C   O    doub N N 209 
ILE C   OXT  sing N N 210 
ILE CB  CG1  sing N N 211 
ILE CB  CG2  sing N N 212 
ILE CB  HB   sing N N 213 
ILE CG1 CD1  sing N N 214 
ILE CG1 HG12 sing N N 215 
ILE CG1 HG13 sing N N 216 
ILE CG2 HG21 sing N N 217 
ILE CG2 HG22 sing N N 218 
ILE CG2 HG23 sing N N 219 
ILE CD1 HD11 sing N N 220 
ILE CD1 HD12 sing N N 221 
ILE CD1 HD13 sing N N 222 
ILE OXT HXT  sing N N 223 
LEU N   CA   sing N N 224 
LEU N   H    sing N N 225 
LEU N   H2   sing N N 226 
LEU CA  C    sing N N 227 
LEU CA  CB   sing N N 228 
LEU CA  HA   sing N N 229 
LEU C   O    doub N N 230 
LEU C   OXT  sing N N 231 
LEU CB  CG   sing N N 232 
LEU CB  HB2  sing N N 233 
LEU CB  HB3  sing N N 234 
LEU CG  CD1  sing N N 235 
LEU CG  CD2  sing N N 236 
LEU CG  HG   sing N N 237 
LEU CD1 HD11 sing N N 238 
LEU CD1 HD12 sing N N 239 
LEU CD1 HD13 sing N N 240 
LEU CD2 HD21 sing N N 241 
LEU CD2 HD22 sing N N 242 
LEU CD2 HD23 sing N N 243 
LEU OXT HXT  sing N N 244 
LYS N   CA   sing N N 245 
LYS N   H    sing N N 246 
LYS N   H2   sing N N 247 
LYS CA  C    sing N N 248 
LYS CA  CB   sing N N 249 
LYS CA  HA   sing N N 250 
LYS C   O    doub N N 251 
LYS C   OXT  sing N N 252 
LYS CB  CG   sing N N 253 
LYS CB  HB2  sing N N 254 
LYS CB  HB3  sing N N 255 
LYS CG  CD   sing N N 256 
LYS CG  HG2  sing N N 257 
LYS CG  HG3  sing N N 258 
LYS CD  CE   sing N N 259 
LYS CD  HD2  sing N N 260 
LYS CD  HD3  sing N N 261 
LYS CE  NZ   sing N N 262 
LYS CE  HE2  sing N N 263 
LYS CE  HE3  sing N N 264 
LYS NZ  HZ1  sing N N 265 
LYS NZ  HZ2  sing N N 266 
LYS NZ  HZ3  sing N N 267 
LYS OXT HXT  sing N N 268 
MET N   CA   sing N N 269 
MET N   H    sing N N 270 
MET N   H2   sing N N 271 
MET CA  C    sing N N 272 
MET CA  CB   sing N N 273 
MET CA  HA   sing N N 274 
MET C   O    doub N N 275 
MET C   OXT  sing N N 276 
MET CB  CG   sing N N 277 
MET CB  HB2  sing N N 278 
MET CB  HB3  sing N N 279 
MET CG  SD   sing N N 280 
MET CG  HG2  sing N N 281 
MET CG  HG3  sing N N 282 
MET SD  CE   sing N N 283 
MET CE  HE1  sing N N 284 
MET CE  HE2  sing N N 285 
MET CE  HE3  sing N N 286 
MET OXT HXT  sing N N 287 
PHE N   CA   sing N N 288 
PHE N   H    sing N N 289 
PHE N   H2   sing N N 290 
PHE CA  C    sing N N 291 
PHE CA  CB   sing N N 292 
PHE CA  HA   sing N N 293 
PHE C   O    doub N N 294 
PHE C   OXT  sing N N 295 
PHE CB  CG   sing N N 296 
PHE CB  HB2  sing N N 297 
PHE CB  HB3  sing N N 298 
PHE CG  CD1  doub Y N 299 
PHE CG  CD2  sing Y N 300 
PHE CD1 CE1  sing Y N 301 
PHE CD1 HD1  sing N N 302 
PHE CD2 CE2  doub Y N 303 
PHE CD2 HD2  sing N N 304 
PHE CE1 CZ   doub Y N 305 
PHE CE1 HE1  sing N N 306 
PHE CE2 CZ   sing Y N 307 
PHE CE2 HE2  sing N N 308 
PHE CZ  HZ   sing N N 309 
PHE OXT HXT  sing N N 310 
PRO N   CA   sing N N 311 
PRO N   CD   sing N N 312 
PRO N   H    sing N N 313 
PRO CA  C    sing N N 314 
PRO CA  CB   sing N N 315 
PRO CA  HA   sing N N 316 
PRO C   O    doub N N 317 
PRO C   OXT  sing N N 318 
PRO CB  CG   sing N N 319 
PRO CB  HB2  sing N N 320 
PRO CB  HB3  sing N N 321 
PRO CG  CD   sing N N 322 
PRO CG  HG2  sing N N 323 
PRO CG  HG3  sing N N 324 
PRO CD  HD2  sing N N 325 
PRO CD  HD3  sing N N 326 
PRO OXT HXT  sing N N 327 
SER N   CA   sing N N 328 
SER N   H    sing N N 329 
SER N   H2   sing N N 330 
SER CA  C    sing N N 331 
SER CA  CB   sing N N 332 
SER CA  HA   sing N N 333 
SER C   O    doub N N 334 
SER C   OXT  sing N N 335 
SER CB  OG   sing N N 336 
SER CB  HB2  sing N N 337 
SER CB  HB3  sing N N 338 
SER OG  HG   sing N N 339 
SER OXT HXT  sing N N 340 
SO4 S   O1   doub N N 341 
SO4 S   O2   doub N N 342 
SO4 S   O3   sing N N 343 
SO4 S   O4   sing N N 344 
THR N   CA   sing N N 345 
THR N   H    sing N N 346 
THR N   H2   sing N N 347 
THR CA  C    sing N N 348 
THR CA  CB   sing N N 349 
THR CA  HA   sing N N 350 
THR C   O    doub N N 351 
THR C   OXT  sing N N 352 
THR CB  OG1  sing N N 353 
THR CB  CG2  sing N N 354 
THR CB  HB   sing N N 355 
THR OG1 HG1  sing N N 356 
THR CG2 HG21 sing N N 357 
THR CG2 HG22 sing N N 358 
THR CG2 HG23 sing N N 359 
THR OXT HXT  sing N N 360 
TRP N   CA   sing N N 361 
TRP N   H    sing N N 362 
TRP N   H2   sing N N 363 
TRP CA  C    sing N N 364 
TRP CA  CB   sing N N 365 
TRP CA  HA   sing N N 366 
TRP C   O    doub N N 367 
TRP C   OXT  sing N N 368 
TRP CB  CG   sing N N 369 
TRP CB  HB2  sing N N 370 
TRP CB  HB3  sing N N 371 
TRP CG  CD1  doub Y N 372 
TRP CG  CD2  sing Y N 373 
TRP CD1 NE1  sing Y N 374 
TRP CD1 HD1  sing N N 375 
TRP CD2 CE2  doub Y N 376 
TRP CD2 CE3  sing Y N 377 
TRP NE1 CE2  sing Y N 378 
TRP NE1 HE1  sing N N 379 
TRP CE2 CZ2  sing Y N 380 
TRP CE3 CZ3  doub Y N 381 
TRP CE3 HE3  sing N N 382 
TRP CZ2 CH2  doub Y N 383 
TRP CZ2 HZ2  sing N N 384 
TRP CZ3 CH2  sing Y N 385 
TRP CZ3 HZ3  sing N N 386 
TRP CH2 HH2  sing N N 387 
TRP OXT HXT  sing N N 388 
TYR N   CA   sing N N 389 
TYR N   H    sing N N 390 
TYR N   H2   sing N N 391 
TYR CA  C    sing N N 392 
TYR CA  CB   sing N N 393 
TYR CA  HA   sing N N 394 
TYR C   O    doub N N 395 
TYR C   OXT  sing N N 396 
TYR CB  CG   sing N N 397 
TYR CB  HB2  sing N N 398 
TYR CB  HB3  sing N N 399 
TYR CG  CD1  doub Y N 400 
TYR CG  CD2  sing Y N 401 
TYR CD1 CE1  sing Y N 402 
TYR CD1 HD1  sing N N 403 
TYR CD2 CE2  doub Y N 404 
TYR CD2 HD2  sing N N 405 
TYR CE1 CZ   doub Y N 406 
TYR CE1 HE1  sing N N 407 
TYR CE2 CZ   sing Y N 408 
TYR CE2 HE2  sing N N 409 
TYR CZ  OH   sing N N 410 
TYR OH  HH   sing N N 411 
TYR OXT HXT  sing N N 412 
VAL N   CA   sing N N 413 
VAL N   H    sing N N 414 
VAL N   H2   sing N N 415 
VAL CA  C    sing N N 416 
VAL CA  CB   sing N N 417 
VAL CA  HA   sing N N 418 
VAL C   O    doub N N 419 
VAL C   OXT  sing N N 420 
VAL CB  CG1  sing N N 421 
VAL CB  CG2  sing N N 422 
VAL CB  HB   sing N N 423 
VAL CG1 HG11 sing N N 424 
VAL CG1 HG12 sing N N 425 
VAL CG1 HG13 sing N N 426 
VAL CG2 HG21 sing N N 427 
VAL CG2 HG22 sing N N 428 
VAL CG2 HG23 sing N N 429 
VAL OXT HXT  sing N N 430 
# 
_pdbx_initial_refinement_model.id               1 
_pdbx_initial_refinement_model.entity_id_list   ? 
_pdbx_initial_refinement_model.type             'experimental model' 
_pdbx_initial_refinement_model.source_name      PDB 
_pdbx_initial_refinement_model.accession_code   2QCB 
_pdbx_initial_refinement_model.details          ? 
# 
_atom_sites.entry_id                    6ESU 
_atom_sites.fract_transf_matrix[1][1]   -0.01597851 
_atom_sites.fract_transf_matrix[1][2]   0.00375527 
_atom_sites.fract_transf_matrix[1][3]   -0.00546899 
_atom_sites.fract_transf_matrix[2][1]   0.00554549 
_atom_sites.fract_transf_matrix[2][2]   -0.00026793 
_atom_sites.fract_transf_matrix[2][3]   -0.01638598 
_atom_sites.fract_transf_matrix[3][1]   -0.00118053 
_atom_sites.fract_transf_matrix[3][2]   -0.00547459 
_atom_sites.fract_transf_matrix[3][3]   -0.00031001 
_atom_sites.fract_transf_vector[1]      0.241482 
_atom_sites.fract_transf_vector[2]      0.428037 
_atom_sites.fract_transf_vector[3]      -0.010600 
# 
loop_
_atom_type.symbol 
C  
IR 
N  
O  
S  
# 
loop_
_atom_site.group_PDB 
_atom_site.id 
_atom_site.type_symbol 
_atom_site.label_atom_id 
_atom_site.label_alt_id 
_atom_site.label_comp_id 
_atom_site.label_asym_id 
_atom_site.label_entity_id 
_atom_site.label_seq_id 
_atom_site.pdbx_PDB_ins_code 
_atom_site.Cartn_x 
_atom_site.Cartn_y 
_atom_site.Cartn_z 
_atom_site.occupancy 
_atom_site.B_iso_or_equiv 
_atom_site.pdbx_formal_charge 
_atom_site.auth_seq_id 
_atom_site.auth_comp_id 
_atom_site.auth_asym_id 
_atom_site.auth_atom_id 
_atom_site.pdbx_PDB_model_num 
ATOM   1    N  N   . ASP A 1 13  ? 4.881   -17.059 2.842   1.00 81.30  ? 13  ASP A N   1 
ATOM   2    C  CA  . ASP A 1 13  ? 4.763   -15.702 2.232   1.00 74.32  ? 13  ASP A CA  1 
ATOM   3    C  C   . ASP A 1 13  ? 5.137   -14.608 3.238   1.00 68.83  ? 13  ASP A C   1 
ATOM   4    O  O   . ASP A 1 13  ? 5.466   -13.497 2.846   1.00 62.78  ? 13  ASP A O   1 
ATOM   5    C  CB  . ASP A 1 13  ? 3.358   -15.492 1.590   1.00 80.27  ? 13  ASP A CB  1 
ATOM   6    C  CG  . ASP A 1 13  ? 3.171   -16.273 0.244   1.00 83.53  ? 13  ASP A CG  1 
ATOM   7    O  OD1 . ASP A 1 13  ? 3.900   -17.229 -0.068  1.00 81.04  ? 13  ASP A OD1 1 
ATOM   8    O  OD2 . ASP A 1 13  ? 2.283   -15.931 -0.547  1.00 95.92  ? 13  ASP A OD2 1 
ATOM   9    N  N   . GLU A 1 14  ? 5.119   -14.901 4.537   1.00 63.23  ? 14  GLU A N   1 
ATOM   10   C  CA  . GLU A 1 14  ? 5.594   -13.930 5.511   1.00 62.40  ? 14  GLU A CA  1 
ATOM   11   C  C   . GLU A 1 14  ? 7.003   -13.348 5.165   1.00 65.53  ? 14  GLU A C   1 
ATOM   12   O  O   . GLU A 1 14  ? 7.275   -12.130 5.279   1.00 63.78  ? 14  GLU A O   1 
ATOM   13   C  CB  . GLU A 1 14  ? 5.600   -14.585 6.909   1.00 61.60  ? 14  GLU A CB  1 
ATOM   14   C  CG  . GLU A 1 14  ? 6.312   -13.754 7.987   1.00 65.96  ? 14  GLU A CG  1 
ATOM   15   C  CD  . GLU A 1 14  ? 6.093   -14.279 9.383   1.00 69.89  ? 14  GLU A CD  1 
ATOM   16   O  OE1 . GLU A 1 14  ? 6.218   -13.484 10.333  1.00 67.50  ? 14  GLU A OE1 1 
ATOM   17   O  OE2 . GLU A 1 14  ? 5.779   -15.479 9.538   1.00 80.36  ? 14  GLU A OE2 1 
ATOM   18   N  N   . ALA A 1 15  ? 7.905   -14.260 4.801   1.00 71.76  ? 15  ALA A N   1 
ATOM   19   C  CA  . ALA A 1 15  ? 9.305   -13.931 4.500   1.00 70.68  ? 15  ALA A CA  1 
ATOM   20   C  C   . ALA A 1 15  ? 9.363   -13.187 3.175   1.00 62.65  ? 15  ALA A C   1 
ATOM   21   O  O   . ALA A 1 15  ? 10.093  -12.200 3.040   1.00 70.51  ? 15  ALA A O   1 
ATOM   22   C  CB  . ALA A 1 15  ? 10.142  -15.217 4.438   1.00 69.27  ? 15  ALA A CB  1 
ATOM   23   N  N   . GLY A 1 16  ? 8.558   -13.667 2.219   1.00 56.20  ? 16  GLY A N   1 
ATOM   24   C  CA  . GLY A 1 16  ? 8.393   -13.041 0.923   1.00 54.79  ? 16  GLY A CA  1 
ATOM   25   C  C   . GLY A 1 16  ? 8.028   -11.567 1.049   1.00 50.06  ? 16  GLY A C   1 
ATOM   26   O  O   . GLY A 1 16  ? 8.620   -10.729 0.399   1.00 45.51  ? 16  GLY A O   1 
ATOM   27   N  N   . ILE A 1 17  ? 7.072   -11.262 1.918   1.00 46.41  ? 17  ILE A N   1 
ATOM   28   C  CA  . ILE A 1 17  ? 6.472   -9.932  1.967   1.00 46.62  ? 17  ILE A CA  1 
ATOM   29   C  C   . ILE A 1 17  ? 7.304   -8.932  2.692   1.00 41.30  ? 17  ILE A C   1 
ATOM   30   O  O   . ILE A 1 17  ? 7.368   -7.775  2.310   1.00 43.85  ? 17  ILE A O   1 
ATOM   31   C  CB  . ILE A 1 17  ? 5.047   -9.991  2.592   1.00 46.80  ? 17  ILE A CB  1 
ATOM   32   C  CG1 . ILE A 1 17  ? 4.123   -10.740 1.652   1.00 48.15  ? 17  ILE A CG1 1 
ATOM   33   C  CG2 . ILE A 1 17  ? 4.444   -8.606  2.867   1.00 46.56  ? 17  ILE A CG2 1 
ATOM   34   C  CD1 . ILE A 1 17  ? 2.863   -11.278 2.314   1.00 54.09  ? 17  ILE A CD1 1 
ATOM   35   N  N   . THR A 1 18  ? 7.867   -9.337  3.818   1.00 44.96  ? 18  THR A N   1 
ATOM   36   C  CA  . THR A 1 18  ? 8.534   -8.434  4.721   1.00 48.33  ? 18  THR A CA  1 
ATOM   37   C  C   . THR A 1 18  ? 9.738   -7.811  3.975   1.00 52.09  ? 18  THR A C   1 
ATOM   38   O  O   . THR A 1 18  ? 10.457  -8.520  3.245   1.00 46.98  ? 18  THR A O   1 
ATOM   39   C  CB  . THR A 1 18  ? 9.052   -9.195  5.965   1.00 54.90  ? 18  THR A CB  1 
ATOM   40   O  OG1 . THR A 1 18  ? 7.939   -9.670  6.752   1.00 51.11  ? 18  THR A OG1 1 
ATOM   41   C  CG2 . THR A 1 18  ? 9.957   -8.302  6.809   1.00 56.28  ? 18  THR A CG2 1 
ATOM   42   N  N   . GLY A 1 19  ? 9.949   -6.509  4.160   1.00 44.15  ? 19  GLY A N   1 
ATOM   43   C  CA  . GLY A 1 19  ? 10.961  -5.817  3.367   1.00 45.71  ? 19  GLY A CA  1 
ATOM   44   C  C   . GLY A 1 19  ? 10.553  -4.501  2.757   1.00 46.68  ? 19  GLY A C   1 
ATOM   45   O  O   . GLY A 1 19  ? 9.479   -3.928  3.068   1.00 44.62  ? 19  GLY A O   1 
ATOM   46   N  N   . THR A 1 20  ? 11.374  -4.082  1.810   1.00 40.80  ? 20  THR A N   1 
ATOM   47   C  CA  . THR A 1 20  ? 11.192  -2.825  1.123   1.00 41.89  ? 20  THR A CA  1 
ATOM   48   C  C   . THR A 1 20  ? 10.785  -3.060  -0.302  1.00 42.96  ? 20  THR A C   1 
ATOM   49   O  O   . THR A 1 20  ? 11.374  -3.880  -1.014  1.00 48.94  ? 20  THR A O   1 
ATOM   50   C  CB  . THR A 1 20  ? 12.487  -1.988  1.175   1.00 46.48  ? 20  THR A CB  1 
ATOM   51   O  OG1 . THR A 1 20  ? 12.844  -1.781  2.543   1.00 49.51  ? 20  THR A OG1 1 
ATOM   52   C  CG2 . THR A 1 20  ? 12.301  -0.618  0.500   1.00 40.85  ? 20  THR A CG2 1 
ATOM   53   N  N   . TRP A 1 21  ? 9.712   -2.351  -0.699  1.00 40.40  ? 21  TRP A N   1 
ATOM   54   C  CA  . TRP A 1 21  ? 9.132   -2.424  -2.027  1.00 36.25  ? 21  TRP A CA  1 
ATOM   55   C  C   . TRP A 1 21  ? 9.066   -1.035  -2.678  1.00 34.95  ? 21  TRP A C   1 
ATOM   56   O  O   . TRP A 1 21  ? 9.059   -0.009  -1.966  1.00 36.10  ? 21  TRP A O   1 
ATOM   57   C  CB  . TRP A 1 21  ? 7.765   -2.988  -1.901  1.00 38.47  ? 21  TRP A CB  1 
ATOM   58   C  CG  . TRP A 1 21  ? 7.722   -4.423  -1.386  1.00 33.83  ? 21  TRP A CG  1 
ATOM   59   C  CD1 . TRP A 1 21  ? 7.731   -4.822  -0.105  1.00 35.55  ? 21  TRP A CD1 1 
ATOM   60   C  CD2 . TRP A 1 21  ? 7.658   -5.599  -2.189  1.00 34.77  ? 21  TRP A CD2 1 
ATOM   61   N  NE1 . TRP A 1 21  ? 7.583   -6.202  -0.026  1.00 34.90  ? 21  TRP A NE1 1 
ATOM   62   C  CE2 . TRP A 1 21  ? 7.581   -6.704  -1.307  1.00 35.58  ? 21  TRP A CE2 1 
ATOM   63   C  CE3 . TRP A 1 21  ? 7.602   -5.830  -3.563  1.00 35.91  ? 21  TRP A CE3 1 
ATOM   64   C  CZ2 . TRP A 1 21  ? 7.498   -8.022  -1.766  1.00 37.59  ? 21  TRP A CZ2 1 
ATOM   65   C  CZ3 . TRP A 1 21  ? 7.501   -7.154  -4.002  1.00 40.12  ? 21  TRP A CZ3 1 
ATOM   66   C  CH2 . TRP A 1 21  ? 7.464   -8.213  -3.095  1.00 39.77  ? 21  TRP A CH2 1 
ATOM   67   N  N   . TYR A 1 22  ? 9.102   -1.013  -4.012  1.00 34.97  ? 22  TYR A N   1 
ATOM   68   C  CA  . TYR A 1 22  ? 9.096   0.217   -4.783  1.00 38.04  ? 22  TYR A CA  1 
ATOM   69   C  C   . TYR A 1 22  ? 8.031   0.127   -5.844  1.00 39.14  ? 22  TYR A C   1 
ATOM   70   O  O   . TYR A 1 22  ? 7.901   -0.910  -6.511  1.00 38.16  ? 22  TYR A O   1 
ATOM   71   C  CB  . TYR A 1 22  ? 10.483  0.439   -5.459  1.00 37.05  ? 22  TYR A CB  1 
ATOM   72   C  CG  . TYR A 1 22  ? 11.654  0.386   -4.483  1.00 41.23  ? 22  TYR A CG  1 
ATOM   73   C  CD1 . TYR A 1 22  ? 12.043  1.488   -3.756  1.00 40.05  ? 22  TYR A CD1 1 
ATOM   74   C  CD2 . TYR A 1 22  ? 12.357  -0.818  -4.258  1.00 40.56  ? 22  TYR A CD2 1 
ATOM   75   C  CE1 . TYR A 1 22  ? 13.119  1.412   -2.854  1.00 42.45  ? 22  TYR A CE1 1 
ATOM   76   C  CE2 . TYR A 1 22  ? 13.401  -0.895  -3.360  1.00 40.00  ? 22  TYR A CE2 1 
ATOM   77   C  CZ  . TYR A 1 22  ? 13.849  0.238   -2.723  1.00 44.62  ? 22  TYR A CZ  1 
ATOM   78   O  OH  . TYR A 1 22  ? 14.886  0.156   -1.782  1.00 42.94  ? 22  TYR A OH  1 
ATOM   79   N  N   . ASN A 1 23  ? 7.273   1.216   -6.043  1.00 36.27  ? 23  ASN A N   1 
ATOM   80   C  CA  . ASN A 1 23  ? 6.319   1.219   -7.124  1.00 38.09  ? 23  ASN A CA  1 
ATOM   81   C  C   . ASN A 1 23  ? 6.841   1.963   -8.355  1.00 44.50  ? 23  ASN A C   1 
ATOM   82   O  O   . ASN A 1 23  ? 7.983   2.423   -8.367  1.00 39.22  ? 23  ASN A O   1 
ATOM   83   C  CB  . ASN A 1 23  ? 4.921   1.650   -6.669  1.00 35.22  ? 23  ASN A CB  1 
ATOM   84   C  CG  . ASN A 1 23  ? 4.794   3.113   -6.444  1.00 40.92  ? 23  ASN A CG  1 
ATOM   85   O  OD1 . ASN A 1 23  ? 5.713   3.900   -6.726  1.00 37.27  ? 23  ASN A OD1 1 
ATOM   86   N  ND2 . ASN A 1 23  ? 3.688   3.484   -5.853  1.00 39.04  ? 23  ASN A ND2 1 
ATOM   87   N  N   . GLN A 1 24  ? 6.023   2.008   -9.405  1.00 39.14  ? 24  GLN A N   1 
ATOM   88   C  CA  . GLN A 1 24  ? 6.423   2.552   -10.683 1.00 41.50  ? 24  GLN A CA  1 
ATOM   89   C  C   . GLN A 1 24  ? 6.654   4.055   -10.625 1.00 44.34  ? 24  GLN A C   1 
ATOM   90   O  O   . GLN A 1 24  ? 7.127   4.609   -11.567 1.00 45.65  ? 24  GLN A O   1 
ATOM   91   C  CB  . GLN A 1 24  ? 5.372   2.214   -11.734 1.00 42.58  ? 24  GLN A CB  1 
ATOM   92   C  CG  . GLN A 1 24  ? 4.009   2.996   -11.606 1.00 46.50  ? 24  GLN A CG  1 
ATOM   93   C  CD  . GLN A 1 24  ? 3.053   2.581   -10.430 1.00 48.31  ? 24  GLN A CD  1 
ATOM   94   O  OE1 . GLN A 1 24  ? 3.192   1.525   -9.805  1.00 38.87  ? 24  GLN A OE1 1 
ATOM   95   N  NE2 . GLN A 1 24  ? 2.061   3.431   -10.156 1.00 46.25  ? 24  GLN A NE2 1 
ATOM   96   N  N   . LEU A 1 25  ? 6.235   4.717   -9.551  1.00 37.58  ? 25  LEU A N   1 
ATOM   97   C  CA  . LEU A 1 25  ? 6.404   6.172   -9.388  1.00 45.58  ? 25  LEU A CA  1 
ATOM   98   C  C   . LEU A 1 25  ? 7.652   6.502   -8.551  1.00 46.60  ? 25  LEU A C   1 
ATOM   99   O  O   . LEU A 1 25  ? 7.990   7.642   -8.373  1.00 51.16  ? 25  LEU A O   1 
ATOM   100  C  CB  . LEU A 1 25  ? 5.197   6.772   -8.725  1.00 44.48  ? 25  LEU A CB  1 
ATOM   101  C  CG  . LEU A 1 25  ? 3.848   6.678   -9.424  1.00 54.11  ? 25  LEU A CG  1 
ATOM   102  C  CD1 . LEU A 1 25  ? 2.691   6.802   -8.418  1.00 50.58  ? 25  LEU A CD1 1 
ATOM   103  C  CD2 . LEU A 1 25  ? 3.808   7.737   -10.515 1.00 57.19  ? 25  LEU A CD2 1 
ATOM   104  N  N   . GLY A 1 26  ? 8.325   5.497   -8.032  1.00 46.97  ? 26  GLY A N   1 
ATOM   105  C  CA  . GLY A 1 26  ? 9.403   5.734   -7.102  1.00 49.66  ? 26  GLY A CA  1 
ATOM   106  C  C   . GLY A 1 26  ? 9.038   5.777   -5.641  1.00 45.83  ? 26  GLY A C   1 
ATOM   107  O  O   . GLY A 1 26  ? 9.902   6.002   -4.816  1.00 47.69  ? 26  GLY A O   1 
ATOM   108  N  N   . SER A 1 27  ? 7.781   5.535   -5.275  1.00 39.89  ? 27  SER A N   1 
ATOM   109  C  CA  . SER A 1 27  ? 7.435   5.494   -3.867  1.00 36.17  ? 27  SER A CA  1 
ATOM   110  C  C   . SER A 1 27  ? 8.003   4.247   -3.211  1.00 34.58  ? 27  SER A C   1 
ATOM   111  O  O   . SER A 1 27  ? 8.239   3.249   -3.887  1.00 40.42  ? 27  SER A O   1 
ATOM   112  C  CB  . SER A 1 27  ? 5.906   5.507   -3.684  1.00 37.01  ? 27  SER A CB  1 
ATOM   113  O  OG  . SER A 1 27  ? 5.322   6.589   -4.338  1.00 34.30  ? 27  SER A OG  1 
ATOM   114  N  N   . THR A 1 28  ? 8.228   4.358   -1.912  1.00 38.90  ? 28  THR A N   1 
ATOM   115  C  CA  . THR A 1 28  ? 8.815   3.313   -1.052  1.00 42.35  ? 28  THR A CA  1 
ATOM   116  C  C   . THR A 1 28  ? 7.885   2.881   0.053   1.00 40.10  ? 28  THR A C   1 
ATOM   117  O  O   . THR A 1 28  ? 7.428   3.695   0.863   1.00 39.77  ? 28  THR A O   1 
ATOM   118  C  CB  . THR A 1 28  ? 10.127  3.831   -0.333  1.00 48.13  ? 28  THR A CB  1 
ATOM   119  O  OG1 . THR A 1 28  ? 10.958  4.482   -1.271  1.00 46.48  ? 28  THR A OG1 1 
ATOM   120  C  CG2 . THR A 1 28  ? 10.901  2.696   0.301   1.00 45.86  ? 28  THR A CG2 1 
ATOM   121  N  N   . PHE A 1 29  ? 7.694   1.548   0.125   1.00 39.00  ? 29  PHE A N   1 
ATOM   122  C  CA  . PHE A 1 29  ? 6.741   0.869   0.987   1.00 40.57  ? 29  PHE A CA  1 
ATOM   123  C  C   . PHE A 1 29  ? 7.670   -0.091  1.787   1.00 42.38  ? 29  PHE A C   1 
ATOM   124  O  O   . PHE A 1 29  ? 8.291   -1.006  1.216   1.00 39.76  ? 29  PHE A O   1 
ATOM   125  C  CB  . PHE A 1 29  ? 5.732   0.113   0.039   1.00 38.86  ? 29  PHE A CB  1 
ATOM   126  C  CG  . PHE A 1 29  ? 4.845   -0.926  0.672   1.00 39.30  ? 29  PHE A CG  1 
ATOM   127  C  CD1 . PHE A 1 29  ? 4.175   -0.694  1.849   1.00 43.98  ? 29  PHE A CD1 1 
ATOM   128  C  CD2 . PHE A 1 29  ? 4.546   -2.093  -0.041  1.00 42.10  ? 29  PHE A CD2 1 
ATOM   129  C  CE1 . PHE A 1 29  ? 3.269   -1.620  2.353   1.00 44.55  ? 29  PHE A CE1 1 
ATOM   130  C  CE2 . PHE A 1 29  ? 3.729   -3.072  0.483   1.00 46.74  ? 29  PHE A CE2 1 
ATOM   131  C  CZ  . PHE A 1 29  ? 3.052   -2.831  1.689   1.00 44.35  ? 29  PHE A CZ  1 
ATOM   132  N  N   . ILE A 1 30  ? 7.728   0.100   3.087   1.00 40.45  ? 30  ILE A N   1 
ATOM   133  C  CA  . ILE A 1 30  ? 8.552   -0.705  4.000   1.00 45.11  ? 30  ILE A CA  1 
ATOM   134  C  C   . ILE A 1 30  ? 7.601   -1.417  4.912   1.00 40.57  ? 30  ILE A C   1 
ATOM   135  O  O   . ILE A 1 30  ? 6.804   -0.776  5.557   1.00 47.25  ? 30  ILE A O   1 
ATOM   136  C  CB  . ILE A 1 30  ? 9.518   0.236   4.800   1.00 52.09  ? 30  ILE A CB  1 
ATOM   137  C  CG1 . ILE A 1 30  ? 10.633  0.726   3.849   1.00 46.45  ? 30  ILE A CG1 1 
ATOM   138  C  CG2 . ILE A 1 30  ? 10.106  -0.461  6.024   1.00 50.58  ? 30  ILE A CG2 1 
ATOM   139  C  CD1 . ILE A 1 30  ? 11.408  1.918   4.404   1.00 55.05  ? 30  ILE A CD1 1 
ATOM   140  N  N   . VAL A 1 31  ? 7.612   -2.737  4.888   1.00 42.15  ? 31  VAL A N   1 
ATOM   141  C  CA  . VAL A 1 31  ? 6.577   -3.440  5.602   1.00 46.38  ? 31  VAL A CA  1 
ATOM   142  C  C   . VAL A 1 31  ? 7.128   -4.603  6.377   1.00 44.79  ? 31  VAL A C   1 
ATOM   143  O  O   . VAL A 1 31  ? 8.083   -5.213  5.951   1.00 45.98  ? 31  VAL A O   1 
ATOM   144  C  CB  . VAL A 1 31  ? 5.452   -3.872  4.634   1.00 47.30  ? 31  VAL A CB  1 
ATOM   145  C  CG1 . VAL A 1 31  ? 5.935   -4.867  3.578   1.00 43.11  ? 31  VAL A CG1 1 
ATOM   146  C  CG2 . VAL A 1 31  ? 4.215   -4.408  5.398   1.00 54.47  ? 31  VAL A CG2 1 
ATOM   147  N  N   . THR A 1 32  ? 6.475   -4.923  7.495   1.00 43.57  ? 32  THR A N   1 
ATOM   148  C  CA  . THR A 1 32  ? 6.724   -6.210  8.157   1.00 45.14  ? 32  THR A CA  1 
ATOM   149  C  C   . THR A 1 32  ? 5.430   -6.992  8.222   1.00 43.95  ? 32  THR A C   1 
ATOM   150  O  O   . THR A 1 32  ? 4.395   -6.461  8.634   1.00 45.34  ? 32  THR A O   1 
ATOM   151  C  CB  . THR A 1 32  ? 7.212   -5.992  9.615   1.00 52.97  ? 32  THR A CB  1 
ATOM   152  O  OG1 . THR A 1 32  ? 8.238   -5.003  9.632   1.00 54.12  ? 32  THR A OG1 1 
ATOM   153  C  CG2 . THR A 1 32  ? 7.739   -7.348  10.212  1.00 55.53  ? 32  THR A CG2 1 
ATOM   154  N  N   . ALA A 1 33  ? 5.494   -8.222  7.780   1.00 45.50  ? 33  ALA A N   1 
ATOM   155  C  CA  . ALA A 1 33  ? 4.384   -9.133  7.879   1.00 47.95  ? 33  ALA A CA  1 
ATOM   156  C  C   . ALA A 1 33  ? 4.522   -9.958  9.165   1.00 55.94  ? 33  ALA A C   1 
ATOM   157  O  O   . ALA A 1 33  ? 5.582   -10.578 9.388   1.00 57.72  ? 33  ALA A O   1 
ATOM   158  C  CB  . ALA A 1 33  ? 4.366   -10.051 6.689   1.00 42.56  ? 33  ALA A CB  1 
ATOM   159  N  N   . GLY A 1 34  ? 3.472   -9.936  9.982   1.00 53.92  ? 34  GLY A N   1 
ATOM   160  C  CA  . GLY A 1 34  ? 3.318   -10.735 11.190  1.00 49.18  ? 34  GLY A CA  1 
ATOM   161  C  C   . GLY A 1 34  ? 2.880   -12.141 10.864  1.00 60.49  ? 34  GLY A C   1 
ATOM   162  O  O   . GLY A 1 34  ? 2.330   -12.413 9.804   1.00 57.55  ? 34  GLY A O   1 
ATOM   163  N  N   . ALA A 1 35  ? 3.129   -13.073 11.787  1.00 61.07  ? 35  ALA A N   1 
ATOM   164  C  CA  . ALA A 1 35  ? 2.817   -14.497 11.554  1.00 59.03  ? 35  ALA A CA  1 
ATOM   165  C  C   . ALA A 1 35  ? 1.293   -14.719 11.571  1.00 58.05  ? 35  ALA A C   1 
ATOM   166  O  O   . ALA A 1 35  ? 0.793   -15.625 10.910  1.00 64.04  ? 35  ALA A O   1 
ATOM   167  C  CB  . ALA A 1 35  ? 3.505   -15.379 12.618  1.00 59.78  ? 35  ALA A CB  1 
ATOM   168  N  N   . ASP A 1 36  ? 0.617   -13.879 12.357  1.00 59.51  ? 36  ASP A N   1 
ATOM   169  C  CA  . ASP A 1 36  ? -0.841  -13.784 12.504  1.00 70.59  ? 36  ASP A CA  1 
ATOM   170  C  C   . ASP A 1 36  ? -1.606  -13.094 11.325  1.00 69.71  ? 36  ASP A C   1 
ATOM   171  O  O   . ASP A 1 36  ? -2.822  -13.150 11.298  1.00 66.35  ? 36  ASP A O   1 
ATOM   172  C  CB  . ASP A 1 36  ? -1.138  -12.968 13.787  1.00 77.18  ? 36  ASP A CB  1 
ATOM   173  C  CG  . ASP A 1 36  ? -0.467  -11.541 13.762  1.00 91.35  ? 36  ASP A CG  1 
ATOM   174  O  OD1 . ASP A 1 36  ? 0.566   -11.399 13.070  1.00 59.31  ? 36  ASP A OD1 1 
ATOM   175  O  OD2 . ASP A 1 36  ? -0.958  -10.575 14.419  1.00 100.63 ? 36  ASP A OD2 1 
ATOM   176  N  N   . GLY A 1 37  ? -0.922  -12.428 10.394  1.00 58.51  ? 37  GLY A N   1 
ATOM   177  C  CA  . GLY A 1 37  ? -1.582  -11.743 9.239   1.00 50.06  ? 37  GLY A CA  1 
ATOM   178  C  C   . GLY A 1 37  ? -1.485  -10.223 9.293   1.00 49.66  ? 37  GLY A C   1 
ATOM   179  O  O   . GLY A 1 37  ? -2.088  -9.518  8.446   1.00 48.72  ? 37  GLY A O   1 
ATOM   180  N  N   . ALA A 1 38  ? -0.777  -9.698  10.277  1.00 43.75  ? 38  ALA A N   1 
ATOM   181  C  CA  . ALA A 1 38  ? -0.644  -8.270  10.432  1.00 47.89  ? 38  ALA A CA  1 
ATOM   182  C  C   . ALA A 1 38  ? 0.325   -7.723  9.383   1.00 52.72  ? 38  ALA A C   1 
ATOM   183  O  O   . ALA A 1 38  ? 1.261   -8.447  8.948   1.00 46.77  ? 38  ALA A O   1 
ATOM   184  C  CB  . ALA A 1 38  ? -0.143  -7.925  11.789  1.00 51.64  ? 38  ALA A CB  1 
ATOM   185  N  N   . LEU A 1 39  ? 0.097   -6.460  8.992   1.00 43.68  ? 39  LEU A N   1 
ATOM   186  C  CA  . LEU A 1 39  ? 1.071   -5.727  8.154   1.00 44.88  ? 39  LEU A CA  1 
ATOM   187  C  C   . LEU A 1 39  ? 1.282   -4.444  8.799   1.00 41.88  ? 39  LEU A C   1 
ATOM   188  O  O   . LEU A 1 39  ? 0.317   -3.837  9.183   1.00 41.08  ? 39  LEU A O   1 
ATOM   189  C  CB  . LEU A 1 39  ? 0.560   -5.424  6.701   1.00 45.74  ? 39  LEU A CB  1 
ATOM   190  C  CG  . LEU A 1 39  ? 0.393   -6.601  5.788   1.00 40.47  ? 39  LEU A CG  1 
ATOM   191  C  CD1 . LEU A 1 39  ? -0.179  -6.165  4.437   1.00 39.68  ? 39  LEU A CD1 1 
ATOM   192  C  CD2 . LEU A 1 39  ? 1.707   -7.275  5.533   1.00 46.10  ? 39  LEU A CD2 1 
ATOM   193  N  N   . THR A 1 40  ? 2.550   -4.017  8.996   1.00 40.62  ? 40  THR A N   1 
ATOM   194  C  CA  . THR A 1 40  ? 2.824   -2.754  9.702   1.00 38.19  ? 40  THR A CA  1 
ATOM   195  C  C   . THR A 1 40  ? 4.069   -2.159  9.020   1.00 39.13  ? 40  THR A C   1 
ATOM   196  O  O   . THR A 1 40  ? 4.930   -2.890  8.607   1.00 41.10  ? 40  THR A O   1 
ATOM   197  C  CB  . THR A 1 40  ? 3.161   -2.987  11.228  1.00 45.88  ? 40  THR A CB  1 
ATOM   198  O  OG1 . THR A 1 40  ? 4.155   -3.998  11.305  1.00 53.92  ? 40  THR A OG1 1 
ATOM   199  C  CG2 . THR A 1 40  ? 2.055   -3.602  11.948  1.00 50.26  ? 40  THR A CG2 1 
ATOM   200  N  N   . GLY A 1 41  ? 4.209   -0.846  8.954   1.00 38.92  ? 41  GLY A N   1 
ATOM   201  C  CA  . GLY A 1 41  ? 5.371   -0.352  8.310   1.00 38.51  ? 41  GLY A CA  1 
ATOM   202  C  C   . GLY A 1 41  ? 5.241   1.145   8.051   1.00 38.14  ? 41  GLY A C   1 
ATOM   203  O  O   . GLY A 1 41  ? 4.577   1.857   8.776   1.00 41.72  ? 41  GLY A O   1 
ATOM   204  N  N   . THR A 1 42  ? 5.882   1.598   6.987   1.00 39.71  ? 42  THR A N   1 
ATOM   205  C  CA  . THR A 1 42  ? 5.842   3.036   6.598   1.00 41.15  ? 42  THR A CA  1 
ATOM   206  C  C   . THR A 1 42  ? 5.813   3.166   5.073   1.00 36.20  ? 42  THR A C   1 
ATOM   207  O  O   . THR A 1 42  ? 6.256   2.273   4.337   1.00 41.44  ? 42  THR A O   1 
ATOM   208  C  CB  . THR A 1 42  ? 7.048   3.872   7.079   1.00 41.16  ? 42  THR A CB  1 
ATOM   209  O  OG1 . THR A 1 42  ? 8.190   3.303   6.498   1.00 43.47  ? 42  THR A OG1 1 
ATOM   210  C  CG2 . THR A 1 42  ? 7.175   3.916   8.618   1.00 49.99  ? 42  THR A CG2 1 
ATOM   211  N  N   . TYR A 1 43  ? 5.215   4.271   4.617   1.00 38.94  ? 43  TYR A N   1 
ATOM   212  C  CA  . TYR A 1 43  ? 5.060   4.529   3.248   1.00 37.71  ? 43  TYR A CA  1 
ATOM   213  C  C   . TYR A 1 43  ? 5.584   5.935   2.990   1.00 38.60  ? 43  TYR A C   1 
ATOM   214  O  O   . TYR A 1 43  ? 5.265   6.854   3.709   1.00 40.86  ? 43  TYR A O   1 
ATOM   215  C  CB  . TYR A 1 43  ? 3.580   4.482   2.843   1.00 37.19  ? 43  TYR A CB  1 
ATOM   216  C  CG  . TYR A 1 43  ? 3.405   4.282   1.343   1.00 34.63  ? 43  TYR A CG  1 
ATOM   217  C  CD1 . TYR A 1 43  ? 3.430   5.359   0.470   1.00 34.05  ? 43  TYR A CD1 1 
ATOM   218  C  CD2 . TYR A 1 43  ? 3.125   3.027   0.818   1.00 34.37  ? 43  TYR A CD2 1 
ATOM   219  C  CE1 . TYR A 1 43  ? 3.237   5.187   -0.868  1.00 34.61  ? 43  TYR A CE1 1 
ATOM   220  C  CE2 . TYR A 1 43  ? 2.959   2.857   -0.541  1.00 33.82  ? 43  TYR A CE2 1 
ATOM   221  C  CZ  . TYR A 1 43  ? 3.037   3.906   -1.375  1.00 33.89  ? 43  TYR A CZ  1 
ATOM   222  O  OH  . TYR A 1 43  ? 2.891   3.695   -2.684  1.00 34.59  ? 43  TYR A OH  1 
ATOM   223  N  N   . GLU A 1 44  ? 6.341   6.061   1.914   1.00 40.97  ? 44  GLU A N   1 
ATOM   224  C  CA  . GLU A 1 44  ? 6.821   7.354   1.424   1.00 41.13  ? 44  GLU A CA  1 
ATOM   225  C  C   . GLU A 1 44  ? 6.424   7.518   -0.032  1.00 38.19  ? 44  GLU A C   1 
ATOM   226  O  O   . GLU A 1 44  ? 6.855   6.756   -0.883  1.00 36.68  ? 44  GLU A O   1 
ATOM   227  C  CB  . GLU A 1 44  ? 8.358   7.412   1.609   1.00 45.69  ? 44  GLU A CB  1 
ATOM   228  C  CG  . GLU A 1 44  ? 8.948   8.706   1.103   1.00 50.21  ? 44  GLU A CG  1 
ATOM   229  C  CD  . GLU A 1 44  ? 10.451  8.851   1.405   1.00 65.28  ? 44  GLU A CD  1 
ATOM   230  O  OE1 . GLU A 1 44  ? 10.871  10.026  1.427   1.00 59.38  ? 44  GLU A OE1 1 
ATOM   231  O  OE2 . GLU A 1 44  ? 11.182  7.828   1.581   1.00 52.69  ? 44  GLU A OE2 1 
ATOM   232  N  N   . SER A 1 45  ? 5.601   8.519   -0.340  1.00 41.13  ? 45  SER A N   1 
ATOM   233  C  CA  . SER A 1 45  ? 5.115   8.715   -1.697  1.00 38.37  ? 45  SER A CA  1 
ATOM   234  C  C   . SER A 1 45  ? 6.016   9.653   -2.446  1.00 48.73  ? 45  SER A C   1 
ATOM   235  O  O   . SER A 1 45  ? 6.291   10.737  -1.959  1.00 40.70  ? 45  SER A O   1 
ATOM   236  C  CB  . SER A 1 45  ? 3.707   9.281   -1.732  1.00 35.28  ? 45  SER A CB  1 
ATOM   237  O  OG  . SER A 1 45  ? 3.227   9.502   -3.098  1.00 36.52  ? 45  SER A OG  1 
ATOM   238  N  N   . ALA A 1 46  ? 6.368   9.280   -3.665  1.00 41.76  ? 46  ALA A N   1 
ATOM   239  C  CA  . ALA A 1 46  ? 7.182   10.161  -4.501  1.00 45.84  ? 46  ALA A CA  1 
ATOM   240  C  C   . ALA A 1 46  ? 6.344   11.273  -5.118  1.00 48.02  ? 46  ALA A C   1 
ATOM   241  O  O   . ALA A 1 46  ? 6.896   12.104  -5.798  1.00 47.01  ? 46  ALA A O   1 
ATOM   242  C  CB  . ALA A 1 46  ? 7.826   9.352   -5.620  1.00 46.63  ? 46  ALA A CB  1 
ATOM   243  N  N   . VAL A 1 47  ? 5.013   11.225  -5.011  1.00 44.33  ? 47  VAL A N   1 
ATOM   244  C  CA  . VAL A 1 47  ? 4.129   12.174  -5.672  1.00 41.70  ? 47  VAL A CA  1 
ATOM   245  C  C   . VAL A 1 47  ? 3.087   12.605  -4.669  1.00 39.94  ? 47  VAL A C   1 
ATOM   246  O  O   . VAL A 1 47  ? 2.944   12.002  -3.578  1.00 37.84  ? 47  VAL A O   1 
ATOM   247  C  CB  . VAL A 1 47  ? 3.440   11.581  -6.958  1.00 42.87  ? 47  VAL A CB  1 
ATOM   248  C  CG1 . VAL A 1 47  ? 4.448   11.068  -7.963  1.00 46.55  ? 47  VAL A CG1 1 
ATOM   249  C  CG2 . VAL A 1 47  ? 2.491   10.392  -6.622  1.00 42.94  ? 47  VAL A CG2 1 
ATOM   250  N  N   . GLY A 1 48  ? 2.324   13.596  -5.110  1.00 39.31  ? 48  GLY A N   1 
ATOM   251  C  CA  . GLY A 1 48  ? 1.234   14.170  -4.376  1.00 40.99  ? 48  GLY A CA  1 
ATOM   252  C  C   . GLY A 1 48  ? 1.660   15.039  -3.208  1.00 44.41  ? 48  GLY A C   1 
ATOM   253  O  O   . GLY A 1 48  ? 2.798   15.405  -3.062  1.00 43.88  ? 48  GLY A O   1 
ATOM   254  N  N   . ASN A 1 49  ? 0.712   15.309  -2.342  1.00 40.28  ? 49  ASN A N   1 
ATOM   255  C  CA  . ASN A 1 49  ? 0.886   16.112  -1.158  1.00 43.69  ? 49  ASN A CA  1 
ATOM   256  C  C   . ASN A 1 49  ? 1.403   15.325  0.030   1.00 42.77  ? 49  ASN A C   1 
ATOM   257  O  O   . ASN A 1 49  ? 0.643   14.973  0.967   1.00 44.04  ? 49  ASN A O   1 
ATOM   258  C  CB  . ASN A 1 49  ? -0.442  16.822  -0.799  1.00 48.59  ? 49  ASN A CB  1 
ATOM   259  C  CG  . ASN A 1 49  ? -0.242  17.905  0.250   1.00 58.12  ? 49  ASN A CG  1 
ATOM   260  O  OD1 . ASN A 1 49  ? 0.898   18.093  0.716   1.00 53.63  ? 49  ASN A OD1 1 
ATOM   261  N  ND2 . ASN A 1 49  ? -1.333  18.604  0.648   1.00 54.05  ? 49  ASN A ND2 1 
ATOM   262  N  N   . ALA A 1 50  ? 2.726   15.098  0.005   1.00 41.91  ? 50  ALA A N   1 
ATOM   263  C  CA  . ALA A 1 50  ? 3.342   14.132  0.843   1.00 45.61  ? 50  ALA A CA  1 
ATOM   264  C  C   . ALA A 1 50  ? 4.802   14.401  0.989   1.00 41.77  ? 50  ALA A C   1 
ATOM   265  O  O   . ALA A 1 50  ? 5.453   14.665  0.027   1.00 44.86  ? 50  ALA A O   1 
ATOM   266  C  CB  . ALA A 1 50  ? 3.162   12.722  0.263   1.00 44.75  ? 50  ALA A CB  1 
ATOM   267  N  N   . GLU A 1 51  ? 5.318   14.128  2.167   1.00 44.11  ? 51  GLU A N   1 
ATOM   268  C  CA  . GLU A 1 51  ? 6.705   14.366  2.478   1.00 44.64  ? 51  GLU A CA  1 
ATOM   269  C  C   . GLU A 1 51  ? 7.070   13.432  3.545   1.00 38.64  ? 51  GLU A C   1 
ATOM   270  O  O   . GLU A 1 51  ? 6.345   13.271  4.520   1.00 45.16  ? 51  GLU A O   1 
ATOM   271  C  CB  . GLU A 1 51  ? 6.825   15.858  2.968   1.00 49.78  ? 51  GLU A CB  1 
ATOM   272  C  CG  . GLU A 1 51  ? 7.966   16.141  3.895   1.00 55.83  ? 51  GLU A CG  1 
ATOM   273  C  CD  . GLU A 1 51  ? 8.068   17.639  4.313   1.00 63.38  ? 51  GLU A CD  1 
ATOM   274  O  OE1 . GLU A 1 51  ? 9.074   17.896  4.977   1.00 62.34  ? 51  GLU A OE1 1 
ATOM   275  O  OE2 . GLU A 1 51  ? 7.166   18.522  4.047   1.00 60.30  ? 51  GLU A OE2 1 
ATOM   276  N  N   . SER A 1 52  ? 8.231   12.806  3.391   1.00 46.69  ? 52  SER A N   1 
ATOM   277  C  CA  . SER A 1 52  ? 8.747   11.857  4.359   1.00 45.83  ? 52  SER A CA  1 
ATOM   278  C  C   . SER A 1 52  ? 7.808   10.628  4.576   1.00 44.11  ? 52  SER A C   1 
ATOM   279  O  O   . SER A 1 52  ? 7.067   10.284  3.658   1.00 49.28  ? 52  SER A O   1 
ATOM   280  C  CB  . SER A 1 52  ? 9.152   12.528  5.651   1.00 52.39  ? 52  SER A CB  1 
ATOM   281  O  OG  . SER A 1 52  ? 10.131  11.712  6.226   1.00 53.51  ? 52  SER A OG  1 
ATOM   282  N  N   . ARG A 1 53  ? 7.918   9.949   5.704   1.00 41.03  ? 53  ARG A N   1 
ATOM   283  C  CA  . ARG A 1 53  ? 7.250   8.664   5.926   1.00 44.91  ? 53  ARG A CA  1 
ATOM   284  C  C   . ARG A 1 53  ? 5.928   8.829   6.642   1.00 48.71  ? 53  ARG A C   1 
ATOM   285  O  O   . ARG A 1 53  ? 5.709   9.804   7.372   1.00 44.94  ? 53  ARG A O   1 
ATOM   286  C  CB  . ARG A 1 53  ? 8.144   7.728   6.701   1.00 49.63  ? 53  ARG A CB  1 
ATOM   287  C  CG  . ARG A 1 53  ? 9.349   7.225   5.896   1.00 54.61  ? 53  ARG A CG  1 
ATOM   288  C  CD  . ARG A 1 53  ? 10.356  6.483   6.763   1.00 60.38  ? 53  ARG A CD  1 
ATOM   289  N  NE  . ARG A 1 53  ? 10.867  7.359   7.834   1.00 72.98  ? 53  ARG A NE  1 
ATOM   290  C  CZ  . ARG A 1 53  ? 11.091  7.000   9.120   1.00 86.40  ? 53  ARG A CZ  1 
ATOM   291  N  NH1 . ARG A 1 53  ? 11.545  7.911   9.976   1.00 80.66  ? 53  ARG A NH1 1 
ATOM   292  N  NH2 . ARG A 1 53  ? 10.861  5.753   9.581   1.00 82.50  ? 53  ARG A NH2 1 
ATOM   293  N  N   . TYR A 1 54  ? 5.007   7.888   6.353   1.00 43.43  ? 54  TYR A N   1 
ATOM   294  C  CA  . TYR A 1 54  ? 3.727   7.882   6.941   1.00 39.57  ? 54  TYR A CA  1 
ATOM   295  C  C   . TYR A 1 54  ? 3.477   6.505   7.459   1.00 39.67  ? 54  TYR A C   1 
ATOM   296  O  O   . TYR A 1 54  ? 3.900   5.507   6.881   1.00 39.98  ? 54  TYR A O   1 
ATOM   297  C  CB  . TYR A 1 54  ? 2.641   8.282   5.939   1.00 40.41  ? 54  TYR A CB  1 
ATOM   298  C  CG  . TYR A 1 54  ? 2.709   9.686   5.425   1.00 38.03  ? 54  TYR A CG  1 
ATOM   299  C  CD1 . TYR A 1 54  ? 1.929   10.670  5.948   1.00 42.02  ? 54  TYR A CD1 1 
ATOM   300  C  CD2 . TYR A 1 54  ? 3.573   10.023  4.399   1.00 35.44  ? 54  TYR A CD2 1 
ATOM   301  C  CE1 . TYR A 1 54  ? 2.033   11.989  5.498   1.00 43.22  ? 54  TYR A CE1 1 
ATOM   302  C  CE2 . TYR A 1 54  ? 3.678   11.337  3.949   1.00 38.62  ? 54  TYR A CE2 1 
ATOM   303  C  CZ  . TYR A 1 54  ? 2.938   12.309  4.483   1.00 40.96  ? 54  TYR A CZ  1 
ATOM   304  O  OH  . TYR A 1 54  ? 3.008   13.615  3.973   1.00 44.97  ? 54  TYR A OH  1 
ATOM   305  N  N   . VAL A 1 55  ? 2.728   6.427   8.527   1.00 37.28  ? 55  VAL A N   1 
ATOM   306  C  CA  . VAL A 1 55  ? 2.470   5.115   9.105   1.00 38.76  ? 55  VAL A CA  1 
ATOM   307  C  C   . VAL A 1 55  ? 1.512   4.331   8.175   1.00 37.43  ? 55  VAL A C   1 
ATOM   308  O  O   . VAL A 1 55  ? 0.556   4.909   7.664   1.00 40.48  ? 55  VAL A O   1 
ATOM   309  C  CB  . VAL A 1 55  ? 1.821   5.229   10.508  1.00 43.62  ? 55  VAL A CB  1 
ATOM   310  C  CG1 . VAL A 1 55  ? 1.428   3.851   11.068  1.00 46.41  ? 55  VAL A CG1 1 
ATOM   311  C  CG2 . VAL A 1 55  ? 2.767   5.922   11.498  1.00 50.07  ? 55  VAL A CG2 1 
ATOM   312  N  N   . LEU A 1 56  ? 1.699   3.021   8.106   1.00 43.86  ? 56  LEU A N   1 
ATOM   313  C  CA  . LEU A 1 56  ? 0.736   2.153   7.469   1.00 43.85  ? 56  LEU A CA  1 
ATOM   314  C  C   . LEU A 1 56  ? 0.399   0.933   8.269   1.00 48.22  ? 56  LEU A C   1 
ATOM   315  O  O   . LEU A 1 56  ? 1.235   0.393   8.976   1.00 43.16  ? 56  LEU A O   1 
ATOM   316  C  CB  . LEU A 1 56  ? 1.264   1.649   6.131   1.00 42.88  ? 56  LEU A CB  1 
ATOM   317  C  CG  . LEU A 1 56  ? 2.285   0.574   6.009   1.00 43.50  ? 56  LEU A CG  1 
ATOM   318  C  CD1 . LEU A 1 56  ? 1.777   -0.918  5.941   1.00 42.80  ? 56  LEU A CD1 1 
ATOM   319  C  CD2 . LEU A 1 56  ? 3.060   0.834   4.740   1.00 47.11  ? 56  LEU A CD2 1 
ATOM   320  N  N   . THR A 1 57  ? -0.834  0.465   8.086   1.00 39.61  ? 57  THR A N   1 
ATOM   321  C  CA  . THR A 1 57  ? -1.239  -0.755  8.674   1.00 42.19  ? 57  THR A CA  1 
ATOM   322  C  C   . THR A 1 57  ? -2.135  -1.529  7.703   1.00 39.54  ? 57  THR A C   1 
ATOM   323  O  O   . THR A 1 57  ? -2.827  -0.922  6.876   1.00 38.08  ? 57  THR A O   1 
ATOM   324  C  CB  . THR A 1 57  ? -1.835  -0.443  10.085  1.00 47.52  ? 57  THR A CB  1 
ATOM   325  O  OG1 . THR A 1 57  ? -2.107  -1.663  10.748  1.00 56.58  ? 57  THR A OG1 1 
ATOM   326  C  CG2 . THR A 1 57  ? -3.056  0.317   9.994   1.00 42.45  ? 57  THR A CG2 1 
ATOM   327  N  N   . GLY A 1 58  ? -2.112  -2.841  7.791   1.00 36.39  ? 58  GLY A N   1 
ATOM   328  C  CA  . GLY A 1 58  ? -2.996  -3.633  6.947   1.00 34.29  ? 58  GLY A CA  1 
ATOM   329  C  C   . GLY A 1 58  ? -2.962  -5.090  7.323   1.00 36.18  ? 58  GLY A C   1 
ATOM   330  O  O   . GLY A 1 58  ? -2.587  -5.431  8.451   1.00 41.69  ? 58  GLY A O   1 
ATOM   331  N  N   . ARG A 1 59  ? -3.453  -5.924  6.439   1.00 36.80  ? 59  ARG A N   1 
ATOM   332  C  CA  . ARG A 1 59  ? -3.585  -7.374  6.688   1.00 38.39  ? 59  ARG A CA  1 
ATOM   333  C  C   . ARG A 1 59  ? -3.254  -8.193  5.465   1.00 44.47  ? 59  ARG A C   1 
ATOM   334  O  O   . ARG A 1 59  ? -3.416  -7.733  4.327   1.00 41.39  ? 59  ARG A O   1 
ATOM   335  C  CB  . ARG A 1 59  ? -5.020  -7.715  7.163   1.00 39.73  ? 59  ARG A CB  1 
ATOM   336  C  CG  . ARG A 1 59  ? -5.551  -6.962  8.385   1.00 37.00  ? 59  ARG A CG  1 
ATOM   337  C  CD  . ARG A 1 59  ? -5.053  -7.391  9.773   1.00 37.64  ? 59  ARG A CD  1 
ATOM   338  N  NE  . ARG A 1 59  ? -5.387  -8.821  9.947   1.00 41.24  ? 59  ARG A NE  1 
ATOM   339  C  CZ  . ARG A 1 59  ? -4.808  -9.613  10.832  1.00 45.38  ? 59  ARG A CZ  1 
ATOM   340  N  NH1 . ARG A 1 59  ? -3.886  -9.140  11.617  1.00 42.62  ? 59  ARG A NH1 1 
ATOM   341  N  NH2 . ARG A 1 59  ? -5.118  -10.900 10.888  1.00 45.45  ? 59  ARG A NH2 1 
ATOM   342  N  N   . TYR A 1 60  ? -2.849  -9.458  5.669   1.00 37.00  ? 60  TYR A N   1 
ATOM   343  C  CA  . TYR A 1 60  ? -2.710  -10.359 4.578   1.00 37.56  ? 60  TYR A CA  1 
ATOM   344  C  C   . TYR A 1 60  ? -3.190  -11.787 4.939   1.00 36.46  ? 60  TYR A C   1 
ATOM   345  O  O   . TYR A 1 60  ? -3.224  -12.110 6.069   1.00 40.32  ? 60  TYR A O   1 
ATOM   346  C  CB  . TYR A 1 60  ? -1.253  -10.420 4.115   1.00 40.23  ? 60  TYR A CB  1 
ATOM   347  C  CG  . TYR A 1 60  ? -0.316  -11.215 5.022   1.00 44.24  ? 60  TYR A CG  1 
ATOM   348  C  CD1 . TYR A 1 60  ? 0.072   -10.700 6.235   1.00 42.71  ? 60  TYR A CD1 1 
ATOM   349  C  CD2 . TYR A 1 60  ? 0.159   -12.471 4.651   1.00 49.18  ? 60  TYR A CD2 1 
ATOM   350  C  CE1 . TYR A 1 60  ? 0.910   -11.401 7.085   1.00 49.81  ? 60  TYR A CE1 1 
ATOM   351  C  CE2 . TYR A 1 60  ? 1.012   -13.184 5.489   1.00 57.02  ? 60  TYR A CE2 1 
ATOM   352  C  CZ  . TYR A 1 60  ? 1.375   -12.644 6.706   1.00 53.61  ? 60  TYR A CZ  1 
ATOM   353  O  OH  . TYR A 1 60  ? 2.193   -13.325 7.564   1.00 58.69  ? 60  TYR A OH  1 
ATOM   354  N  N   . ASP A 1 61  ? -3.525  -12.569 3.943   1.00 42.61  ? 61  ASP A N   1 
ATOM   355  C  CA  . ASP A 1 61  ? -3.910  -13.979 4.101   1.00 47.64  ? 61  ASP A CA  1 
ATOM   356  C  C   . ASP A 1 61  ? -2.645  -14.805 4.417   1.00 58.08  ? 61  ASP A C   1 
ATOM   357  O  O   . ASP A 1 61  ? -1.916  -15.242 3.514   1.00 56.99  ? 61  ASP A O   1 
ATOM   358  C  CB  . ASP A 1 61  ? -4.485  -14.496 2.825   1.00 51.79  ? 61  ASP A CB  1 
ATOM   359  C  CG  . ASP A 1 61  ? -4.764  -16.015 2.862   1.00 58.81  ? 61  ASP A CG  1 
ATOM   360  O  OD1 . ASP A 1 61  ? -4.663  -16.627 3.931   1.00 57.56  ? 61  ASP A OD1 1 
ATOM   361  O  OD2 . ASP A 1 61  ? -5.041  -16.590 1.803   1.00 54.05  ? 61  ASP A OD2 1 
ATOM   362  N  N   . SER A 1 62  ? -2.417  -15.021 5.694   1.00 56.41  ? 62  SER A N   1 
ATOM   363  C  CA  . SER A 1 62  ? -1.252  -15.788 6.161   1.00 63.85  ? 62  SER A CA  1 
ATOM   364  C  C   . SER A 1 62  ? -1.344  -17.315 6.017   1.00 61.22  ? 62  SER A C   1 
ATOM   365  O  O   . SER A 1 62  ? -0.480  -17.995 6.526   1.00 71.33  ? 62  SER A O   1 
ATOM   366  C  CB  . SER A 1 62  ? -0.960  -15.445 7.616   1.00 59.33  ? 62  SER A CB  1 
ATOM   367  O  OG  . SER A 1 62  ? -2.095  -15.714 8.420   1.00 65.58  ? 62  SER A OG  1 
ATOM   368  N  N   . ALA A 1 63  ? -2.345  -17.856 5.319   1.00 64.43  ? 63  ALA A N   1 
ATOM   369  C  CA  . ALA A 1 63  ? -2.311  -19.258 4.872   1.00 61.87  ? 63  ALA A CA  1 
ATOM   370  C  C   . ALA A 1 63  ? -2.808  -19.354 3.468   1.00 69.91  ? 63  ALA A C   1 
ATOM   371  O  O   . ALA A 1 63  ? -3.860  -19.965 3.234   1.00 76.45  ? 63  ALA A O   1 
ATOM   372  C  CB  . ALA A 1 63  ? -3.121  -20.179 5.781   1.00 63.18  ? 63  ALA A CB  1 
ATOM   373  N  N   . PRO A 1 64  ? -2.034  -18.793 2.497   1.00 76.49  ? 64  PRO A N   1 
ATOM   374  C  CA  . PRO A 1 64  ? -2.446  -18.859 1.070   1.00 72.60  ? 64  PRO A CA  1 
ATOM   375  C  C   . PRO A 1 64  ? -2.746  -20.286 0.586   1.00 77.66  ? 64  PRO A C   1 
ATOM   376  O  O   . PRO A 1 64  ? -2.395  -21.250 1.256   1.00 73.32  ? 64  PRO A O   1 
ATOM   377  C  CB  . PRO A 1 64  ? -1.238  -18.301 0.321   1.00 68.65  ? 64  PRO A CB  1 
ATOM   378  C  CG  . PRO A 1 64  ? -0.425  -17.584 1.352   1.00 67.70  ? 64  PRO A CG  1 
ATOM   379  C  CD  . PRO A 1 64  ? -0.671  -18.238 2.656   1.00 68.63  ? 64  PRO A CD  1 
ATOM   380  N  N   . ALA A 1 65  ? -3.416  -20.404 -0.551  1.00 87.19  ? 65  ALA A N   1 
ATOM   381  C  CA  . ALA A 1 65  ? -3.505  -21.671 -1.267  1.00 98.26  ? 65  ALA A CA  1 
ATOM   382  C  C   . ALA A 1 65  ? -2.256  -21.743 -2.145  1.00 114.23 ? 65  ALA A C   1 
ATOM   383  O  O   . ALA A 1 65  ? -2.224  -21.161 -3.237  1.00 137.81 ? 65  ALA A O   1 
ATOM   384  C  CB  . ALA A 1 65  ? -4.785  -21.728 -2.106  1.00 95.78  ? 65  ALA A CB  1 
ATOM   385  N  N   . THR A 1 66  ? -1.203  -22.399 -1.659  1.00 130.42 ? 66  THR A N   1 
ATOM   386  C  CA  . THR A 1 66  ? -0.009  -22.604 -2.495  1.00 136.53 ? 66  THR A CA  1 
ATOM   387  C  C   . THR A 1 66  ? -0.349  -23.713 -3.503  1.00 129.30 ? 66  THR A C   1 
ATOM   388  O  O   . THR A 1 66  ? -0.256  -24.914 -3.222  1.00 116.34 ? 66  THR A O   1 
ATOM   389  C  CB  . THR A 1 66  ? 1.295   -22.868 -1.699  1.00 128.96 ? 66  THR A CB  1 
ATOM   390  O  OG1 . THR A 1 66  ? 1.182   -24.089 -0.962  1.00 124.40 ? 66  THR A OG1 1 
ATOM   391  C  CG2 . THR A 1 66  ? 1.607   -21.682 -0.753  1.00 119.73 ? 66  THR A CG2 1 
ATOM   392  N  N   . ASP A 1 67  ? -0.847  -23.243 -4.643  1.00 128.67 ? 67  ASP A N   1 
ATOM   393  C  CA  . ASP A 1 67  ? -1.092  -24.038 -5.842  1.00 125.00 ? 67  ASP A CA  1 
ATOM   394  C  C   . ASP A 1 67  ? -0.956  -23.092 -7.059  1.00 119.17 ? 67  ASP A C   1 
ATOM   395  O  O   . ASP A 1 67  ? -1.792  -23.075 -7.971  1.00 98.99  ? 67  ASP A O   1 
ATOM   396  C  CB  . ASP A 1 67  ? -2.467  -24.719 -5.759  1.00 123.74 ? 67  ASP A CB  1 
ATOM   397  C  CG  . ASP A 1 67  ? -3.506  -23.866 -5.036  1.00 123.06 ? 67  ASP A CG  1 
ATOM   398  O  OD1 . ASP A 1 67  ? -3.913  -22.809 -5.575  1.00 114.55 ? 67  ASP A OD1 1 
ATOM   399  O  OD2 . ASP A 1 67  ? -3.905  -24.259 -3.918  1.00 120.78 ? 67  ASP A OD2 1 
ATOM   400  N  N   . GLY A 1 68  ? 0.132   -22.315 -7.044  1.00 122.42 ? 68  GLY A N   1 
ATOM   401  C  CA  . GLY A 1 68  ? 0.376   -21.237 -8.008  1.00 116.38 ? 68  GLY A CA  1 
ATOM   402  C  C   . GLY A 1 68  ? -0.412  -19.952 -7.766  1.00 105.21 ? 68  GLY A C   1 
ATOM   403  O  O   . GLY A 1 68  ? -0.496  -19.120 -8.668  1.00 103.58 ? 68  GLY A O   1 
ATOM   404  N  N   . SER A 1 69  ? -0.950  -19.771 -6.553  1.00 98.25  ? 69  SER A N   1 
ATOM   405  C  CA  . SER A 1 69  ? -1.933  -18.710 -6.262  1.00 90.94  ? 69  SER A CA  1 
ATOM   406  C  C   . SER A 1 69  ? -1.325  -17.569 -5.403  1.00 79.08  ? 69  SER A C   1 
ATOM   407  O  O   . SER A 1 69  ? -0.645  -17.802 -4.389  1.00 68.15  ? 69  SER A O   1 
ATOM   408  C  CB  . SER A 1 69  ? -3.180  -19.315 -5.589  1.00 90.18  ? 69  SER A CB  1 
ATOM   409  O  OG  . SER A 1 69  ? -4.365  -18.914 -6.250  1.00 91.53  ? 69  SER A OG  1 
ATOM   410  N  N   . GLY A 1 70  ? -1.560  -16.328 -5.823  1.00 71.43  ? 70  GLY A N   1 
ATOM   411  C  CA  . GLY A 1 70  ? -1.136  -15.167 -5.032  1.00 64.08  ? 70  GLY A CA  1 
ATOM   412  C  C   . GLY A 1 70  ? -1.755  -15.097 -3.652  1.00 53.68  ? 70  GLY A C   1 
ATOM   413  O  O   . GLY A 1 70  ? -2.724  -15.794 -3.325  1.00 59.96  ? 70  GLY A O   1 
ATOM   414  N  N   . THR A 1 71  ? -1.137  -14.290 -2.812  1.00 48.49  ? 71  THR A N   1 
ATOM   415  C  CA  . THR A 1 71  ? -1.578  -14.013 -1.467  1.00 47.79  ? 71  THR A CA  1 
ATOM   416  C  C   . THR A 1 71  ? -2.287  -12.670 -1.360  1.00 49.34  ? 71  THR A C   1 
ATOM   417  O  O   . THR A 1 71  ? -1.668  -11.598 -1.578  1.00 42.59  ? 71  THR A O   1 
ATOM   418  C  CB  . THR A 1 71  ? -0.363  -13.987 -0.553  1.00 49.44  ? 71  THR A CB  1 
ATOM   419  O  OG1 . THR A 1 71  ? 0.210   -15.290 -0.632  1.00 58.80  ? 71  THR A OG1 1 
ATOM   420  C  CG2 . THR A 1 71  ? -0.701  -13.630 0.877   1.00 47.96  ? 71  THR A CG2 1 
ATOM   421  N  N   . ALA A 1 72  ? -3.548  -12.721 -0.951  1.00 46.69  ? 72  ALA A N   1 
ATOM   422  C  CA  . ALA A 1 72  ? -4.326  -11.492 -0.814  1.00 40.95  ? 72  ALA A CA  1 
ATOM   423  C  C   . ALA A 1 72  ? -3.886  -10.653 0.325   1.00 39.92  ? 72  ALA A C   1 
ATOM   424  O  O   . ALA A 1 72  ? -3.586  -11.149 1.431   1.00 39.90  ? 72  ALA A O   1 
ATOM   425  C  CB  . ALA A 1 72  ? -5.796  -11.787 -0.703  1.00 43.41  ? 72  ALA A CB  1 
ATOM   426  N  N   . LEU A 1 73  ? -3.898  -9.318  0.098   1.00 36.74  ? 73  LEU A N   1 
ATOM   427  C  CA  . LEU A 1 73  ? -3.542  -8.427  1.115   1.00 33.81  ? 73  LEU A CA  1 
ATOM   428  C  C   . LEU A 1 73  ? -4.077  -6.977  0.881   1.00 33.45  ? 73  LEU A C   1 
ATOM   429  O  O   . LEU A 1 73  ? -4.619  -6.705  -0.204  1.00 38.87  ? 73  LEU A O   1 
ATOM   430  C  CB  . LEU A 1 73  ? -2.033  -8.469  1.256   1.00 42.75  ? 73  LEU A CB  1 
ATOM   431  C  CG  . LEU A 1 73  ? -1.033  -7.675  0.406   1.00 49.99  ? 73  LEU A CG  1 
ATOM   432  C  CD1 . LEU A 1 73  ? 0.185   -8.500  0.076   1.00 52.17  ? 73  LEU A CD1 1 
ATOM   433  C  CD2 . LEU A 1 73  ? -1.592  -7.018  -0.833  1.00 54.01  ? 73  LEU A CD2 1 
ATOM   434  N  N   . GLY A 1 74  ? -4.014  -6.167  1.917   1.00 34.90  ? 74  GLY A N   1 
ATOM   435  C  CA  . GLY A 1 74  ? -4.285  -4.726  1.756   1.00 35.78  ? 74  GLY A CA  1 
ATOM   436  C  C   . GLY A 1 74  ? -3.710  -3.913  2.843   1.00 33.88  ? 74  GLY A C   1 
ATOM   437  O  O   . GLY A 1 74  ? -3.376  -4.457  3.926   1.00 37.14  ? 74  GLY A O   1 
ATOM   438  N  N   . TRP A 1 75  ? -3.652  -2.600  2.645   1.00 32.32  ? 75  TRP A N   1 
ATOM   439  C  CA  . TRP A 1 75  ? -3.190  -1.722  3.697   1.00 32.58  ? 75  TRP A CA  1 
ATOM   440  C  C   . TRP A 1 75  ? -3.654  -0.286  3.462   1.00 35.21  ? 75  TRP A C   1 
ATOM   441  O  O   . TRP A 1 75  ? -4.102  0.043   2.381   1.00 31.15  ? 75  TRP A O   1 
ATOM   442  C  CB  . TRP A 1 75  ? -1.638  -1.763  3.859   1.00 34.03  ? 75  TRP A CB  1 
ATOM   443  C  CG  . TRP A 1 75  ? -0.813  -1.123  2.689   1.00 31.87  ? 75  TRP A CG  1 
ATOM   444  C  CD1 . TRP A 1 75  ? -0.511  0.233   2.570   1.00 34.04  ? 75  TRP A CD1 1 
ATOM   445  C  CD2 . TRP A 1 75  ? -0.417  -1.721  1.502   1.00 30.66  ? 75  TRP A CD2 1 
ATOM   446  N  NE1 . TRP A 1 75  ? 0.143   0.418   1.425   1.00 34.47  ? 75  TRP A NE1 1 
ATOM   447  C  CE2 . TRP A 1 75  ? 0.212   -0.746  0.730   1.00 30.80  ? 75  TRP A CE2 1 
ATOM   448  C  CE3 . TRP A 1 75  ? -0.439  -3.028  1.003   1.00 31.70  ? 75  TRP A CE3 1 
ATOM   449  C  CZ2 . TRP A 1 75  ? 0.770   -1.014  -0.528  1.00 30.28  ? 75  TRP A CZ2 1 
ATOM   450  C  CZ3 . TRP A 1 75  ? 0.072   -3.273  -0.279  1.00 32.60  ? 75  TRP A CZ3 1 
ATOM   451  C  CH2 . TRP A 1 75  ? 0.673   -2.287  -1.026  1.00 33.63  ? 75  TRP A CH2 1 
ATOM   452  N  N   . THR A 1 76  ? -3.514  0.549   4.493   1.00 32.03  ? 76  THR A N   1 
ATOM   453  C  CA  . THR A 1 76  ? -4.006  1.903   4.517   1.00 32.96  ? 76  THR A CA  1 
ATOM   454  C  C   . THR A 1 76  ? -2.916  2.837   4.988   1.00 31.97  ? 76  THR A C   1 
ATOM   455  O  O   . THR A 1 76  ? -2.155  2.490   5.896   1.00 35.70  ? 76  THR A O   1 
ATOM   456  C  CB  . THR A 1 76  ? -5.170  2.080   5.510   1.00 34.86  ? 76  THR A CB  1 
ATOM   457  O  OG1 . THR A 1 76  ? -6.234  1.198   5.173   1.00 36.06  ? 76  THR A OG1 1 
ATOM   458  C  CG2 . THR A 1 76  ? -5.753  3.467   5.470   1.00 33.80  ? 76  THR A CG2 1 
ATOM   459  N  N   . VAL A 1 77  ? -2.881  4.015   4.378   1.00 34.36  ? 77  VAL A N   1 
ATOM   460  C  CA  . VAL A 1 77  ? -2.071  5.184   4.839   1.00 35.99  ? 77  VAL A CA  1 
ATOM   461  C  C   . VAL A 1 77  ? -3.011  6.352   4.971   1.00 36.06  ? 77  VAL A C   1 
ATOM   462  O  O   . VAL A 1 77  ? -3.721  6.682   4.025   1.00 37.07  ? 77  VAL A O   1 
ATOM   463  C  CB  . VAL A 1 77  ? -0.967  5.558   3.856   1.00 38.49  ? 77  VAL A CB  1 
ATOM   464  C  CG1 . VAL A 1 77  ? -0.350  6.930   4.183   1.00 38.53  ? 77  VAL A CG1 1 
ATOM   465  C  CG2 . VAL A 1 77  ? 0.088   4.473   3.781   1.00 35.86  ? 77  VAL A CG2 1 
ATOM   466  N  N   . ALA A 1 78  ? -3.065  6.970   6.174   1.00 33.02  ? 78  ALA A N   1 
ATOM   467  C  CA  . ALA A 1 78  ? -3.631  8.316   6.305   1.00 34.61  ? 78  ALA A CA  1 
ATOM   468  C  C   . ALA A 1 78  ? -2.498  9.363   6.165   1.00 31.59  ? 78  ALA A C   1 
ATOM   469  O  O   . ALA A 1 78  ? -1.493  9.254   6.836   1.00 43.29  ? 78  ALA A O   1 
ATOM   470  C  CB  . ALA A 1 78  ? -4.302  8.436   7.658   1.00 38.73  ? 78  ALA A CB  1 
ATOM   471  N  N   . TRP A 1 79  ? -2.705  10.348  5.320   1.00 35.20  ? 79  TRP A N   1 
ATOM   472  C  CA  . TRP A 1 79  ? -1.687  11.188  4.780   1.00 37.19  ? 79  TRP A CA  1 
ATOM   473  C  C   . TRP A 1 79  ? -1.500  12.418  5.746   1.00 40.28  ? 79  TRP A C   1 
ATOM   474  O  O   . TRP A 1 79  ? -1.564  13.554  5.322   1.00 40.32  ? 79  TRP A O   1 
ATOM   475  C  CB  . TRP A 1 79  ? -2.059  11.700  3.374   1.00 37.00  ? 79  TRP A CB  1 
ATOM   476  C  CG  . TRP A 1 79  ? -2.021  10.570  2.408   1.00 40.69  ? 79  TRP A CG  1 
ATOM   477  C  CD1 . TRP A 1 79  ? -3.105  9.958   1.803   1.00 38.35  ? 79  TRP A CD1 1 
ATOM   478  C  CD2 . TRP A 1 79  ? -0.854  9.839   1.988   1.00 37.03  ? 79  TRP A CD2 1 
ATOM   479  N  NE1 . TRP A 1 79  ? -2.669  8.922   1.009   1.00 40.46  ? 79  TRP A NE1 1 
ATOM   480  C  CE2 . TRP A 1 79  ? -1.303  8.807   1.110   1.00 36.10  ? 79  TRP A CE2 1 
ATOM   481  C  CE3 . TRP A 1 79  ? 0.516   9.953   2.247   1.00 34.57  ? 79  TRP A CE3 1 
ATOM   482  C  CZ2 . TRP A 1 79  ? -0.435  7.950   0.481   1.00 35.87  ? 79  TRP A CZ2 1 
ATOM   483  C  CZ3 . TRP A 1 79  ? 1.401   9.055   1.635   1.00 38.96  ? 79  TRP A CZ3 1 
ATOM   484  C  CH2 . TRP A 1 79  ? 0.908   8.050   0.756   1.00 38.32  ? 79  TRP A CH2 1 
ATOM   485  N  N   . LYS A 1 80  ? -1.230  12.081  6.978   1.00 41.43  ? 80  LYS A N   1 
ATOM   486  C  CA  . LYS A 1 80  ? -0.848  13.031  8.062   1.00 45.23  ? 80  LYS A CA  1 
ATOM   487  C  C   . LYS A 1 80  ? 0.326   12.447  8.783   1.00 42.63  ? 80  LYS A C   1 
ATOM   488  O  O   . LYS A 1 80  ? 0.328   11.299  9.201   1.00 46.52  ? 80  LYS A O   1 
ATOM   489  C  CB  . LYS A 1 80  ? -1.967  13.238  9.072   1.00 47.16  ? 80  LYS A CB  1 
ATOM   490  C  CG  . LYS A 1 80  ? -1.558  13.980  10.376  1.00 54.58  ? 80  LYS A CG  1 
ATOM   491  C  CD  . LYS A 1 80  ? -2.741  14.164  11.332  1.00 62.93  ? 80  LYS A CD  1 
ATOM   492  C  CE  . LYS A 1 80  ? -2.419  15.187  12.430  1.00 69.04  ? 80  LYS A CE  1 
ATOM   493  N  NZ  . LYS A 1 80  ? -1.288  14.706  13.267  1.00 66.23  ? 80  LYS A NZ  1 
ATOM   494  N  N   . ASN A 1 81  ? 1.377   13.270  8.893   1.00 49.74  ? 81  ASN A N   1 
ATOM   495  C  CA  . ASN A 1 81  ? 2.532   12.967  9.732   1.00 50.78  ? 81  ASN A CA  1 
ATOM   496  C  C   . ASN A 1 81  ? 3.000   14.301  10.420  1.00 53.78  ? 81  ASN A C   1 
ATOM   497  O  O   . ASN A 1 81  ? 2.282   15.293  10.387  1.00 47.74  ? 81  ASN A O   1 
ATOM   498  C  CB  . ASN A 1 81  ? 3.649   12.316  8.892   1.00 49.87  ? 81  ASN A CB  1 
ATOM   499  C  CG  . ASN A 1 81  ? 4.216   13.232  7.788   1.00 40.93  ? 81  ASN A CG  1 
ATOM   500  O  OD1 . ASN A 1 81  ? 3.888   14.419  7.680   1.00 45.72  ? 81  ASN A OD1 1 
ATOM   501  N  ND2 . ASN A 1 81  ? 5.097   12.642  6.943   1.00 44.01  ? 81  ASN A ND2 1 
ATOM   502  N  N   . ASN A 1 82  ? 4.218   14.370  10.945  1.00 57.59  ? 82  ASN A N   1 
ATOM   503  C  CA  . ASN A 1 82  ? 4.661   15.664  11.591  1.00 66.49  ? 82  ASN A CA  1 
ATOM   504  C  C   . ASN A 1 82  ? 4.801   16.872  10.666  1.00 60.86  ? 82  ASN A C   1 
ATOM   505  O  O   . ASN A 1 82  ? 4.795   18.004  11.120  1.00 71.39  ? 82  ASN A O   1 
ATOM   506  C  CB  . ASN A 1 82  ? 5.947   15.463  12.396  1.00 69.09  ? 82  ASN A CB  1 
ATOM   507  C  CG  . ASN A 1 82  ? 5.827   14.337  13.431  1.00 69.22  ? 82  ASN A CG  1 
ATOM   508  O  OD1 . ASN A 1 82  ? 4.849   14.270  14.162  1.00 72.00  ? 82  ASN A OD1 1 
ATOM   509  N  ND2 . ASN A 1 82  ? 6.820   13.447  13.481  1.00 78.36  ? 82  ASN A ND2 1 
ATOM   510  N  N   . TYR A 1 83  ? 4.888   16.651  9.363   1.00 60.27  ? 83  TYR A N   1 
ATOM   511  C  CA  . TYR A 1 83  ? 5.125   17.730  8.425   1.00 50.65  ? 83  TYR A CA  1 
ATOM   512  C  C   . TYR A 1 83  ? 3.951   18.270  7.669   1.00 62.04  ? 83  TYR A C   1 
ATOM   513  O  O   . TYR A 1 83  ? 3.929   19.481  7.325   1.00 58.28  ? 83  TYR A O   1 
ATOM   514  C  CB  . TYR A 1 83  ? 6.110   17.229  7.389   1.00 57.21  ? 83  TYR A CB  1 
ATOM   515  C  CG  . TYR A 1 83  ? 7.324   16.635  8.011   1.00 62.63  ? 83  TYR A CG  1 
ATOM   516  C  CD1 . TYR A 1 83  ? 8.264   17.452  8.657   1.00 73.22  ? 83  TYR A CD1 1 
ATOM   517  C  CD2 . TYR A 1 83  ? 7.532   15.254  7.994   1.00 61.71  ? 83  TYR A CD2 1 
ATOM   518  C  CE1 . TYR A 1 83  ? 9.391   16.909  9.240   1.00 80.40  ? 83  TYR A CE1 1 
ATOM   519  C  CE2 . TYR A 1 83  ? 8.645   14.694  8.575   1.00 71.84  ? 83  TYR A CE2 1 
ATOM   520  C  CZ  . TYR A 1 83  ? 9.579   15.527  9.200   1.00 80.21  ? 83  TYR A CZ  1 
ATOM   521  O  OH  . TYR A 1 83  ? 10.702  14.978  9.776   1.00 78.61  ? 83  TYR A OH  1 
ATOM   522  N  N   . ARG A 1 84  ? 3.026   17.366  7.286   1.00 50.07  ? 84  ARG A N   1 
ATOM   523  C  CA  . ARG A 1 84  ? 1.953   17.724  6.377   1.00 50.86  ? 84  ARG A CA  1 
ATOM   524  C  C   . ARG A 1 84  ? 0.650   17.043  6.778   1.00 43.76  ? 84  ARG A C   1 
ATOM   525  O  O   . ARG A 1 84  ? 0.680   15.993  7.447   1.00 43.80  ? 84  ARG A O   1 
ATOM   526  C  CB  . ARG A 1 84  ? 2.309   17.296  4.952   1.00 54.31  ? 84  ARG A CB  1 
ATOM   527  C  CG  . ARG A 1 84  ? 3.566   17.945  4.421   1.00 59.98  ? 84  ARG A CG  1 
ATOM   528  C  CD  . ARG A 1 84  ? 3.431   18.160  2.966   1.00 60.52  ? 84  ARG A CD  1 
ATOM   529  N  NE  . ARG A 1 84  ? 4.707   18.465  2.364   1.00 55.49  ? 84  ARG A NE  1 
ATOM   530  C  CZ  . ARG A 1 84  ? 4.883   18.577  1.072   1.00 56.90  ? 84  ARG A CZ  1 
ATOM   531  N  NH1 . ARG A 1 84  ? 6.089   18.870  0.609   1.00 57.98  ? 84  ARG A NH1 1 
ATOM   532  N  NH2 . ARG A 1 84  ? 3.856   18.407  0.230   1.00 55.41  ? 84  ARG A NH2 1 
ATOM   533  N  N   . ASN A 1 85  ? -0.456  17.668  6.391   1.00 51.69  ? 85  ASN A N   1 
ATOM   534  C  CA  . ASN A 1 85  ? -1.751  17.006  6.571   1.00 51.32  ? 85  ASN A CA  1 
ATOM   535  C  C   . ASN A 1 85  ? -2.438  17.164  5.282   1.00 50.32  ? 85  ASN A C   1 
ATOM   536  O  O   . ASN A 1 85  ? -2.862  18.252  4.926   1.00 49.84  ? 85  ASN A O   1 
ATOM   537  C  CB  . ASN A 1 85  ? -2.615  17.523  7.727   1.00 51.35  ? 85  ASN A CB  1 
ATOM   538  C  CG  . ASN A 1 85  ? -3.756  16.549  8.054   1.00 62.02  ? 85  ASN A CG  1 
ATOM   539  O  OD1 . ASN A 1 85  ? -4.085  15.636  7.252   1.00 47.18  ? 85  ASN A OD1 1 
ATOM   540  N  ND2 . ASN A 1 85  ? -4.331  16.700  9.228   1.00 51.08  ? 85  ASN A ND2 1 
ATOM   541  N  N   . ALA A 1 86  ? -2.539  16.068  4.524   1.00 42.38  ? 86  ALA A N   1 
ATOM   542  C  CA  . ALA A 1 86  ? -3.240  16.189  3.275   1.00 41.05  ? 86  ALA A CA  1 
ATOM   543  C  C   . ALA A 1 86  ? -4.731  15.843  3.349   1.00 41.27  ? 86  ALA A C   1 
ATOM   544  O  O   . ALA A 1 86  ? -5.373  15.709  2.301   1.00 43.39  ? 86  ALA A O   1 
ATOM   545  C  CB  . ALA A 1 86  ? -2.550  15.349  2.217   1.00 43.79  ? 86  ALA A CB  1 
ATOM   546  N  N   . HIS A 1 87  ? -5.266  15.666  4.534   1.00 43.09  ? 87  HIS A N   1 
ATOM   547  C  CA  . HIS A 1 87  ? -6.701  15.414  4.733   1.00 44.67  ? 87  HIS A CA  1 
ATOM   548  C  C   . HIS A 1 87  ? -7.246  14.334  3.765   1.00 35.83  ? 87  HIS A C   1 
ATOM   549  O  O   . HIS A 1 87  ? -8.239  14.541  3.055   1.00 40.45  ? 87  HIS A O   1 
ATOM   550  C  CB  . HIS A 1 87  ? -7.483  16.711  4.648   1.00 45.95  ? 87  HIS A CB  1 
ATOM   551  C  CG  . HIS A 1 87  ? -7.093  17.646  5.746   1.00 65.10  ? 87  HIS A CG  1 
ATOM   552  N  ND1 . HIS A 1 87  ? -6.614  18.918  5.505   1.00 64.43  ? 87  HIS A ND1 1 
ATOM   553  C  CD2 . HIS A 1 87  ? -6.977  17.444  7.087   1.00 62.53  ? 87  HIS A CD2 1 
ATOM   554  C  CE1 . HIS A 1 87  ? -6.253  19.467  6.655   1.00 65.15  ? 87  HIS A CE1 1 
ATOM   555  N  NE2 . HIS A 1 87  ? -6.478  18.604  7.631   1.00 65.74  ? 87  HIS A NE2 1 
ATOM   556  N  N   . SER A 1 88  ? -6.556  13.240  3.782   1.00 36.49  ? 88  SER A N   1 
ATOM   557  C  CA  . SER A 1 88  ? -6.890  12.154  2.828   1.00 37.00  ? 88  SER A CA  1 
ATOM   558  C  C   . SER A 1 88  ? -6.328  10.892  3.341   1.00 37.34  ? 88  SER A C   1 
ATOM   559  O  O   . SER A 1 88  ? -5.440  10.842  4.255   1.00 36.63  ? 88  SER A O   1 
ATOM   560  C  CB  . SER A 1 88  ? -6.420  12.523  1.412   1.00 37.66  ? 88  SER A CB  1 
ATOM   561  O  OG  . SER A 1 88  ? -5.050  12.817  1.357   1.00 40.44  ? 88  SER A OG  1 
ATOM   562  N  N   . ALA A 1 89  ? -6.824  9.798   2.751   1.00 35.34  ? 89  ALA A N   1 
ATOM   563  C  CA  . ALA A 1 89  ? -6.292  8.490   3.095   1.00 32.05  ? 89  ALA A CA  1 
ATOM   564  C  C   . ALA A 1 89  ? -6.367  7.538   1.807   1.00 32.28  ? 89  ALA A C   1 
ATOM   565  O  O   . ALA A 1 89  ? -7.300  7.726   1.015   1.00 31.81  ? 89  ALA A O   1 
ATOM   566  C  CB  . ALA A 1 89  ? -7.094  7.929   4.233   1.00 36.21  ? 89  ALA A CB  1 
ATOM   567  N  N   . THR A 1 90  ? -5.402  6.614   1.642   1.00 32.89  ? 90  THR A N   1 
ATOM   568  C  CA  . THR A 1 90  ? -5.350  5.729   0.510   1.00 30.49  ? 90  THR A CA  1 
ATOM   569  C  C   . THR A 1 90  ? -5.401  4.323   1.067   1.00 30.72  ? 90  THR A C   1 
ATOM   570  O  O   . THR A 1 90  ? -4.686  4.056   2.030   1.00 32.56  ? 90  THR A O   1 
ATOM   571  C  CB  . THR A 1 90  ? -4.077  5.897   -0.278  1.00 33.70  ? 90  THR A CB  1 
ATOM   572  O  OG1 . THR A 1 90  ? -3.977  7.252   -0.814  1.00 31.74  ? 90  THR A OG1 1 
ATOM   573  C  CG2 . THR A 1 90  ? -4.027  4.905   -1.465  1.00 30.83  ? 90  THR A CG2 1 
ATOM   574  N  N   . THR A 1 91  ? -6.184  3.419   0.430   1.00 31.26  ? 91  THR A N   1 
ATOM   575  C  CA  . THR A 1 91  ? -6.086  1.978   0.698   1.00 28.48  ? 91  THR A CA  1 
ATOM   576  C  C   . THR A 1 91  ? -5.654  1.249   -0.556  1.00 32.30  ? 91  THR A C   1 
ATOM   577  O  O   . THR A 1 91  ? -6.141  1.522   -1.628  1.00 34.78  ? 91  THR A O   1 
ATOM   578  C  CB  . THR A 1 91  ? -7.405  1.360   1.180   1.00 32.15  ? 91  THR A CB  1 
ATOM   579  O  OG1 . THR A 1 91  ? -8.377  1.413   0.142   1.00 34.77  ? 91  THR A OG1 1 
ATOM   580  C  CG2 . THR A 1 91  ? -7.878  2.134   2.419   1.00 34.72  ? 91  THR A CG2 1 
ATOM   581  N  N   . TRP A 1 92  ? -4.732  0.299   -0.422  1.00 29.05  ? 92  TRP A N   1 
ATOM   582  C  CA  . TRP A 1 92  ? -4.305  -0.512  -1.541  1.00 27.86  ? 92  TRP A CA  1 
ATOM   583  C  C   . TRP A 1 92  ? -4.843  -1.955  -1.276  1.00 30.03  ? 92  TRP A C   1 
ATOM   584  O  O   . TRP A 1 92  ? -4.694  -2.413  -0.161  1.00 31.59  ? 92  TRP A O   1 
ATOM   585  C  CB  . TRP A 1 92  ? -2.801  -0.648  -1.519  1.00 29.58  ? 92  TRP A CB  1 
ATOM   586  C  CG  . TRP A 1 92  ? -2.027  0.557   -1.994  1.00 30.02  ? 92  TRP A CG  1 
ATOM   587  C  CD1 . TRP A 1 92  ? -1.516  0.764   -3.217  1.00 33.35  ? 92  TRP A CD1 1 
ATOM   588  C  CD2 . TRP A 1 92  ? -1.743  1.705   -1.225  1.00 31.37  ? 92  TRP A CD2 1 
ATOM   589  N  NE1 . TRP A 1 92  ? -0.826  1.980   -3.256  1.00 33.37  ? 92  TRP A NE1 1 
ATOM   590  C  CE2 . TRP A 1 92  ? -0.962  2.574   -2.036  1.00 34.07  ? 92  TRP A CE2 1 
ATOM   591  C  CE3 . TRP A 1 92  ? -2.012  2.062   0.080   1.00 33.69  ? 92  TRP A CE3 1 
ATOM   592  C  CZ2 . TRP A 1 92  ? -0.446  3.787   -1.571  1.00 34.50  ? 92  TRP A CZ2 1 
ATOM   593  C  CZ3 . TRP A 1 92  ? -1.496  3.319   0.569   1.00 33.92  ? 92  TRP A CZ3 1 
ATOM   594  C  CH2 . TRP A 1 92  ? -0.745  4.143   -0.271  1.00 33.04  ? 92  TRP A CH2 1 
ATOM   595  N  N   . SER A 1 93  ? -5.300  -2.610  -2.334  1.00 32.08  ? 93  SER A N   1 
ATOM   596  C  CA  . SER A 1 93  ? -5.842  -3.987  -2.243  1.00 33.92  ? 93  SER A CA  1 
ATOM   597  C  C   . SER A 1 93  ? -5.194  -4.707  -3.360  1.00 31.18  ? 93  SER A C   1 
ATOM   598  O  O   . SER A 1 93  ? -5.211  -4.249  -4.529  1.00 33.43  ? 93  SER A O   1 
ATOM   599  C  CB  . SER A 1 93  ? -7.359  -3.943  -2.368  1.00 32.67  ? 93  SER A CB  1 
ATOM   600  O  OG  . SER A 1 93  ? -7.959  -5.263  -2.550  1.00 42.28  ? 93  SER A OG  1 
ATOM   601  N  N   . GLY A 1 94  ? -4.597  -5.862  -3.066  1.00 35.55  ? 94  GLY A N   1 
ATOM   602  C  CA  . GLY A 1 94  ? -4.046  -6.609  -4.147  1.00 36.82  ? 94  GLY A CA  1 
ATOM   603  C  C   . GLY A 1 94  ? -3.478  -7.969  -3.746  1.00 39.61  ? 94  GLY A C   1 
ATOM   604  O  O   . GLY A 1 94  ? -3.899  -8.553  -2.724  1.00 38.46  ? 94  GLY A O   1 
ATOM   605  N  N   . GLN A 1 95  ? -2.520  -8.425  -4.549  1.00 38.73  ? 95  GLN A N   1 
ATOM   606  C  CA  . GLN A 1 95  ? -1.845  -9.641  -4.226  1.00 40.63  ? 95  GLN A CA  1 
ATOM   607  C  C   . GLN A 1 95  ? -0.328  -9.651  -4.370  1.00 38.55  ? 95  GLN A C   1 
ATOM   608  O  O   . GLN A 1 95  ? 0.235   -9.012  -5.272  1.00 40.68  ? 95  GLN A O   1 
ATOM   609  C  CB  . GLN A 1 95  ? -2.498  -10.796 -4.936  1.00 44.73  ? 95  GLN A CB  1 
ATOM   610  C  CG  . GLN A 1 95  ? -2.554  -10.725 -6.382  1.00 51.62  ? 95  GLN A CG  1 
ATOM   611  C  CD  . GLN A 1 95  ? -2.861  -12.094 -7.023  1.00 68.86  ? 95  GLN A CD  1 
ATOM   612  O  OE1 . GLN A 1 95  ? -3.420  -13.002 -6.400  1.00 60.26  ? 95  GLN A OE1 1 
ATOM   613  N  NE2 . GLN A 1 95  ? -2.472  -12.233 -8.276  1.00 62.44  ? 95  GLN A NE2 1 
ATOM   614  N  N   . TYR A 1 96  ? 0.298   -10.352 -3.421  1.00 36.13  ? 96  TYR A N   1 
ATOM   615  C  CA  . TYR A 1 96  ? 1.725   -10.745 -3.471  1.00 35.47  ? 96  TYR A CA  1 
ATOM   616  C  C   . TYR A 1 96  ? 1.888   -12.019 -4.283  1.00 41.46  ? 96  TYR A C   1 
ATOM   617  O  O   . TYR A 1 96  ? 1.156   -13.038 -4.027  1.00 42.63  ? 96  TYR A O   1 
ATOM   618  C  CB  . TYR A 1 96  ? 2.282   -10.901 -2.047  1.00 41.42  ? 96  TYR A CB  1 
ATOM   619  C  CG  . TYR A 1 96  ? 3.613   -11.627 -1.994  1.00 44.88  ? 96  TYR A CG  1 
ATOM   620  C  CD1 . TYR A 1 96  ? 4.783   -10.939 -2.225  1.00 44.42  ? 96  TYR A CD1 1 
ATOM   621  C  CD2 . TYR A 1 96  ? 3.692   -13.018 -1.702  1.00 48.72  ? 96  TYR A CD2 1 
ATOM   622  C  CE1 . TYR A 1 96  ? 6.031   -11.575 -2.212  1.00 43.00  ? 96  TYR A CE1 1 
ATOM   623  C  CE2 . TYR A 1 96  ? 4.935   -13.679 -1.668  1.00 48.10  ? 96  TYR A CE2 1 
ATOM   624  C  CZ  . TYR A 1 96  ? 6.091   -12.954 -1.919  1.00 48.33  ? 96  TYR A CZ  1 
ATOM   625  O  OH  . TYR A 1 96  ? 7.325   -13.519 -1.882  1.00 49.40  ? 96  TYR A OH  1 
ATOM   626  N  N   . VAL A 1 97  ? 2.770   -11.949 -5.269  1.00 41.78  ? 97  VAL A N   1 
ATOM   627  C  CA  . VAL A 1 97  ? 3.226   -13.098 -6.019  1.00 49.46  ? 97  VAL A CA  1 
ATOM   628  C  C   . VAL A 1 97  ? 4.726   -13.250 -5.810  1.00 50.06  ? 97  VAL A C   1 
ATOM   629  O  O   . VAL A 1 97  ? 5.515   -12.319 -6.070  1.00 47.80  ? 97  VAL A O   1 
ATOM   630  C  CB  . VAL A 1 97  ? 2.929   -12.909 -7.507  1.00 53.98  ? 97  VAL A CB  1 
ATOM   631  C  CG1 . VAL A 1 97  ? 3.391   -14.142 -8.283  1.00 59.27  ? 97  VAL A CG1 1 
ATOM   632  C  CG2 . VAL A 1 97  ? 1.424   -12.705 -7.741  1.00 53.99  ? 97  VAL A CG2 1 
ATOM   633  N  N   . GLY A 1 98  ? 5.133   -14.426 -5.350  1.00 50.25  ? 98  GLY A N   1 
ATOM   634  C  CA  . GLY A 1 98  ? 6.545   -14.692 -5.010  1.00 55.78  ? 98  GLY A CA  1 
ATOM   635  C  C   . GLY A 1 98  ? 7.391   -15.059 -6.225  1.00 53.76  ? 98  GLY A C   1 
ATOM   636  O  O   . GLY A 1 98  ? 6.898   -15.064 -7.363  1.00 55.66  ? 98  GLY A O   1 
ATOM   637  N  N   . GLY A 1 99  ? 8.674   -15.330 -5.985  1.00 61.66  ? 99  GLY A N   1 
ATOM   638  C  CA  . GLY A 1 99  ? 9.583   -15.839 -7.038  1.00 59.82  ? 99  GLY A CA  1 
ATOM   639  C  C   . GLY A 1 99  ? 10.677  -14.875 -7.437  1.00 66.11  ? 99  GLY A C   1 
ATOM   640  O  O   . GLY A 1 99  ? 10.945  -13.887 -6.728  1.00 66.61  ? 99  GLY A O   1 
ATOM   641  N  N   . ALA A 1 100 ? 11.306  -15.157 -8.580  1.00 69.46  ? 100 ALA A N   1 
ATOM   642  C  CA  . ALA A 1 100 ? 12.544  -14.484 -8.977  1.00 70.33  ? 100 ALA A CA  1 
ATOM   643  C  C   . ALA A 1 100 ? 12.298  -13.019 -9.199  1.00 71.08  ? 100 ALA A C   1 
ATOM   644  O  O   . ALA A 1 100 ? 13.119  -12.209 -8.801  1.00 73.38  ? 100 ALA A O   1 
ATOM   645  C  CB  . ALA A 1 100 ? 13.124  -15.106 -10.242 1.00 78.37  ? 100 ALA A CB  1 
ATOM   646  N  N   . GLU A 1 101 ? 11.176  -12.700 -9.856  1.00 66.36  ? 101 GLU A N   1 
ATOM   647  C  CA  . GLU A 1 101 ? 10.642  -11.324 -9.941  1.00 64.08  ? 101 GLU A CA  1 
ATOM   648  C  C   . GLU A 1 101 ? 9.309   -11.184 -9.096  1.00 53.27  ? 101 GLU A C   1 
ATOM   649  O  O   . GLU A 1 101 ? 8.200   -11.173 -9.606  1.00 50.43  ? 101 GLU A O   1 
ATOM   650  C  CB  . GLU A 1 101 ? 10.464  -10.926 -11.401 1.00 71.94  ? 101 GLU A CB  1 
ATOM   651  C  CG  . GLU A 1 101 ? 11.775  -10.627 -12.147 1.00 85.34  ? 101 GLU A CG  1 
ATOM   652  C  CD  . GLU A 1 101 ? 11.635  -9.514  -13.215 1.00 108.18 ? 101 GLU A CD  1 
ATOM   653  O  OE1 . GLU A 1 101 ? 12.675  -9.081  -13.771 1.00 113.74 ? 101 GLU A OE1 1 
ATOM   654  O  OE2 . GLU A 1 101 ? 10.496  -9.053  -13.511 1.00 107.31 ? 101 GLU A OE2 1 
ATOM   655  N  N   . ALA A 1 102 ? 9.468   -11.154 -7.791  1.00 48.74  ? 102 ALA A N   1 
ATOM   656  C  CA  . ALA A 1 102 ? 8.349   -11.020 -6.843  1.00 48.39  ? 102 ALA A CA  1 
ATOM   657  C  C   . ALA A 1 102 ? 7.667   -9.694  -7.090  1.00 45.12  ? 102 ALA A C   1 
ATOM   658  O  O   . ALA A 1 102 ? 8.352   -8.700  -7.377  1.00 42.49  ? 102 ALA A O   1 
ATOM   659  C  CB  . ALA A 1 102 ? 8.854   -11.043 -5.422  1.00 46.41  ? 102 ALA A CB  1 
ATOM   660  N  N   . ARG A 1 103 ? 6.349   -9.678  -6.953  1.00 44.42  ? 103 ARG A N   1 
ATOM   661  C  CA  . ARG A 1 103 ? 5.571   -8.437  -7.134  1.00 41.08  ? 103 ARG A CA  1 
ATOM   662  C  C   . ARG A 1 103 ? 4.412   -8.399  -6.169  1.00 42.88  ? 103 ARG A C   1 
ATOM   663  O  O   . ARG A 1 103 ? 3.841   -9.462  -5.787  1.00 40.13  ? 103 ARG A O   1 
ATOM   664  C  CB  . ARG A 1 103 ? 4.983   -8.397  -8.507  1.00 44.81  ? 103 ARG A CB  1 
ATOM   665  C  CG  . ARG A 1 103 ? 5.954   -7.984  -9.578  1.00 65.08  ? 103 ARG A CG  1 
ATOM   666  C  CD  . ARG A 1 103 ? 5.386   -8.022  -10.986 1.00 74.51  ? 103 ARG A CD  1 
ATOM   667  N  NE  . ARG A 1 103 ? 5.863   -6.908  -11.834 1.00 79.75  ? 103 ARG A NE  1 
ATOM   668  C  CZ  . ARG A 1 103 ? 7.120   -6.700  -12.252 1.00 87.07  ? 103 ARG A CZ  1 
ATOM   669  N  NH1 . ARG A 1 103 ? 7.376   -5.644  -13.028 1.00 89.28  ? 103 ARG A NH1 1 
ATOM   670  N  NH2 . ARG A 1 103 ? 8.125   -7.515  -11.911 1.00 94.77  ? 103 ARG A NH2 1 
ATOM   671  N  N   . ILE A 1 104 ? 4.030   -7.175  -5.828  1.00 36.90  ? 104 ILE A N   1 
ATOM   672  C  CA  . ILE A 1 104 ? 2.692   -6.888  -5.254  1.00 36.77  ? 104 ILE A CA  1 
ATOM   673  C  C   . ILE A 1 104 ? 1.932   -6.025  -6.242  1.00 39.76  ? 104 ILE A C   1 
ATOM   674  O  O   . ILE A 1 104 ? 2.314   -4.887  -6.549  1.00 35.36  ? 104 ILE A O   1 
ATOM   675  C  CB  . ILE A 1 104 ? 2.764   -6.275  -3.888  1.00 36.74  ? 104 ILE A CB  1 
ATOM   676  C  CG1 . ILE A 1 104 ? 3.638   -7.112  -2.943  1.00 40.01  ? 104 ILE A CG1 1 
ATOM   677  C  CG2 . ILE A 1 104 ? 1.344   -6.042  -3.293  1.00 37.82  ? 104 ILE A CG2 1 
ATOM   678  C  CD1 . ILE A 1 104 ? 4.082   -6.403  -1.696  1.00 36.95  ? 104 ILE A CD1 1 
ATOM   679  N  N   . ASN A 1 105 ? 0.892   -6.593  -6.821  1.00 37.29  ? 105 ASN A N   1 
ATOM   680  C  CA  . ASN A 1 105 ? 0.059   -5.901  -7.789  1.00 36.60  ? 105 ASN A CA  1 
ATOM   681  C  C   . ASN A 1 105 ? -1.174  -5.429  -7.033  1.00 36.64  ? 105 ASN A C   1 
ATOM   682  O  O   . ASN A 1 105 ? -1.845  -6.186  -6.379  1.00 34.23  ? 105 ASN A O   1 
ATOM   683  C  CB  . ASN A 1 105 ? -0.369  -6.808  -8.927  1.00 42.61  ? 105 ASN A CB  1 
ATOM   684  C  CG  . ASN A 1 105 ? 0.798   -7.270  -9.753  1.00 52.24  ? 105 ASN A CG  1 
ATOM   685  O  OD1 . ASN A 1 105 ? 1.622   -6.454  -10.180 1.00 49.04  ? 105 ASN A OD1 1 
ATOM   686  N  ND2 . ASN A 1 105 ? 0.925   -8.594  -9.896  1.00 48.10  ? 105 ASN A ND2 1 
ATOM   687  N  N   . THR A 1 106 ? -1.434  -4.131  -7.074  1.00 33.60  ? 106 THR A N   1 
ATOM   688  C  CA  . THR A 1 106 ? -2.527  -3.560  -6.338  1.00 31.01  ? 106 THR A CA  1 
ATOM   689  C  C   . THR A 1 106 ? -3.406  -2.616  -7.237  1.00 31.24  ? 106 THR A C   1 
ATOM   690  O  O   . THR A 1 106 ? -2.979  -2.044  -8.301  1.00 32.51  ? 106 THR A O   1 
ATOM   691  C  CB  . THR A 1 106 ? -2.028  -2.694  -5.172  1.00 37.47  ? 106 THR A CB  1 
ATOM   692  O  OG1 . THR A 1 106 ? -1.389  -1.509  -5.714  1.00 35.36  ? 106 THR A OG1 1 
ATOM   693  C  CG2 . THR A 1 106 ? -1.105  -3.443  -4.361  1.00 38.09  ? 106 THR A CG2 1 
ATOM   694  N  N   . GLN A 1 107 ? -4.602  -2.400  -6.738  1.00 31.59  ? 107 GLN A N   1 
ATOM   695  C  CA  . GLN A 1 107 ? -5.399  -1.237  -7.047  1.00 33.32  ? 107 GLN A CA  1 
ATOM   696  C  C   . GLN A 1 107 ? -5.590  -0.466  -5.750  1.00 34.85  ? 107 GLN A C   1 
ATOM   697  O  O   . GLN A 1 107 ? -5.514  -1.017  -4.671  1.00 33.85  ? 107 GLN A O   1 
ATOM   698  C  CB  . GLN A 1 107 ? -6.746  -1.652  -7.603  1.00 38.54  ? 107 GLN A CB  1 
ATOM   699  C  CG  . GLN A 1 107 ? -6.462  -2.653  -8.707  1.00 45.97  ? 107 GLN A CG  1 
ATOM   700  C  CD  . GLN A 1 107 ? -7.372  -2.653  -9.846  1.00 51.14  ? 107 GLN A CD  1 
ATOM   701  O  OE1 . GLN A 1 107 ? -7.506  -1.662  -10.544 1.00 59.70  ? 107 GLN A OE1 1 
ATOM   702  N  NE2 . GLN A 1 107 ? -7.940  -3.841  -10.115 1.00 65.44  ? 107 GLN A NE2 1 
ATOM   703  N  N   . TRP A 1 108 ? -5.856  0.820   -5.893  1.00 32.61  ? 108 TRP A N   1 
ATOM   704  C  CA  . TRP A 1 108 ? -5.986  1.676   -4.766  1.00 29.34  ? 108 TRP A CA  1 
ATOM   705  C  C   . TRP A 1 108 ? -7.151  2.656   -4.861  1.00 28.46  ? 108 TRP A C   1 
ATOM   706  O  O   . TRP A 1 108 ? -7.612  2.970   -5.956  1.00 28.86  ? 108 TRP A O   1 
ATOM   707  C  CB  . TRP A 1 108 ? -4.687  2.385   -4.470  1.00 29.19  ? 108 TRP A CB  1 
ATOM   708  C  CG  . TRP A 1 108 ? -4.064  3.193   -5.531  1.00 31.18  ? 108 TRP A CG  1 
ATOM   709  C  CD1 . TRP A 1 108 ? -2.942  2.882   -6.195  1.00 31.37  ? 108 TRP A CD1 1 
ATOM   710  C  CD2 . TRP A 1 108 ? -4.422  4.552   -5.964  1.00 31.33  ? 108 TRP A CD2 1 
ATOM   711  N  NE1 . TRP A 1 108 ? -2.602  3.937   -7.034  1.00 32.36  ? 108 TRP A NE1 1 
ATOM   712  C  CE2 . TRP A 1 108 ? -3.508  4.930   -6.930  1.00 31.78  ? 108 TRP A CE2 1 
ATOM   713  C  CE3 . TRP A 1 108 ? -5.487  5.415   -5.671  1.00 34.58  ? 108 TRP A CE3 1 
ATOM   714  C  CZ2 . TRP A 1 108 ? -3.576  6.151   -7.614  1.00 31.99  ? 108 TRP A CZ2 1 
ATOM   715  C  CZ3 . TRP A 1 108 ? -5.539  6.596   -6.326  1.00 31.87  ? 108 TRP A CZ3 1 
ATOM   716  C  CH2 . TRP A 1 108 ? -4.596  6.942   -7.288  1.00 32.30  ? 108 TRP A CH2 1 
ATOM   717  N  N   . LEU A 1 109 ? -7.634  3.089   -3.702  1.00 28.96  ? 109 LEU A N   1 
ATOM   718  C  CA  . LEU A 1 109 ? -8.671  4.099   -3.575  1.00 27.92  ? 109 LEU A CA  1 
ATOM   719  C  C   . LEU A 1 109 ? -8.074  5.202   -2.670  1.00 30.29  ? 109 LEU A C   1 
ATOM   720  O  O   . LEU A 1 109 ? -7.661  4.903   -1.551  1.00 33.50  ? 109 LEU A O   1 
ATOM   721  C  CB  . LEU A 1 109 ? -9.920  3.569   -2.904  1.00 29.68  ? 109 LEU A CB  1 
ATOM   722  C  CG  . LEU A 1 109 ? -10.669 2.469   -3.713  1.00 32.35  ? 109 LEU A CG  1 
ATOM   723  C  CD1 . LEU A 1 109 ? -11.790 1.909   -2.841  1.00 37.17  ? 109 LEU A CD1 1 
ATOM   724  C  CD2 . LEU A 1 109 ? -11.206 3.000   -5.030  1.00 32.92  ? 109 LEU A CD2 1 
ATOM   725  N  N   . LEU A 1 110 ? -8.161  6.427   -3.130  1.00 31.07  ? 110 LEU A N   1 
ATOM   726  C  CA  . LEU A 1 110 ? -7.675  7.622   -2.297  1.00 28.69  ? 110 LEU A CA  1 
ATOM   727  C  C   . LEU A 1 110 ? -8.924  8.520   -2.072  1.00 27.96  ? 110 LEU A C   1 
ATOM   728  O  O   . LEU A 1 110 ? -9.588  9.000   -2.975  1.00 32.35  ? 110 LEU A O   1 
ATOM   729  C  CB  . LEU A 1 110 ? -6.637  8.354   -3.057  1.00 31.53  ? 110 LEU A CB  1 
ATOM   730  C  CG  . LEU A 1 110 ? -5.923  9.565   -2.367  1.00 38.09  ? 110 LEU A CG  1 
ATOM   731  C  CD1 . LEU A 1 110 ? -4.885  10.087  -3.285  1.00 40.34  ? 110 LEU A CD1 1 
ATOM   732  C  CD2 . LEU A 1 110 ? -6.914  10.592  -2.093  1.00 41.43  ? 110 LEU A CD2 1 
ATOM   733  N  N   . THR A 1 111 ? -9.321  8.624   -0.827  1.00 31.76  ? 111 THR A N   1 
ATOM   734  C  CA  . THR A 1 111 ? -10.477 9.420   -0.464  1.00 32.73  ? 111 THR A CA  1 
ATOM   735  C  C   . THR A 1 111 ? -9.952  10.734  0.204   1.00 37.81  ? 111 THR A C   1 
ATOM   736  O  O   . THR A 1 111 ? -9.074  10.692  1.101   1.00 35.49  ? 111 THR A O   1 
ATOM   737  C  CB  . THR A 1 111 ? -11.386 8.683   0.471   1.00 39.59  ? 111 THR A CB  1 
ATOM   738  O  OG1 . THR A 1 111 ? -11.906 7.477   -0.173  1.00 44.83  ? 111 THR A OG1 1 
ATOM   739  C  CG2 . THR A 1 111 ? -12.639 9.601   0.838   1.00 37.86  ? 111 THR A CG2 1 
ATOM   740  N  N   . ARG A 1 112 ? -10.525 11.833  -0.219  1.00 37.52  ? 112 ARG A N   1 
ATOM   741  C  CA  . ARG A 1 112 ? -10.151 13.138  0.334   1.00 49.08  ? 112 ARG A CA  1 
ATOM   742  C  C   . ARG A 1 112 ? -11.231 13.612  1.268   1.00 50.26  ? 112 ARG A C   1 
ATOM   743  O  O   . ARG A 1 112 ? -12.408 13.326  1.047   1.00 50.78  ? 112 ARG A O   1 
ATOM   744  C  CB  . ARG A 1 112 ? -9.845  14.128  -0.759  1.00 49.88  ? 112 ARG A CB  1 
ATOM   745  C  CG  . ARG A 1 112 ? -10.883 14.368  -1.815  1.00 58.65  ? 112 ARG A CG  1 
ATOM   746  C  CD  . ARG A 1 112 ? -10.270 15.036  -3.045  1.00 68.94  ? 112 ARG A CD  1 
ATOM   747  N  NE  . ARG A 1 112 ? -11.199 15.108  -4.191  1.00 72.92  ? 112 ARG A NE  1 
ATOM   748  C  CZ  . ARG A 1 112 ? -12.123 16.057  -4.396  1.00 82.94  ? 112 ARG A CZ  1 
ATOM   749  N  NH1 . ARG A 1 112 ? -12.300 17.066  -3.538  1.00 88.66  ? 112 ARG A NH1 1 
ATOM   750  N  NH2 . ARG A 1 112 ? -12.895 15.992  -5.484  1.00 79.66  ? 112 ARG A NH2 1 
ATOM   751  N  N   . GLY A 1 113 ? -10.815 14.257  2.366   1.00 60.28  ? 113 GLY A N   1 
ATOM   752  C  CA  . GLY A 1 113 ? -11.743 14.951  3.277   1.00 69.26  ? 113 GLY A CA  1 
ATOM   753  C  C   . GLY A 1 113 ? -12.248 16.254  2.669   1.00 79.01  ? 113 GLY A C   1 
ATOM   754  O  O   . GLY A 1 113 ? -11.504 17.237  2.594   1.00 93.41  ? 113 GLY A O   1 
ATOM   755  N  N   . THR A 1 114 ? -13.514 16.250  2.239   1.00 101.99 ? 114 THR A N   1 
ATOM   756  C  CA  . THR A 1 114 ? -14.168 17.422  1.640   1.00 114.48 ? 114 THR A CA  1 
ATOM   757  C  C   . THR A 1 114 ? -15.572 17.621  2.196   1.00 111.97 ? 114 THR A C   1 
ATOM   758  O  O   . THR A 1 114 ? -16.112 16.765  2.903   1.00 99.73  ? 114 THR A O   1 
ATOM   759  C  CB  . THR A 1 114 ? -14.239 17.358  0.072   1.00 132.02 ? 114 THR A CB  1 
ATOM   760  O  OG1 . THR A 1 114 ? -14.387 15.996  -0.392  1.00 117.37 ? 114 THR A OG1 1 
ATOM   761  C  CG2 . THR A 1 114 ? -12.996 18.022  -0.560  1.00 130.26 ? 114 THR A CG2 1 
ATOM   762  N  N   . THR A 1 115 ? -16.145 18.773  1.852   1.00 115.25 ? 115 THR A N   1 
ATOM   763  C  CA  . THR A 1 115 ? -17.540 19.108  2.159   1.00 122.35 ? 115 THR A CA  1 
ATOM   764  C  C   . THR A 1 115 ? -18.513 18.224  1.331   1.00 141.48 ? 115 THR A C   1 
ATOM   765  O  O   . THR A 1 115 ? -18.066 17.420  0.504   1.00 153.55 ? 115 THR A O   1 
ATOM   766  C  CB  . THR A 1 115 ? -17.811 20.619  1.896   1.00 111.83 ? 115 THR A CB  1 
ATOM   767  O  OG1 . THR A 1 115 ? -17.760 20.895  0.486   1.00 103.57 ? 115 THR A OG1 1 
ATOM   768  C  CG2 . THR A 1 115 ? -16.785 21.516  2.636   1.00 100.84 ? 115 THR A CG2 1 
ATOM   769  N  N   . GLU A 1 116 ? -19.828 18.370  1.548   1.00 147.78 ? 116 GLU A N   1 
ATOM   770  C  CA  . GLU A 1 116 ? -20.851 17.670  0.723   1.00 151.79 ? 116 GLU A CA  1 
ATOM   771  C  C   . GLU A 1 116 ? -21.331 18.476  -0.514  1.00 161.13 ? 116 GLU A C   1 
ATOM   772  O  O   . GLU A 1 116 ? -22.458 18.273  -0.988  1.00 157.87 ? 116 GLU A O   1 
ATOM   773  C  CB  . GLU A 1 116 ? -22.056 17.208  1.575   1.00 145.30 ? 116 GLU A CB  1 
ATOM   774  C  CG  . GLU A 1 116 ? -21.801 15.977  2.451   1.00 141.54 ? 116 GLU A CG  1 
ATOM   775  C  CD  . GLU A 1 116 ? -21.520 16.302  3.913   1.00 134.61 ? 116 GLU A CD  1 
ATOM   776  O  OE1 . GLU A 1 116 ? -20.589 15.700  4.477   1.00 133.64 ? 116 GLU A OE1 1 
ATOM   777  O  OE2 . GLU A 1 116 ? -22.219 17.143  4.516   1.00 126.07 ? 116 GLU A OE2 1 
ATOM   778  N  N   . ALA A 1 117 ? -20.479 19.378  -1.026  1.00 170.81 ? 117 ALA A N   1 
ATOM   779  C  CA  . ALA A 1 117 ? -20.644 19.940  -2.378  1.00 163.81 ? 117 ALA A CA  1 
ATOM   780  C  C   . ALA A 1 117 ? -20.078 18.960  -3.432  1.00 157.04 ? 117 ALA A C   1 
ATOM   781  O  O   . ALA A 1 117 ? -20.834 18.546  -4.314  1.00 165.97 ? 117 ALA A O   1 
ATOM   782  C  CB  . ALA A 1 117 ? -20.034 21.344  -2.507  1.00 160.86 ? 117 ALA A CB  1 
ATOM   783  N  N   . PRO A 1 118 ? -18.771 18.558  -3.334  1.00 126.83 ? 118 PRO A N   1 
ATOM   784  C  CA  . PRO A 1 118 ? -18.300 17.551  -4.271  1.00 95.82  ? 118 PRO A CA  1 
ATOM   785  C  C   . PRO A 1 118 ? -18.124 16.181  -3.591  1.00 74.75  ? 118 PRO A C   1 
ATOM   786  O  O   . PRO A 1 118 ? -17.152 15.513  -3.878  1.00 76.21  ? 118 PRO A O   1 
ATOM   787  C  CB  . PRO A 1 118 ? -16.937 18.127  -4.673  1.00 102.05 ? 118 PRO A CB  1 
ATOM   788  C  CG  . PRO A 1 118 ? -16.400 18.641  -3.357  1.00 112.11 ? 118 PRO A CG  1 
ATOM   789  C  CD  . PRO A 1 118 ? -17.621 19.058  -2.539  1.00 122.53 ? 118 PRO A CD  1 
ATOM   790  N  N   . ALA A 1 119 ? -19.007 15.777  -2.681  1.00 62.97  ? 119 ALA A N   1 
ATOM   791  C  CA  . ALA A 1 119 ? -18.895 14.455  -2.022  1.00 68.33  ? 119 ALA A CA  1 
ATOM   792  C  C   . ALA A 1 119 ? -19.065 13.303  -3.000  1.00 64.21  ? 119 ALA A C   1 
ATOM   793  O  O   . ALA A 1 119 ? -18.537 12.210  -2.771  1.00 60.34  ? 119 ALA A O   1 
ATOM   794  C  CB  . ALA A 1 119 ? -19.887 14.270  -0.870  1.00 73.19  ? 119 ALA A CB  1 
ATOM   795  N  N   . TRP A 1 120 ? -19.793 13.557  -4.088  1.00 53.80  ? 120 TRP A N   1 
ATOM   796  C  CA  . TRP A 1 120 ? -19.898 12.607  -5.202  1.00 56.37  ? 120 TRP A CA  1 
ATOM   797  C  C   . TRP A 1 120 ? -18.498 12.362  -5.776  1.00 47.36  ? 120 TRP A C   1 
ATOM   798  O  O   . TRP A 1 120 ? -18.226 11.251  -6.236  1.00 48.69  ? 120 TRP A O   1 
ATOM   799  C  CB  . TRP A 1 120 ? -20.924 13.074  -6.284  1.00 54.25  ? 120 TRP A CB  1 
ATOM   800  C  CG  . TRP A 1 120 ? -20.572 14.399  -6.947  1.00 52.39  ? 120 TRP A CG  1 
ATOM   801  C  CD1 . TRP A 1 120 ? -20.928 15.651  -6.525  1.00 49.82  ? 120 TRP A CD1 1 
ATOM   802  C  CD2 . TRP A 1 120 ? -19.742 14.590  -8.111  1.00 45.10  ? 120 TRP A CD2 1 
ATOM   803  N  NE1 . TRP A 1 120 ? -20.397 16.585  -7.361  1.00 49.00  ? 120 TRP A NE1 1 
ATOM   804  C  CE2 . TRP A 1 120 ? -19.668 15.972  -8.340  1.00 46.78  ? 120 TRP A CE2 1 
ATOM   805  C  CE3 . TRP A 1 120 ? -19.097 13.729  -8.988  1.00 44.25  ? 120 TRP A CE3 1 
ATOM   806  C  CZ2 . TRP A 1 120 ? -18.972 16.516  -9.411  1.00 47.79  ? 120 TRP A CZ2 1 
ATOM   807  C  CZ3 . TRP A 1 120 ? -18.391 14.265  -10.071 1.00 42.47  ? 120 TRP A CZ3 1 
ATOM   808  C  CH2 . TRP A 1 120 ? -18.316 15.657  -10.242 1.00 49.02  ? 120 TRP A CH2 1 
ATOM   809  N  N   . ALA A 1 121 ? -17.600 13.343  -5.653  1.00 39.21  ? 121 ALA A N   1 
ATOM   810  C  CA  . ALA A 1 121 ? -16.258 13.237  -6.205  1.00 42.22  ? 121 ALA A CA  1 
ATOM   811  C  C   . ALA A 1 121 ? -15.172 13.055  -5.131  1.00 46.00  ? 121 ALA A C   1 
ATOM   812  O  O   . ALA A 1 121 ? -14.058 13.609  -5.245  1.00 50.65  ? 121 ALA A O   1 
ATOM   813  C  CB  . ALA A 1 121 ? -15.971 14.477  -7.017  1.00 47.47  ? 121 ALA A CB  1 
ATOM   814  N  N   . MET A 1 122 ? -15.448 12.247  -4.132  1.00 41.29  ? 122 MET A N   1 
ATOM   815  C  CA  A MET A 1 122 ? -14.534 12.139  -3.002  0.20 41.90  ? 122 MET A CA  1 
ATOM   816  C  CA  B MET A 1 122 ? -14.585 12.150  -2.976  0.80 42.30  ? 122 MET A CA  1 
ATOM   817  C  C   . MET A 1 122 ? -13.389 11.148  -3.183  1.00 41.03  ? 122 MET A C   1 
ATOM   818  O  O   . MET A 1 122 ? -12.423 11.215  -2.472  1.00 37.93  ? 122 MET A O   1 
ATOM   819  C  CB  A MET A 1 122 ? -15.296 11.840  -1.728  0.20 43.96  ? 122 MET A CB  1 
ATOM   820  C  CB  B MET A 1 122 ? -15.428 11.861  -1.721  0.80 46.04  ? 122 MET A CB  1 
ATOM   821  C  CG  A MET A 1 122 ? -15.543 13.110  -0.977  0.20 45.50  ? 122 MET A CG  1 
ATOM   822  C  CG  B MET A 1 122 ? -16.035 10.446  -1.612  0.80 50.66  ? 122 MET A CG  1 
ATOM   823  S  SD  A MET A 1 122 ? -16.977 13.009  0.065   0.20 50.62  ? 122 MET A SD  1 
ATOM   824  S  SD  B MET A 1 122 ? -16.508 9.913   0.088   0.80 58.78  ? 122 MET A SD  1 
ATOM   825  C  CE  A MET A 1 122 ? -16.898 14.690  0.690   0.20 49.43  ? 122 MET A CE  1 
ATOM   826  C  CE  B MET A 1 122 ? -17.173 8.251   -0.224  0.80 59.76  ? 122 MET A CE  1 
ATOM   827  N  N   . THR A 1 123 ? -13.465 10.264  -4.174  1.00 33.89  ? 123 THR A N   1 
ATOM   828  C  CA  . THR A 1 123 ? -12.492 9.144   -4.244  1.00 34.67  ? 123 THR A CA  1 
ATOM   829  C  C   . THR A 1 123 ? -11.875 9.006   -5.604  1.00 33.52  ? 123 THR A C   1 
ATOM   830  O  O   . THR A 1 123 ? -12.627 8.942   -6.582  1.00 35.93  ? 123 THR A O   1 
ATOM   831  C  CB  . THR A 1 123 ? -13.229 7.845   -3.865  1.00 34.38  ? 123 THR A CB  1 
ATOM   832  O  OG1 . THR A 1 123 ? -13.824 8.071   -2.607  1.00 39.44  ? 123 THR A OG1 1 
ATOM   833  C  CG2 . THR A 1 123 ? -12.302 6.690   -3.753  1.00 33.43  ? 123 THR A CG2 1 
ATOM   834  N  N   . TYR A 1 124 ? -10.524 8.965   -5.659  1.00 29.77  ? 124 TYR A N   1 
ATOM   835  C  CA  . TYR A 1 124 ? -9.793  8.537   -6.832  1.00 31.76  ? 124 TYR A CA  1 
ATOM   836  C  C   . TYR A 1 124 ? -9.561  7.006   -6.850  1.00 31.83  ? 124 TYR A C   1 
ATOM   837  O  O   . TYR A 1 124 ? -9.328  6.465   -5.827  1.00 31.57  ? 124 TYR A O   1 
ATOM   838  C  CB  . TYR A 1 124 ? -8.428  9.138   -6.796  1.00 34.13  ? 124 TYR A CB  1 
ATOM   839  C  CG  . TYR A 1 124 ? -8.453  10.706  -6.958  1.00 39.04  ? 124 TYR A CG  1 
ATOM   840  C  CD1 . TYR A 1 124 ? -8.670  11.295  -8.151  1.00 47.71  ? 124 TYR A CD1 1 
ATOM   841  C  CD2 . TYR A 1 124 ? -8.270  11.502  -5.877  1.00 48.88  ? 124 TYR A CD2 1 
ATOM   842  C  CE1 . TYR A 1 124 ? -8.674  12.684  -8.282  1.00 57.99  ? 124 TYR A CE1 1 
ATOM   843  C  CE2 . TYR A 1 124 ? -8.240  12.888  -5.995  1.00 56.60  ? 124 TYR A CE2 1 
ATOM   844  C  CZ  . TYR A 1 124 ? -8.436  13.462  -7.186  1.00 51.05  ? 124 TYR A CZ  1 
ATOM   845  O  OH  . TYR A 1 124 ? -8.443  14.828  -7.228  1.00 67.95  ? 124 TYR A OH  1 
ATOM   846  N  N   . VAL A 1 125 ? -9.465  6.429   -8.013  1.00 33.61  ? 125 VAL A N   1 
ATOM   847  C  CA  . VAL A 1 125 ? -9.035  5.039   -8.169  1.00 30.42  ? 125 VAL A CA  1 
ATOM   848  C  C   . VAL A 1 125 ? -7.782  4.996   -9.036  1.00 31.05  ? 125 VAL A C   1 
ATOM   849  O  O   . VAL A 1 125 ? -7.638  5.729   -10.035 1.00 31.58  ? 125 VAL A O   1 
ATOM   850  C  CB  . VAL A 1 125 ? -10.186 4.183   -8.692  1.00 27.90  ? 125 VAL A CB  1 
ATOM   851  C  CG1 . VAL A 1 125 ? -10.596 4.592   -10.068 1.00 29.67  ? 125 VAL A CG1 1 
ATOM   852  C  CG2 . VAL A 1 125 ? -9.827  2.656   -8.711  1.00 32.77  ? 125 VAL A CG2 1 
ATOM   853  N  N   . GLY A 1 126 ? -6.861  4.120   -8.690  1.00 29.09  ? 126 GLY A N   1 
ATOM   854  C  CA  . GLY A 1 126 ? -5.661  3.907   -9.475  1.00 29.10  ? 126 GLY A CA  1 
ATOM   855  C  C   . GLY A 1 126 ? -5.079  2.521   -9.263  1.00 31.32  ? 126 GLY A C   1 
ATOM   856  O  O   . GLY A 1 126 ? -5.713  1.637   -8.637  1.00 29.43  ? 126 GLY A O   1 
ATOM   857  N  N   . HIS A 1 127 ? -3.904  2.314   -9.797  1.00 33.44  ? 127 HIS A N   1 
ATOM   858  C  CA  . HIS A 1 127 ? -3.229  1.037   -9.580  1.00 35.91  ? 127 HIS A CA  1 
ATOM   859  C  C   . HIS A 1 127 ? -1.746  1.271   -9.446  1.00 38.80  ? 127 HIS A C   1 
ATOM   860  O  O   . HIS A 1 127 ? -1.199  2.272   -9.948  1.00 36.91  ? 127 HIS A O   1 
ATOM   861  C  CB  . HIS A 1 127 ? -3.592  0.077   -10.731 1.00 40.21  ? 127 HIS A CB  1 
ATOM   862  C  CG  . HIS A 1 127 ? -3.212  0.626   -12.029 1.00 44.31  ? 127 HIS A CG  1 
ATOM   863  N  ND1 . HIS A 1 127 ? -3.911  1.657   -12.612 1.00 60.56  ? 127 HIS A ND1 1 
ATOM   864  C  CD2 . HIS A 1 127 ? -2.119  0.420   -12.806 1.00 58.48  ? 127 HIS A CD2 1 
ATOM   865  C  CE1 . HIS A 1 127 ? -3.319  2.003   -13.739 1.00 58.87  ? 127 HIS A CE1 1 
ATOM   866  N  NE2 . HIS A 1 127 ? -2.214  1.286   -13.867 1.00 58.84  ? 127 HIS A NE2 1 
ATOM   867  N  N   . ASP A 1 128 ? -1.128  0.458   -8.605  1.00 33.79  ? 128 ASP A N   1 
ATOM   868  C  CA  . ASP A 1 128 ? 0.348   0.449   -8.315  1.00 29.34  ? 128 ASP A CA  1 
ATOM   869  C  C   . ASP A 1 128 ? 0.879   -0.980  -8.453  1.00 37.02  ? 128 ASP A C   1 
ATOM   870  O  O   . ASP A 1 128 ? 0.264   -1.902  -7.966  1.00 32.71  ? 128 ASP A O   1 
ATOM   871  C  CB  . ASP A 1 128 ? 0.654   0.893   -6.909  1.00 32.11  ? 128 ASP A CB  1 
ATOM   872  C  CG  . ASP A 1 128 ? 0.629   2.507   -6.723  1.00 35.14  ? 128 ASP A CG  1 
ATOM   873  O  OD1 . ASP A 1 128 ? 0.514   3.159   -7.735  1.00 47.79  ? 128 ASP A OD1 1 
ATOM   874  O  OD2 . ASP A 1 128 ? 0.540   3.051   -5.582  1.00 33.21  ? 128 ASP A OD2 1 
ATOM   875  N  N   . THR A 1 129 ? 2.056   -1.123  -9.059  1.00 38.87  ? 129 THR A N   1 
ATOM   876  C  CA  . THR A 1 129 ? 2.803   -2.380  -9.012  1.00 41.38  ? 129 THR A CA  1 
ATOM   877  C  C   . THR A 1 129 ? 4.081   -2.170  -8.232  1.00 38.35  ? 129 THR A C   1 
ATOM   878  O  O   . THR A 1 129 ? 4.813   -1.191  -8.483  1.00 38.87  ? 129 THR A O   1 
ATOM   879  C  CB  . THR A 1 129 ? 3.114   -2.885  -10.402 1.00 47.94  ? 129 THR A CB  1 
ATOM   880  O  OG1 . THR A 1 129 ? 1.895   -3.020  -11.062 1.00 51.34  ? 129 THR A OG1 1 
ATOM   881  C  CG2 . THR A 1 129 ? 3.774   -4.297  -10.363 1.00 49.01  ? 129 THR A CG2 1 
ATOM   882  N  N   . PHE A 1 130 ? 4.278   -3.022  -7.231  1.00 36.28  ? 130 PHE A N   1 
ATOM   883  C  CA  . PHE A 1 130 ? 5.471   -2.958  -6.395  1.00 34.48  ? 130 PHE A CA  1 
ATOM   884  C  C   . PHE A 1 130 ? 6.429   -4.087  -6.720  1.00 39.60  ? 130 PHE A C   1 
ATOM   885  O  O   . PHE A 1 130 ? 6.027   -5.274  -6.867  1.00 35.68  ? 130 PHE A O   1 
ATOM   886  C  CB  . PHE A 1 130 ? 5.130   -2.978  -4.921  1.00 32.34  ? 130 PHE A CB  1 
ATOM   887  C  CG  . PHE A 1 130 ? 4.287   -1.789  -4.470  1.00 33.49  ? 130 PHE A CG  1 
ATOM   888  C  CD1 . PHE A 1 130 ? 2.886   -1.789  -4.623  1.00 36.38  ? 130 PHE A CD1 1 
ATOM   889  C  CD2 . PHE A 1 130 ? 4.884   -0.681  -3.920  1.00 35.54  ? 130 PHE A CD2 1 
ATOM   890  C  CE1 . PHE A 1 130 ? 2.117   -0.711  -4.245  1.00 36.08  ? 130 PHE A CE1 1 
ATOM   891  C  CE2 . PHE A 1 130 ? 4.116   0.401   -3.462  1.00 32.76  ? 130 PHE A CE2 1 
ATOM   892  C  CZ  . PHE A 1 130 ? 2.723   0.391   -3.623  1.00 35.16  ? 130 PHE A CZ  1 
ATOM   893  N  N   . THR A 1 131 ? 7.686   -3.711  -6.808  1.00 37.38  ? 131 THR A N   1 
ATOM   894  C  CA  . THR A 1 131 ? 8.812   -4.662  -7.001  1.00 41.02  ? 131 THR A CA  1 
ATOM   895  C  C   . THR A 1 131 ? 9.860   -4.451  -5.921  1.00 42.96  ? 131 THR A C   1 
ATOM   896  O  O   . THR A 1 131 ? 9.941   -3.391  -5.250  1.00 40.39  ? 131 THR A O   1 
ATOM   897  C  CB  . THR A 1 131 ? 9.498   -4.576  -8.392  1.00 45.25  ? 131 THR A CB  1 
ATOM   898  O  OG1 . THR A 1 131 ? 10.025  -3.264  -8.584  1.00 59.12  ? 131 THR A OG1 1 
ATOM   899  C  CG2 . THR A 1 131 ? 8.483   -4.854  -9.504  1.00 52.45  ? 131 THR A CG2 1 
ATOM   900  N  N   . LYS A 1 132 ? 10.702  -5.459  -5.774  1.00 44.09  ? 132 LYS A N   1 
ATOM   901  C  CA  . LYS A 1 132 ? 11.794  -5.402  -4.773  1.00 46.24  ? 132 LYS A CA  1 
ATOM   902  C  C   . LYS A 1 132 ? 12.974  -4.535  -5.274  1.00 45.95  ? 132 LYS A C   1 
ATOM   903  O  O   . LYS A 1 132 ? 13.785  -4.136  -4.496  1.00 47.88  ? 132 LYS A O   1 
ATOM   904  C  CB  . LYS A 1 132 ? 12.302  -6.826  -4.432  1.00 48.49  ? 132 LYS A CB  1 
ATOM   905  C  CG  . LYS A 1 132 ? 11.340  -7.762  -3.699  1.00 54.68  ? 132 LYS A CG  1 
ATOM   906  C  CD  . LYS A 1 132 ? 10.949  -7.336  -2.292  1.00 63.84  ? 132 LYS A CD  1 
ATOM   907  C  CE  . LYS A 1 132 ? 12.098  -7.375  -1.296  1.00 77.84  ? 132 LYS A CE  1 
ATOM   908  N  NZ  . LYS A 1 132 ? 11.809  -6.688  -0.001  1.00 72.56  ? 132 LYS A NZ  1 
ATOM   909  N  N   . VAL A 1 133 ? 13.045  -4.238  -6.555  1.00 51.04  ? 133 VAL A N   1 
ATOM   910  C  CA  . VAL A 1 133 ? 14.078  -3.361  -7.080  1.00 56.30  ? 133 VAL A CA  1 
ATOM   911  C  C   . VAL A 1 133 ? 13.425  -2.078  -7.577  1.00 57.41  ? 133 VAL A C   1 
ATOM   912  O  O   . VAL A 1 133 ? 12.328  -2.071  -8.127  1.00 57.70  ? 133 VAL A O   1 
ATOM   913  C  CB  . VAL A 1 133 ? 14.821  -3.982  -8.257  1.00 63.50  ? 133 VAL A CB  1 
ATOM   914  C  CG1 . VAL A 1 133 ? 16.202  -3.329  -8.358  1.00 71.76  ? 133 VAL A CG1 1 
ATOM   915  C  CG2 . VAL A 1 133 ? 14.934  -5.496  -8.110  1.00 64.36  ? 133 VAL A CG2 1 
ATOM   916  N  N   . LYS A 1 134 ? 14.105  -0.984  -7.390  1.00 56.13  ? 134 LYS A N   1 
ATOM   917  C  CA  . LYS A 1 134 ? 13.553  0.317   -7.687  1.00 61.55  ? 134 LYS A CA  1 
ATOM   918  C  C   . LYS A 1 134 ? 13.745  0.666   -9.149  1.00 72.15  ? 134 LYS A C   1 
ATOM   919  O  O   . LYS A 1 134 ? 14.848  0.480   -9.648  1.00 85.80  ? 134 LYS A O   1 
ATOM   920  C  CB  . LYS A 1 134 ? 14.325  1.288   -6.848  1.00 67.44  ? 134 LYS A CB  1 
ATOM   921  C  CG  . LYS A 1 134 ? 13.862  2.739   -6.811  1.00 71.20  ? 134 LYS A CG  1 
ATOM   922  C  CD  . LYS A 1 134 ? 14.718  3.523   -5.784  1.00 77.52  ? 134 LYS A CD  1 
ATOM   923  C  CE  . LYS A 1 134 ? 15.967  2.767   -5.237  1.00 75.11  ? 134 LYS A CE  1 
ATOM   924  N  NZ  . LYS A 1 134 ? 16.782  3.568   -4.290  1.00 78.81  ? 134 LYS A NZ  1 
ATOM   925  N  N   . PRO A 1 135 ? 12.700  1.208   -9.836  1.00 73.51  ? 135 PRO A N   1 
ATOM   926  C  CA  . PRO A 1 135 ? 12.904  1.660   -11.227 1.00 76.00  ? 135 PRO A CA  1 
ATOM   927  C  C   . PRO A 1 135 ? 14.051  2.695   -11.384 1.00 77.97  ? 135 PRO A C   1 
ATOM   928  O  O   . PRO A 1 135 ? 14.425  3.355   -10.394 1.00 65.70  ? 135 PRO A O   1 
ATOM   929  C  CB  . PRO A 1 135 ? 11.562  2.320   -11.568 1.00 82.43  ? 135 PRO A CB  1 
ATOM   930  C  CG  . PRO A 1 135 ? 11.026  2.789   -10.244 1.00 80.81  ? 135 PRO A CG  1 
ATOM   931  C  CD  . PRO A 1 135 ? 11.426  1.718   -9.284  1.00 73.09  ? 135 PRO A CD  1 
HETATM 932  C  C1  . 6IR B 2 .   ? 1.654   6.384   -4.614  1.00 34.82  ? 400 6IR A C1  1 
HETATM 933  N  N1  . 6IR B 2 .   ? 0.533   5.662   -5.215  1.00 30.93  ? 400 6IR A N1  1 
HETATM 934  O  O1  . 6IR B 2 .   ? 2.812   5.763   -4.256  1.00 36.01  ? 400 6IR A O1  1 
HETATM 935  S  S1  . 6IR B 2 .   ? -1.403  7.255   -2.929  1.00 36.26  ? 400 6IR A S1  1 
HETATM 936  C  C2  . 6IR B 2 .   ? -0.559  6.652   -5.459  1.00 32.73  ? 400 6IR A C2  1 
HETATM 937  N  N2  . 6IR B 2 .   ? 1.469   7.793   -4.519  1.00 31.47  ? 400 6IR A N2  1 
HETATM 938  O  O2  . 6IR B 2 .   ? -1.817  13.836  -2.519  1.00 38.46  ? 400 6IR A O2  1 
HETATM 939  S  S2  . 6IR B 2 .   ? -7.253  17.166  -4.127  1.00 64.76  ? 400 6IR A S2  1 
HETATM 940  C  C3  . 6IR B 2 .   ? -1.775  6.360   -4.497  1.00 31.54  ? 400 6IR A C3  1 
HETATM 941  N  N3  . 6IR B 2 .   ? -3.682  13.532  -1.091  1.00 38.41  ? 400 6IR A N3  1 
HETATM 942  O  O3  . 6IR B 2 .   ? -7.546  16.583  -5.397  1.00 65.72  ? 400 6IR A O3  1 
HETATM 943  C  C4  . 6IR B 2 .   ? 0.101   8.052   -5.056  1.00 31.92  ? 400 6IR A C4  1 
HETATM 944  N  N4  . 6IR B 2 .   ? -6.328  18.482  -4.459  1.00 70.98  ? 400 6IR A N4  1 
HETATM 945  O  O4  . 6IR B 2 .   ? -8.398  17.523  -3.334  1.00 69.74  ? 400 6IR A O4  1 
HETATM 946  C  C5  . 6IR B 2 .   ? -0.897  8.631   -3.977  1.00 34.05  ? 400 6IR A C5  1 
HETATM 947  N  N5  . 6IR B 2 .   ? -7.796  20.531  -4.007  1.00 84.59  ? 400 6IR A N5  1 
HETATM 948  C  C6  . 6IR B 2 .   ? -0.254  9.651   -2.965  1.00 30.96  ? 400 6IR A C6  1 
HETATM 949  C  C7  . 6IR B 2 .   ? -1.271  10.578  -2.338  1.00 32.75  ? 400 6IR A C7  1 
HETATM 950  C  C8  . 6IR B 2 .   ? -0.501  11.473  -1.286  1.00 34.07  ? 400 6IR A C8  1 
HETATM 951  C  C9  . 6IR B 2 .   ? -1.423  12.451  -0.546  1.00 34.86  ? 400 6IR A C9  1 
HETATM 952  C  C10 . 6IR B 2 .   ? -2.316  13.306  -1.369  1.00 33.38  ? 400 6IR A C10 1 
HETATM 953  C  C11 . 6IR B 2 .   ? -4.522  14.328  -1.870  1.00 43.25  ? 400 6IR A C11 1 
HETATM 954  C  C12 . 6IR B 2 .   ? -5.356  15.268  -1.195  1.00 52.03  ? 400 6IR A C12 1 
HETATM 955  C  C13 . 6IR B 2 .   ? -6.251  16.091  -1.891  1.00 51.28  ? 400 6IR A C13 1 
HETATM 956  C  C14 . 6IR B 2 .   ? -4.605  14.301  -3.263  1.00 53.65  ? 400 6IR A C14 1 
HETATM 957  C  C15 . 6IR B 2 .   ? -5.464  15.189  -3.954  1.00 53.91  ? 400 6IR A C15 1 
HETATM 958  C  C16 . 6IR B 2 .   ? -6.304  16.092  -3.287  1.00 57.12  ? 400 6IR A C16 1 
HETATM 959  C  C27 . 6IR B 2 .   ? -5.886  19.261  -3.266  1.00 80.56  ? 400 6IR A C27 1 
HETATM 960  C  C28 . 6IR B 2 .   ? -6.858  20.373  -2.887  1.00 81.99  ? 400 6IR A C28 1 
HETATM 961  IR IR  . IR  C 3 .   ? -0.359  0.484   -15.432 0.38 63.62  ? 401 IR  A IR  1 
HETATM 962  IR IR  . IR  D 3 .   ? -1.776  4.060   -14.648 0.70 80.41  ? 402 IR  A IR  1 
HETATM 963  IR IR  . IR  E 3 .   ? -7.435  21.596  7.674   0.64 147.31 ? 403 IR  A IR  1 
HETATM 964  IR IR  . IR  F 3 .   ? -18.980 11.270  -0.513  0.20 61.17  ? 404 IR  A IR  1 
HETATM 965  C  C   . ACT G 4 .   ? -20.984 20.482  -7.690  1.00 71.91  ? 405 ACT A C   1 
HETATM 966  O  O   . ACT G 4 .   ? -22.044 20.901  -8.222  1.00 65.71  ? 405 ACT A O   1 
HETATM 967  O  OXT . ACT G 4 .   ? -21.035 19.732  -6.703  1.00 67.40  ? 405 ACT A OXT 1 
HETATM 968  C  CH3 . ACT G 4 .   ? -19.640 20.861  -8.248  1.00 73.10  ? 405 ACT A CH3 1 
HETATM 969  S  S   . SO4 H 5 .   ? 5.246   19.183  -3.165  0.47 78.35  ? 406 SO4 A S   1 
HETATM 970  O  O1  . SO4 H 5 .   ? 4.849   20.591  -2.914  0.47 75.72  ? 406 SO4 A O1  1 
HETATM 971  O  O2  . SO4 H 5 .   ? 6.588   18.919  -2.601  0.47 63.23  ? 406 SO4 A O2  1 
HETATM 972  O  O3  . SO4 H 5 .   ? 4.227   18.297  -2.537  0.47 60.37  ? 406 SO4 A O3  1 
HETATM 973  O  O4  . SO4 H 5 .   ? 5.325   18.952  -4.633  0.47 75.11  ? 406 SO4 A O4  1 
HETATM 974  O  O   . HOH I 6 .   ? -5.499  -0.658  6.642   1.00 52.46  ? 501 HOH A O   1 
HETATM 975  O  O   . HOH I 6 .   ? 15.565  2.326   -0.783  1.00 51.78  ? 502 HOH A O   1 
HETATM 976  O  O   . HOH I 6 .   ? 10.732  -7.939  -7.415  1.00 48.32  ? 503 HOH A O   1 
HETATM 977  O  O   . HOH I 6 .   ? -1.558  -10.194 -9.500  1.00 58.62  ? 504 HOH A O   1 
HETATM 978  O  O   . HOH I 6 .   ? 6.012   10.839  1.396   1.00 45.04  ? 505 HOH A O   1 
HETATM 979  O  O   . HOH I 6 .   ? 10.494  -8.970  0.712   1.00 63.23  ? 506 HOH A O   1 
HETATM 980  O  O   . HOH I 6 .   ? 10.368  6.824   -2.221  1.00 46.95  ? 507 HOH A O   1 
HETATM 981  O  O   . HOH I 6 .   ? 13.728  -4.598  -1.908  1.00 45.91  ? 508 HOH A O   1 
HETATM 982  O  O   . HOH I 6 .   ? 0.624   14.735  3.619   1.00 43.88  ? 509 HOH A O   1 
HETATM 983  O  O   . HOH I 6 .   ? -1.160  6.817   8.364   1.00 41.49  ? 510 HOH A O   1 
HETATM 984  O  O   . HOH I 6 .   ? 3.431   -6.568  11.173  1.00 59.07  ? 511 HOH A O   1 
HETATM 985  O  O   . HOH I 6 .   ? -4.350  -13.846 7.765   1.00 47.96  ? 512 HOH A O   1 
HETATM 986  O  O   . HOH I 6 .   ? -6.727  8.250   -10.416 1.00 41.06  ? 513 HOH A O   1 
HETATM 987  O  O   . HOH I 6 .   ? -4.803  -15.211 -0.526  1.00 43.71  ? 514 HOH A O   1 
HETATM 988  O  O   . HOH I 6 .   ? -0.104  -1.428  -11.992 1.00 53.88  ? 515 HOH A O   1 
HETATM 989  O  O   . HOH I 6 .   ? -0.501  5.224   -9.199  1.00 51.31  ? 516 HOH A O   1 
HETATM 990  O  O   . HOH I 6 .   ? 5.098   2.217   11.452  1.00 55.43  ? 517 HOH A O   1 
HETATM 991  O  O   . HOH I 6 .   ? 10.981  5.441   2.960   1.00 52.11  ? 518 HOH A O   1 
HETATM 992  O  O   . HOH I 6 .   ? 6.389   12.654  10.814  1.00 56.86  ? 519 HOH A O   1 
HETATM 993  O  O   . HOH I 6 .   ? 1.953   9.098   9.695   1.00 46.08  ? 520 HOH A O   1 
HETATM 994  O  O   . HOH I 6 .   ? -1.564  9.439   10.240  1.00 53.32  ? 521 HOH A O   1 
HETATM 995  O  O   . HOH I 6 .   ? 13.828  4.573   -1.125  1.00 58.98  ? 522 HOH A O   1 
HETATM 996  O  O   . HOH I 6 .   ? -4.462  -17.654 -1.883  1.00 56.18  ? 523 HOH A O   1 
HETATM 997  O  O   . HOH I 6 .   ? 8.617   4.093   3.684   1.00 46.35  ? 524 HOH A O   1 
HETATM 998  O  O   . HOH I 6 .   ? -4.938  12.939  6.379   1.00 42.59  ? 525 HOH A O   1 
HETATM 999  O  O   . HOH I 6 .   ? 7.553   -16.441 1.659   1.00 75.56  ? 526 HOH A O   1 
HETATM 1000 O  O   . HOH I 6 .   ? -3.003  4.849   -11.261 1.00 48.37  ? 527 HOH A O   1 
HETATM 1001 O  O   . HOH I 6 .   ? 12.506  -9.955  -6.460  1.00 55.50  ? 528 HOH A O   1 
HETATM 1002 O  O   . HOH I 6 .   ? -22.622 15.340  -3.413  1.00 65.07  ? 529 HOH A O   1 
# 
